data_7TDX
# 
_entry.id   7TDX 
# 
_audit_conform.dict_name       mmcif_pdbx.dic 
_audit_conform.dict_version    5.380 
_audit_conform.dict_location   http://mmcif.pdb.org/dictionaries/ascii/mmcif_pdbx.dic 
# 
loop_
_database_2.database_id 
_database_2.database_code 
_database_2.pdbx_database_accession 
_database_2.pdbx_DOI 
PDB   7TDX         pdb_00007tdx 10.2210/pdb7tdx/pdb 
WWPDB D_1000262116 ?            ?                   
# 
_pdbx_database_status.status_code                     REL 
_pdbx_database_status.status_code_sf                  REL 
_pdbx_database_status.status_code_mr                  ? 
_pdbx_database_status.entry_id                        7TDX 
_pdbx_database_status.recvd_initial_deposition_date   2022-01-03 
_pdbx_database_status.SG_entry                        N 
_pdbx_database_status.deposit_site                    RCSB 
_pdbx_database_status.process_site                    RCSB 
_pdbx_database_status.status_code_cs                  ? 
_pdbx_database_status.status_code_nmr_data            ? 
_pdbx_database_status.methods_development_category    ? 
_pdbx_database_status.pdb_format_compatible           Y 
# 
loop_
_audit_author.name 
_audit_author.pdbx_ordinal 
_audit_author.identifier_ORCID 
'Leng, F.' 1 0000-0001-8027-9387 
'Hur, S.'  2 0000-0001-5005-5550 
# 
_citation.abstract                  ? 
_citation.abstract_id_CAS           ? 
_citation.book_id_ISBN              ? 
_citation.book_publisher            ? 
_citation.book_publisher_city       ? 
_citation.book_title                ? 
_citation.coordinate_linkage        ? 
_citation.country                   US 
_citation.database_id_Medline       ? 
_citation.details                   ? 
_citation.id                        primary 
_citation.journal_abbrev            Immunity 
_citation.journal_id_ASTM           IUNIEH 
_citation.journal_id_CSD            2048 
_citation.journal_id_ISSN           1074-7613 
_citation.journal_full              ? 
_citation.journal_issue             ? 
_citation.journal_volume            55 
_citation.language                  ? 
_citation.page_first                1354 
_citation.page_last                 ? 
_citation.title                     
;The transcription factor FoxP3 can fold into two dimerization states with divergent implications for regulatory T cell function and immune homeostasis.
;
_citation.year                      2022 
_citation.database_id_CSD           ? 
_citation.pdbx_database_id_DOI      10.1016/j.immuni.2022.07.002 
_citation.pdbx_database_id_PubMed   35926508 
_citation.pdbx_database_id_patent   ? 
_citation.unpublished_flag          ? 
# 
loop_
_citation_author.citation_id 
_citation_author.name 
_citation_author.ordinal 
_citation_author.identifier_ORCID 
primary 'Leng, F.'           1  ? 
primary 'Zhang, W.'          2  ? 
primary 'Ramirez, R.N.'      3  ? 
primary 'Leon, J.'           4  ? 
primary 'Zhong, Y.'          5  ? 
primary 'Hou, L.'            6  ? 
primary 'Yuki, K.'           7  ? 
primary 'van der Veeken, J.' 8  ? 
primary 'Rudensky, A.Y.'     9  ? 
primary 'Benoist, C.'        10 ? 
primary 'Hur, S.'            11 ? 
# 
_cell.angle_alpha                  90.000 
_cell.angle_alpha_esd              ? 
_cell.angle_beta                   90.000 
_cell.angle_beta_esd               ? 
_cell.angle_gamma                  120.000 
_cell.angle_gamma_esd              ? 
_cell.entry_id                     7TDX 
_cell.details                      ? 
_cell.formula_units_Z              ? 
_cell.length_a                     89.454 
_cell.length_a_esd                 ? 
_cell.length_b                     89.454 
_cell.length_b_esd                 ? 
_cell.length_c                     176.029 
_cell.length_c_esd                 ? 
_cell.volume                       1219872.339 
_cell.volume_esd                   ? 
_cell.Z_PDB                        12 
_cell.reciprocal_angle_alpha       ? 
_cell.reciprocal_angle_beta        ? 
_cell.reciprocal_angle_gamma       ? 
_cell.reciprocal_angle_alpha_esd   ? 
_cell.reciprocal_angle_beta_esd    ? 
_cell.reciprocal_angle_gamma_esd   ? 
_cell.reciprocal_length_a          ? 
_cell.reciprocal_length_b          ? 
_cell.reciprocal_length_c          ? 
_cell.reciprocal_length_a_esd      ? 
_cell.reciprocal_length_b_esd      ? 
_cell.reciprocal_length_c_esd      ? 
_cell.pdbx_unique_axis             ? 
# 
_symmetry.entry_id                         7TDX 
_symmetry.cell_setting                     ? 
_symmetry.Int_Tables_number                182 
_symmetry.space_group_name_Hall            'P 6c 2c' 
_symmetry.space_group_name_H-M             'P 63 2 2' 
_symmetry.pdbx_full_space_group_name_H-M   ? 
# 
loop_
_entity.id 
_entity.type 
_entity.src_method 
_entity.pdbx_description 
_entity.formula_weight 
_entity.pdbx_number_of_molecules 
_entity.pdbx_ec 
_entity.pdbx_mutation 
_entity.pdbx_fragment 
_entity.details 
1 polymer syn 
;DNA (5'-D(*AP*AP*AP*TP*TP*TP*GP*TP*TP*TP*AP*CP*TP*C)-3')
;
4244.788  1 ? ? ?                              ? 
2 polymer syn 
;DNA (5'-D(P*GP*AP*GP*TP*AP*AP*AP*CP*AP*AP*AP*TP*TP*T)-3')
;
4311.854  1 ? ? ?                              ? 
3 polymer man 'Forkhead box P3'                                           20918.869 1 ? ? 'UNP residues 204-277,316-417' ? 
# 
_entity_name_com.entity_id   3 
_entity_name_com.name        Scurfin 
# 
loop_
_entity_poly.entity_id 
_entity_poly.type 
_entity_poly.nstd_linkage 
_entity_poly.nstd_monomer 
_entity_poly.pdbx_seq_one_letter_code 
_entity_poly.pdbx_seq_one_letter_code_can 
_entity_poly.pdbx_strand_id 
_entity_poly.pdbx_target_identifier 
1 polydeoxyribonucleotide no no '(DA)(DA)(DA)(DT)(DT)(DT)(DG)(DT)(DT)(DT)(DA)(DC)(DT)(DC)' AAATTTGTTTACTC B ? 
2 polydeoxyribonucleotide no no '(DG)(DA)(DG)(DT)(DA)(DA)(DA)(DC)(DA)(DA)(DA)(DT)(DT)(DT)' GAGTAAACAAATTT C ? 
3 'polypeptide(L)'        no no 
;EKVFEEPEEFLKHSQADHLLDEKGKAQSLLQREVVQSLEQQLELEKEKLGAMQAHLAGKMALAKAPSVASMDKSHGNSSF
PEFFHNMDYFKYHNMRPPFTYATLIRWAILEAPERQRTLNEIYHWFTRMFAYFRNHPATWKNAIRHNLSLHKCFVRVESE
KGAVWTVDEFEFRKKR
;
;EKVFEEPEEFLKHSQADHLLDEKGKAQSLLQREVVQSLEQQLELEKEKLGAMQAHLAGKMALAKAPSVASMDKSHGNSSF
PEFFHNMDYFKYHNMRPPFTYATLIRWAILEAPERQRTLNEIYHWFTRMFAYFRNHPATWKNAIRHNLSLHKCFVRVESE
KGAVWTVDEFEFRKKR
;
A ? 
# 
loop_
_entity_poly_seq.entity_id 
_entity_poly_seq.num 
_entity_poly_seq.mon_id 
_entity_poly_seq.hetero 
1 1   DA  n 
1 2   DA  n 
1 3   DA  n 
1 4   DT  n 
1 5   DT  n 
1 6   DT  n 
1 7   DG  n 
1 8   DT  n 
1 9   DT  n 
1 10  DT  n 
1 11  DA  n 
1 12  DC  n 
1 13  DT  n 
1 14  DC  n 
2 1   DG  n 
2 2   DA  n 
2 3   DG  n 
2 4   DT  n 
2 5   DA  n 
2 6   DA  n 
2 7   DA  n 
2 8   DC  n 
2 9   DA  n 
2 10  DA  n 
2 11  DA  n 
2 12  DT  n 
2 13  DT  n 
2 14  DT  n 
3 1   GLU n 
3 2   LYS n 
3 3   VAL n 
3 4   PHE n 
3 5   GLU n 
3 6   GLU n 
3 7   PRO n 
3 8   GLU n 
3 9   GLU n 
3 10  PHE n 
3 11  LEU n 
3 12  LYS n 
3 13  HIS n 
3 14  SER n 
3 15  GLN n 
3 16  ALA n 
3 17  ASP n 
3 18  HIS n 
3 19  LEU n 
3 20  LEU n 
3 21  ASP n 
3 22  GLU n 
3 23  LYS n 
3 24  GLY n 
3 25  LYS n 
3 26  ALA n 
3 27  GLN n 
3 28  SER n 
3 29  LEU n 
3 30  LEU n 
3 31  GLN n 
3 32  ARG n 
3 33  GLU n 
3 34  VAL n 
3 35  VAL n 
3 36  GLN n 
3 37  SER n 
3 38  LEU n 
3 39  GLU n 
3 40  GLN n 
3 41  GLN n 
3 42  LEU n 
3 43  GLU n 
3 44  LEU n 
3 45  GLU n 
3 46  LYS n 
3 47  GLU n 
3 48  LYS n 
3 49  LEU n 
3 50  GLY n 
3 51  ALA n 
3 52  MET n 
3 53  GLN n 
3 54  ALA n 
3 55  HIS n 
3 56  LEU n 
3 57  ALA n 
3 58  GLY n 
3 59  LYS n 
3 60  MET n 
3 61  ALA n 
3 62  LEU n 
3 63  ALA n 
3 64  LYS n 
3 65  ALA n 
3 66  PRO n 
3 67  SER n 
3 68  VAL n 
3 69  ALA n 
3 70  SER n 
3 71  MET n 
3 72  ASP n 
3 73  LYS n 
3 74  SER n 
3 75  HIS n 
3 76  GLY n 
3 77  ASN n 
3 78  SER n 
3 79  SER n 
3 80  PHE n 
3 81  PRO n 
3 82  GLU n 
3 83  PHE n 
3 84  PHE n 
3 85  HIS n 
3 86  ASN n 
3 87  MET n 
3 88  ASP n 
3 89  TYR n 
3 90  PHE n 
3 91  LYS n 
3 92  TYR n 
3 93  HIS n 
3 94  ASN n 
3 95  MET n 
3 96  ARG n 
3 97  PRO n 
3 98  PRO n 
3 99  PHE n 
3 100 THR n 
3 101 TYR n 
3 102 ALA n 
3 103 THR n 
3 104 LEU n 
3 105 ILE n 
3 106 ARG n 
3 107 TRP n 
3 108 ALA n 
3 109 ILE n 
3 110 LEU n 
3 111 GLU n 
3 112 ALA n 
3 113 PRO n 
3 114 GLU n 
3 115 ARG n 
3 116 GLN n 
3 117 ARG n 
3 118 THR n 
3 119 LEU n 
3 120 ASN n 
3 121 GLU n 
3 122 ILE n 
3 123 TYR n 
3 124 HIS n 
3 125 TRP n 
3 126 PHE n 
3 127 THR n 
3 128 ARG n 
3 129 MET n 
3 130 PHE n 
3 131 ALA n 
3 132 TYR n 
3 133 PHE n 
3 134 ARG n 
3 135 ASN n 
3 136 HIS n 
3 137 PRO n 
3 138 ALA n 
3 139 THR n 
3 140 TRP n 
3 141 LYS n 
3 142 ASN n 
3 143 ALA n 
3 144 ILE n 
3 145 ARG n 
3 146 HIS n 
3 147 ASN n 
3 148 LEU n 
3 149 SER n 
3 150 LEU n 
3 151 HIS n 
3 152 LYS n 
3 153 CYS n 
3 154 PHE n 
3 155 VAL n 
3 156 ARG n 
3 157 VAL n 
3 158 GLU n 
3 159 SER n 
3 160 GLU n 
3 161 LYS n 
3 162 GLY n 
3 163 ALA n 
3 164 VAL n 
3 165 TRP n 
3 166 THR n 
3 167 VAL n 
3 168 ASP n 
3 169 GLU n 
3 170 PHE n 
3 171 GLU n 
3 172 PHE n 
3 173 ARG n 
3 174 LYS n 
3 175 LYS n 
3 176 ARG n 
# 
loop_
_entity_src_gen.entity_id 
_entity_src_gen.pdbx_src_id 
_entity_src_gen.pdbx_alt_source_flag 
_entity_src_gen.pdbx_seq_type 
_entity_src_gen.pdbx_beg_seq_num 
_entity_src_gen.pdbx_end_seq_num 
_entity_src_gen.gene_src_common_name 
_entity_src_gen.gene_src_genus 
_entity_src_gen.pdbx_gene_src_gene 
_entity_src_gen.gene_src_species 
_entity_src_gen.gene_src_strain 
_entity_src_gen.gene_src_tissue 
_entity_src_gen.gene_src_tissue_fraction 
_entity_src_gen.gene_src_details 
_entity_src_gen.pdbx_gene_src_fragment 
_entity_src_gen.pdbx_gene_src_scientific_name 
_entity_src_gen.pdbx_gene_src_ncbi_taxonomy_id 
_entity_src_gen.pdbx_gene_src_variant 
_entity_src_gen.pdbx_gene_src_cell_line 
_entity_src_gen.pdbx_gene_src_atcc 
_entity_src_gen.pdbx_gene_src_organ 
_entity_src_gen.pdbx_gene_src_organelle 
_entity_src_gen.pdbx_gene_src_cell 
_entity_src_gen.pdbx_gene_src_cellular_location 
_entity_src_gen.host_org_common_name 
_entity_src_gen.pdbx_host_org_scientific_name 
_entity_src_gen.pdbx_host_org_ncbi_taxonomy_id 
_entity_src_gen.host_org_genus 
_entity_src_gen.pdbx_host_org_gene 
_entity_src_gen.pdbx_host_org_organ 
_entity_src_gen.host_org_species 
_entity_src_gen.pdbx_host_org_tissue 
_entity_src_gen.pdbx_host_org_tissue_fraction 
_entity_src_gen.pdbx_host_org_strain 
_entity_src_gen.pdbx_host_org_variant 
_entity_src_gen.pdbx_host_org_cell_line 
_entity_src_gen.pdbx_host_org_atcc 
_entity_src_gen.pdbx_host_org_culture_collection 
_entity_src_gen.pdbx_host_org_cell 
_entity_src_gen.pdbx_host_org_organelle 
_entity_src_gen.pdbx_host_org_cellular_location 
_entity_src_gen.pdbx_host_org_vector_type 
_entity_src_gen.pdbx_host_org_vector 
_entity_src_gen.host_org_details 
_entity_src_gen.expression_system_id 
_entity_src_gen.plasmid_name 
_entity_src_gen.plasmid_details 
_entity_src_gen.pdbx_description 
3 1 sample 'Biological sequence' 1  74  'house mouse' ? Foxp3 ? ? ? ? ? ? 'Mus musculus' 10090 ? ? ? ? ? ? ? ? 
'Escherichia coli BL21(DE3)' 469008 ? ? ? ? ? ? ? ? ? ? ? ? ? ? ? ? ? ? ? ? ? 
3 2 sample 'Biological sequence' 75 176 'house mouse' ? Foxp3 ? ? ? ? ? ? 'Mus musculus' 10090 ? ? ? ? ? ? ? ? 
'Escherichia coli BL21(DE3)' 469008 ? ? ? ? ? ? ? ? ? ? ? ? ? ? ? ? ? ? ? ? ? 
# 
loop_
_pdbx_entity_src_syn.entity_id 
_pdbx_entity_src_syn.pdbx_src_id 
_pdbx_entity_src_syn.pdbx_alt_source_flag 
_pdbx_entity_src_syn.pdbx_beg_seq_num 
_pdbx_entity_src_syn.pdbx_end_seq_num 
_pdbx_entity_src_syn.organism_scientific 
_pdbx_entity_src_syn.organism_common_name 
_pdbx_entity_src_syn.ncbi_taxonomy_id 
_pdbx_entity_src_syn.details 
1 1 sample 1 14 'Mus musculus' 'house mouse' 10090 ? 
2 1 sample 1 14 'Mus musculus' 'house mouse' 10090 ? 
# 
loop_
_struct_ref.id 
_struct_ref.db_name 
_struct_ref.db_code 
_struct_ref.pdbx_db_accession 
_struct_ref.pdbx_db_isoform 
_struct_ref.entity_id 
_struct_ref.pdbx_seq_one_letter_code 
_struct_ref.pdbx_align_begin 
1 PDB 7TDX         7TDX   ? 1 ? 1   
2 PDB 7TDX         7TDX   ? 2 ? 1   
3 UNP Q53Z59_MOUSE Q53Z59 ? 3 EKVFEEPEEFLKHCQADHLLDEKGKAQCLLQREVVQSLEQQLELEKEKLGAMQAHLAGKMALAKAPSVASMDKS 204 
4 UNP Q53Z59_MOUSE Q53Z59 ? 3 
;HGNSSFPEFFHNMDYFKYHNMRPPFTYATLIRWAILEAPERQRTLNEIYHWFTRMFAYFRNHPATWKNAIRHNLSLHKCF
VRVESEKGAVWTVDEFEFRKKR
;
316 
# 
loop_
_struct_ref_seq.align_id 
_struct_ref_seq.ref_id 
_struct_ref_seq.pdbx_PDB_id_code 
_struct_ref_seq.pdbx_strand_id 
_struct_ref_seq.seq_align_beg 
_struct_ref_seq.pdbx_seq_align_beg_ins_code 
_struct_ref_seq.seq_align_end 
_struct_ref_seq.pdbx_seq_align_end_ins_code 
_struct_ref_seq.pdbx_db_accession 
_struct_ref_seq.db_align_beg 
_struct_ref_seq.pdbx_db_align_beg_ins_code 
_struct_ref_seq.db_align_end 
_struct_ref_seq.pdbx_db_align_end_ins_code 
_struct_ref_seq.pdbx_auth_seq_align_beg 
_struct_ref_seq.pdbx_auth_seq_align_end 
1 1 7TDX B 1  ? 14  ? 7TDX   1   ? 14  ? 1   14  
2 2 7TDX C 1  ? 14  ? 7TDX   1   ? 14  ? 1   14  
3 3 7TDX A 1  ? 74  ? Q53Z59 204 ? 277 ? 242 315 
4 4 7TDX A 75 ? 176 ? Q53Z59 316 ? 417 ? 316 417 
# 
loop_
_struct_ref_seq_dif.align_id 
_struct_ref_seq_dif.pdbx_pdb_id_code 
_struct_ref_seq_dif.mon_id 
_struct_ref_seq_dif.pdbx_pdb_strand_id 
_struct_ref_seq_dif.seq_num 
_struct_ref_seq_dif.pdbx_pdb_ins_code 
_struct_ref_seq_dif.pdbx_seq_db_name 
_struct_ref_seq_dif.pdbx_seq_db_accession_code 
_struct_ref_seq_dif.db_mon_id 
_struct_ref_seq_dif.pdbx_seq_db_seq_num 
_struct_ref_seq_dif.details 
_struct_ref_seq_dif.pdbx_auth_seq_num 
_struct_ref_seq_dif.pdbx_ordinal 
3 7TDX SER A 14 ? UNP Q53Z59 CYS 217 conflict 255 1 
3 7TDX SER A 28 ? UNP Q53Z59 CYS 231 conflict 269 2 
# 
loop_
_chem_comp.id 
_chem_comp.type 
_chem_comp.mon_nstd_flag 
_chem_comp.name 
_chem_comp.pdbx_synonyms 
_chem_comp.formula 
_chem_comp.formula_weight 
ALA 'L-peptide linking' y ALANINE                              ? 'C3 H7 N O2'      89.093  
ARG 'L-peptide linking' y ARGININE                             ? 'C6 H15 N4 O2 1'  175.209 
ASN 'L-peptide linking' y ASPARAGINE                           ? 'C4 H8 N2 O3'     132.118 
ASP 'L-peptide linking' y 'ASPARTIC ACID'                      ? 'C4 H7 N O4'      133.103 
CYS 'L-peptide linking' y CYSTEINE                             ? 'C3 H7 N O2 S'    121.158 
DA  'DNA linking'       y "2'-DEOXYADENOSINE-5'-MONOPHOSPHATE" ? 'C10 H14 N5 O6 P' 331.222 
DC  'DNA linking'       y "2'-DEOXYCYTIDINE-5'-MONOPHOSPHATE"  ? 'C9 H14 N3 O7 P'  307.197 
DG  'DNA linking'       y "2'-DEOXYGUANOSINE-5'-MONOPHOSPHATE" ? 'C10 H14 N5 O7 P' 347.221 
DT  'DNA linking'       y "THYMIDINE-5'-MONOPHOSPHATE"         ? 'C10 H15 N2 O8 P' 322.208 
GLN 'L-peptide linking' y GLUTAMINE                            ? 'C5 H10 N2 O3'    146.144 
GLU 'L-peptide linking' y 'GLUTAMIC ACID'                      ? 'C5 H9 N O4'      147.129 
GLY 'peptide linking'   y GLYCINE                              ? 'C2 H5 N O2'      75.067  
HIS 'L-peptide linking' y HISTIDINE                            ? 'C6 H10 N3 O2 1'  156.162 
ILE 'L-peptide linking' y ISOLEUCINE                           ? 'C6 H13 N O2'     131.173 
LEU 'L-peptide linking' y LEUCINE                              ? 'C6 H13 N O2'     131.173 
LYS 'L-peptide linking' y LYSINE                               ? 'C6 H15 N2 O2 1'  147.195 
MET 'L-peptide linking' y METHIONINE                           ? 'C5 H11 N O2 S'   149.211 
PHE 'L-peptide linking' y PHENYLALANINE                        ? 'C9 H11 N O2'     165.189 
PRO 'L-peptide linking' y PROLINE                              ? 'C5 H9 N O2'      115.130 
SER 'L-peptide linking' y SERINE                               ? 'C3 H7 N O3'      105.093 
THR 'L-peptide linking' y THREONINE                            ? 'C4 H9 N O3'      119.119 
TRP 'L-peptide linking' y TRYPTOPHAN                           ? 'C11 H12 N2 O2'   204.225 
TYR 'L-peptide linking' y TYROSINE                             ? 'C9 H11 N O3'     181.189 
VAL 'L-peptide linking' y VALINE                               ? 'C5 H11 N O2'     117.146 
# 
_exptl.absorpt_coefficient_mu     ? 
_exptl.absorpt_correction_T_max   ? 
_exptl.absorpt_correction_T_min   ? 
_exptl.absorpt_correction_type    ? 
_exptl.absorpt_process_details    ? 
_exptl.entry_id                   7TDX 
_exptl.crystals_number            1 
_exptl.details                    ? 
_exptl.method                     'X-RAY DIFFRACTION' 
_exptl.method_details             ? 
# 
_exptl_crystal.colour                      ? 
_exptl_crystal.density_diffrn              ? 
_exptl_crystal.density_Matthews            3.45 
_exptl_crystal.density_method              ? 
_exptl_crystal.density_percent_sol         64.34 
_exptl_crystal.description                 ? 
_exptl_crystal.F_000                       ? 
_exptl_crystal.id                          1 
_exptl_crystal.preparation                 ? 
_exptl_crystal.size_max                    ? 
_exptl_crystal.size_mid                    ? 
_exptl_crystal.size_min                    ? 
_exptl_crystal.size_rad                    ? 
_exptl_crystal.colour_lustre               ? 
_exptl_crystal.colour_modifier             ? 
_exptl_crystal.colour_primary              ? 
_exptl_crystal.density_meas                ? 
_exptl_crystal.density_meas_esd            ? 
_exptl_crystal.density_meas_gt             ? 
_exptl_crystal.density_meas_lt             ? 
_exptl_crystal.density_meas_temp           ? 
_exptl_crystal.density_meas_temp_esd       ? 
_exptl_crystal.density_meas_temp_gt        ? 
_exptl_crystal.density_meas_temp_lt        ? 
_exptl_crystal.pdbx_crystal_image_url      ? 
_exptl_crystal.pdbx_crystal_image_format   ? 
_exptl_crystal.pdbx_mosaicity              ? 
_exptl_crystal.pdbx_mosaicity_esd          ? 
# 
_exptl_crystal_grow.apparatus       ? 
_exptl_crystal_grow.atmosphere      ? 
_exptl_crystal_grow.crystal_id      1 
_exptl_crystal_grow.details         ? 
_exptl_crystal_grow.method          'VAPOR DIFFUSION' 
_exptl_crystal_grow.method_ref      ? 
_exptl_crystal_grow.pH              ? 
_exptl_crystal_grow.pressure        ? 
_exptl_crystal_grow.pressure_esd    ? 
_exptl_crystal_grow.seeding         ? 
_exptl_crystal_grow.seeding_ref     ? 
_exptl_crystal_grow.temp            291.15 
_exptl_crystal_grow.temp_details    ? 
_exptl_crystal_grow.temp_esd        ? 
_exptl_crystal_grow.time            ? 
_exptl_crystal_grow.pdbx_details    '0.5 M lithium sulfate, 2% PEG8000' 
_exptl_crystal_grow.pdbx_pH_range   ? 
# 
_diffrn.ambient_environment              ? 
_diffrn.ambient_temp                     100 
_diffrn.ambient_temp_details             ? 
_diffrn.ambient_temp_esd                 ? 
_diffrn.crystal_id                       1 
_diffrn.crystal_support                  ? 
_diffrn.crystal_treatment                ? 
_diffrn.details                          ? 
_diffrn.id                               1 
_diffrn.ambient_pressure                 ? 
_diffrn.ambient_pressure_esd             ? 
_diffrn.ambient_pressure_gt              ? 
_diffrn.ambient_pressure_lt              ? 
_diffrn.ambient_temp_gt                  ? 
_diffrn.ambient_temp_lt                  ? 
_diffrn.pdbx_serial_crystal_experiment   N 
# 
_diffrn_detector.details                      ? 
_diffrn_detector.detector                     PIXEL 
_diffrn_detector.diffrn_id                    1 
_diffrn_detector.type                         'DECTRIS EIGER X 16M' 
_diffrn_detector.area_resol_mean              ? 
_diffrn_detector.dtime                        ? 
_diffrn_detector.pdbx_frames_total            ? 
_diffrn_detector.pdbx_collection_time_total   ? 
_diffrn_detector.pdbx_collection_date         2018-11-10 
_diffrn_detector.pdbx_frequency               ? 
# 
_diffrn_radiation.collimation                      ? 
_diffrn_radiation.diffrn_id                        1 
_diffrn_radiation.filter_edge                      ? 
_diffrn_radiation.inhomogeneity                    ? 
_diffrn_radiation.monochromator                    ? 
_diffrn_radiation.polarisn_norm                    ? 
_diffrn_radiation.polarisn_ratio                   ? 
_diffrn_radiation.probe                            ? 
_diffrn_radiation.type                             ? 
_diffrn_radiation.xray_symbol                      ? 
_diffrn_radiation.wavelength_id                    1 
_diffrn_radiation.pdbx_monochromatic_or_laue_m_l   M 
_diffrn_radiation.pdbx_wavelength_list             ? 
_diffrn_radiation.pdbx_wavelength                  ? 
_diffrn_radiation.pdbx_diffrn_protocol             'SINGLE WAVELENGTH' 
_diffrn_radiation.pdbx_analyzer                    ? 
_diffrn_radiation.pdbx_scattering_type             x-ray 
# 
_diffrn_radiation_wavelength.id           1 
_diffrn_radiation_wavelength.wavelength   0.97910 
_diffrn_radiation_wavelength.wt           1.0 
# 
_diffrn_source.current                     ? 
_diffrn_source.details                     ? 
_diffrn_source.diffrn_id                   1 
_diffrn_source.power                       ? 
_diffrn_source.size                        ? 
_diffrn_source.source                      SYNCHROTRON 
_diffrn_source.target                      ? 
_diffrn_source.type                        'APS BEAMLINE 24-ID-E' 
_diffrn_source.voltage                     ? 
_diffrn_source.take-off_angle              ? 
_diffrn_source.pdbx_wavelength_list        0.97910 
_diffrn_source.pdbx_wavelength             ? 
_diffrn_source.pdbx_synchrotron_beamline   24-ID-E 
_diffrn_source.pdbx_synchrotron_site       APS 
# 
_reflns.B_iso_Wilson_estimate                          97.74 
_reflns.entry_id                                       7TDX 
_reflns.data_reduction_details                         ? 
_reflns.data_reduction_method                          ? 
_reflns.d_resolution_high                              3.1 
_reflns.d_resolution_low                               77.4 
_reflns.details                                        ? 
_reflns.limit_h_max                                    ? 
_reflns.limit_h_min                                    ? 
_reflns.limit_k_max                                    ? 
_reflns.limit_k_min                                    ? 
_reflns.limit_l_max                                    ? 
_reflns.limit_l_min                                    ? 
_reflns.number_all                                     ? 
_reflns.number_obs                                     8070 
_reflns.observed_criterion                             ? 
_reflns.observed_criterion_F_max                       ? 
_reflns.observed_criterion_F_min                       ? 
_reflns.observed_criterion_I_max                       ? 
_reflns.observed_criterion_I_min                       ? 
_reflns.observed_criterion_sigma_F                     ? 
_reflns.observed_criterion_sigma_I                     ? 
_reflns.percent_possible_obs                           99.7 
_reflns.R_free_details                                 ? 
_reflns.Rmerge_F_all                                   ? 
_reflns.Rmerge_F_obs                                   ? 
_reflns.Friedel_coverage                               ? 
_reflns.number_gt                                      ? 
_reflns.threshold_expression                           ? 
_reflns.pdbx_redundancy                                19 
_reflns.pdbx_Rmerge_I_obs                              ? 
_reflns.pdbx_Rmerge_I_all                              ? 
_reflns.pdbx_Rsym_value                                ? 
_reflns.pdbx_netI_over_av_sigmaI                       ? 
_reflns.pdbx_netI_over_sigmaI                          15.1 
_reflns.pdbx_res_netI_over_av_sigmaI_2                 ? 
_reflns.pdbx_res_netI_over_sigmaI_2                    ? 
_reflns.pdbx_chi_squared                               ? 
_reflns.pdbx_scaling_rejects                           ? 
_reflns.pdbx_d_res_high_opt                            ? 
_reflns.pdbx_d_res_low_opt                             ? 
_reflns.pdbx_d_res_opt_method                          ? 
_reflns.phase_calculation_details                      ? 
_reflns.pdbx_Rrim_I_all                                ? 
_reflns.pdbx_Rpim_I_all                                ? 
_reflns.pdbx_d_opt                                     ? 
_reflns.pdbx_number_measured_all                       ? 
_reflns.pdbx_diffrn_id                                 1 
_reflns.pdbx_ordinal                                   1 
_reflns.pdbx_CC_half                                   0.994 
_reflns.pdbx_CC_star                                   ? 
_reflns.pdbx_R_split                                   ? 
_reflns.pdbx_aniso_diffraction_limit_axis_1_ortho[1]   ? 
_reflns.pdbx_aniso_diffraction_limit_axis_1_ortho[2]   ? 
_reflns.pdbx_aniso_diffraction_limit_axis_1_ortho[3]   ? 
_reflns.pdbx_aniso_diffraction_limit_axis_2_ortho[1]   ? 
_reflns.pdbx_aniso_diffraction_limit_axis_2_ortho[2]   ? 
_reflns.pdbx_aniso_diffraction_limit_axis_2_ortho[3]   ? 
_reflns.pdbx_aniso_diffraction_limit_axis_3_ortho[1]   ? 
_reflns.pdbx_aniso_diffraction_limit_axis_3_ortho[2]   ? 
_reflns.pdbx_aniso_diffraction_limit_axis_3_ortho[3]   ? 
_reflns.pdbx_aniso_diffraction_limit_1                 ? 
_reflns.pdbx_aniso_diffraction_limit_2                 ? 
_reflns.pdbx_aniso_diffraction_limit_3                 ? 
_reflns.pdbx_aniso_B_tensor_eigenvector_1_ortho[1]     ? 
_reflns.pdbx_aniso_B_tensor_eigenvector_1_ortho[2]     ? 
_reflns.pdbx_aniso_B_tensor_eigenvector_1_ortho[3]     ? 
_reflns.pdbx_aniso_B_tensor_eigenvector_2_ortho[1]     ? 
_reflns.pdbx_aniso_B_tensor_eigenvector_2_ortho[2]     ? 
_reflns.pdbx_aniso_B_tensor_eigenvector_2_ortho[3]     ? 
_reflns.pdbx_aniso_B_tensor_eigenvector_3_ortho[1]     ? 
_reflns.pdbx_aniso_B_tensor_eigenvector_3_ortho[2]     ? 
_reflns.pdbx_aniso_B_tensor_eigenvector_3_ortho[3]     ? 
_reflns.pdbx_aniso_B_tensor_eigenvalue_1               ? 
_reflns.pdbx_aniso_B_tensor_eigenvalue_2               ? 
_reflns.pdbx_aniso_B_tensor_eigenvalue_3               ? 
_reflns.pdbx_orthogonalization_convention              ? 
_reflns.pdbx_percent_possible_ellipsoidal              ? 
_reflns.pdbx_percent_possible_spherical                ? 
_reflns.pdbx_percent_possible_ellipsoidal_anomalous    ? 
_reflns.pdbx_percent_possible_spherical_anomalous      ? 
_reflns.pdbx_redundancy_anomalous                      ? 
_reflns.pdbx_CC_half_anomalous                         ? 
_reflns.pdbx_absDiff_over_sigma_anomalous              ? 
_reflns.pdbx_percent_possible_anomalous                ? 
_reflns.pdbx_observed_signal_threshold                 ? 
_reflns.pdbx_signal_type                               ? 
_reflns.pdbx_signal_details                            ? 
_reflns.pdbx_signal_software_id                        ? 
# 
_reflns_shell.d_res_high                                    3.1 
_reflns_shell.d_res_low                                     3.21 
_reflns_shell.meanI_over_sigI_all                           ? 
_reflns_shell.meanI_over_sigI_obs                           ? 
_reflns_shell.number_measured_all                           ? 
_reflns_shell.number_measured_obs                           ? 
_reflns_shell.number_possible                               ? 
_reflns_shell.number_unique_all                             ? 
_reflns_shell.number_unique_obs                             776 
_reflns_shell.percent_possible_all                          ? 
_reflns_shell.percent_possible_obs                          ? 
_reflns_shell.Rmerge_F_all                                  ? 
_reflns_shell.Rmerge_F_obs                                  ? 
_reflns_shell.Rmerge_I_all                                  ? 
_reflns_shell.Rmerge_I_obs                                  ? 
_reflns_shell.meanI_over_sigI_gt                            ? 
_reflns_shell.meanI_over_uI_all                             ? 
_reflns_shell.meanI_over_uI_gt                              ? 
_reflns_shell.number_measured_gt                            ? 
_reflns_shell.number_unique_gt                              ? 
_reflns_shell.percent_possible_gt                           ? 
_reflns_shell.Rmerge_F_gt                                   ? 
_reflns_shell.Rmerge_I_gt                                   ? 
_reflns_shell.pdbx_redundancy                               ? 
_reflns_shell.pdbx_Rsym_value                               ? 
_reflns_shell.pdbx_chi_squared                              ? 
_reflns_shell.pdbx_netI_over_sigmaI_all                     ? 
_reflns_shell.pdbx_netI_over_sigmaI_obs                     ? 
_reflns_shell.pdbx_Rrim_I_all                               ? 
_reflns_shell.pdbx_Rpim_I_all                               ? 
_reflns_shell.pdbx_rejects                                  ? 
_reflns_shell.pdbx_ordinal                                  1 
_reflns_shell.pdbx_diffrn_id                                1 
_reflns_shell.pdbx_CC_half                                  0.996 
_reflns_shell.pdbx_CC_star                                  ? 
_reflns_shell.pdbx_R_split                                  ? 
_reflns_shell.pdbx_percent_possible_ellipsoidal             ? 
_reflns_shell.pdbx_percent_possible_spherical               ? 
_reflns_shell.pdbx_percent_possible_ellipsoidal_anomalous   ? 
_reflns_shell.pdbx_percent_possible_spherical_anomalous     ? 
_reflns_shell.pdbx_redundancy_anomalous                     ? 
_reflns_shell.pdbx_CC_half_anomalous                        ? 
_reflns_shell.pdbx_absDiff_over_sigma_anomalous             ? 
_reflns_shell.pdbx_percent_possible_anomalous               ? 
# 
_refine.aniso_B[1][1]                            ? 
_refine.aniso_B[1][2]                            ? 
_refine.aniso_B[1][3]                            ? 
_refine.aniso_B[2][2]                            ? 
_refine.aniso_B[2][3]                            ? 
_refine.aniso_B[3][3]                            ? 
_refine.B_iso_max                                ? 
_refine.B_iso_mean                               137.99 
_refine.B_iso_min                                ? 
_refine.correlation_coeff_Fo_to_Fc               ? 
_refine.correlation_coeff_Fo_to_Fc_free          ? 
_refine.details                                  ? 
_refine.diff_density_max                         ? 
_refine.diff_density_max_esd                     ? 
_refine.diff_density_min                         ? 
_refine.diff_density_min_esd                     ? 
_refine.diff_density_rms                         ? 
_refine.diff_density_rms_esd                     ? 
_refine.entry_id                                 7TDX 
_refine.pdbx_refine_id                           'X-RAY DIFFRACTION' 
_refine.ls_abs_structure_details                 ? 
_refine.ls_abs_structure_Flack                   ? 
_refine.ls_abs_structure_Flack_esd               ? 
_refine.ls_abs_structure_Rogers                  ? 
_refine.ls_abs_structure_Rogers_esd              ? 
_refine.ls_d_res_high                            3.10 
_refine.ls_d_res_low                             46.77 
_refine.ls_extinction_coef                       ? 
_refine.ls_extinction_coef_esd                   ? 
_refine.ls_extinction_expression                 ? 
_refine.ls_extinction_method                     ? 
_refine.ls_goodness_of_fit_all                   ? 
_refine.ls_goodness_of_fit_all_esd               ? 
_refine.ls_goodness_of_fit_obs                   ? 
_refine.ls_goodness_of_fit_obs_esd               ? 
_refine.ls_hydrogen_treatment                    ? 
_refine.ls_matrix_type                           ? 
_refine.ls_number_constraints                    ? 
_refine.ls_number_parameters                     ? 
_refine.ls_number_reflns_all                     ? 
_refine.ls_number_reflns_obs                     7805 
_refine.ls_number_reflns_R_free                  411 
_refine.ls_number_reflns_R_work                  7394 
_refine.ls_number_restraints                     ? 
_refine.ls_percent_reflns_obs                    96.22 
_refine.ls_percent_reflns_R_free                 5.27 
_refine.ls_R_factor_all                          ? 
_refine.ls_R_factor_obs                          0.2986 
_refine.ls_R_factor_R_free                       0.3148 
_refine.ls_R_factor_R_free_error                 ? 
_refine.ls_R_factor_R_free_error_details         ? 
_refine.ls_R_factor_R_work                       0.2977 
_refine.ls_R_Fsqd_factor_obs                     ? 
_refine.ls_R_I_factor_obs                        ? 
_refine.ls_redundancy_reflns_all                 ? 
_refine.ls_redundancy_reflns_obs                 ? 
_refine.ls_restrained_S_all                      ? 
_refine.ls_restrained_S_obs                      ? 
_refine.ls_shift_over_esd_max                    ? 
_refine.ls_shift_over_esd_mean                   ? 
_refine.ls_structure_factor_coef                 ? 
_refine.ls_weighting_details                     ? 
_refine.ls_weighting_scheme                      ? 
_refine.ls_wR_factor_all                         ? 
_refine.ls_wR_factor_obs                         ? 
_refine.ls_wR_factor_R_free                      ? 
_refine.ls_wR_factor_R_work                      ? 
_refine.occupancy_max                            ? 
_refine.occupancy_min                            ? 
_refine.solvent_model_details                    'FLAT BULK SOLVENT MODEL' 
_refine.solvent_model_param_bsol                 ? 
_refine.solvent_model_param_ksol                 ? 
_refine.pdbx_R_complete                          ? 
_refine.ls_R_factor_gt                           ? 
_refine.ls_goodness_of_fit_gt                    ? 
_refine.ls_goodness_of_fit_ref                   ? 
_refine.ls_shift_over_su_max                     ? 
_refine.ls_shift_over_su_max_lt                  ? 
_refine.ls_shift_over_su_mean                    ? 
_refine.ls_shift_over_su_mean_lt                 ? 
_refine.pdbx_ls_sigma_I                          ? 
_refine.pdbx_ls_sigma_F                          1.36 
_refine.pdbx_ls_sigma_Fsqd                       ? 
_refine.pdbx_data_cutoff_high_absF               ? 
_refine.pdbx_data_cutoff_high_rms_absF           ? 
_refine.pdbx_data_cutoff_low_absF                ? 
_refine.pdbx_isotropic_thermal_model             ? 
_refine.pdbx_ls_cross_valid_method               'FREE R-VALUE' 
_refine.pdbx_method_to_determine_struct          'MOLECULAR REPLACEMENT' 
_refine.pdbx_starting_model                      'PDB entry 6EL8' 
_refine.pdbx_stereochemistry_target_values       'GeoStd + Monomer Library + CDL v1.2' 
_refine.pdbx_R_Free_selection_details            ? 
_refine.pdbx_stereochem_target_val_spec_case     ? 
_refine.pdbx_overall_ESU_R                       ? 
_refine.pdbx_overall_ESU_R_Free                  ? 
_refine.pdbx_solvent_vdw_probe_radii             1.1100 
_refine.pdbx_solvent_ion_probe_radii             ? 
_refine.pdbx_solvent_shrinkage_radii             0.9000 
_refine.pdbx_real_space_R                        ? 
_refine.pdbx_density_correlation                 ? 
_refine.pdbx_pd_number_of_powder_patterns        ? 
_refine.pdbx_pd_number_of_points                 ? 
_refine.pdbx_pd_meas_number_of_points            ? 
_refine.pdbx_pd_proc_ls_prof_R_factor            ? 
_refine.pdbx_pd_proc_ls_prof_wR_factor           ? 
_refine.pdbx_pd_Marquardt_correlation_coeff      ? 
_refine.pdbx_pd_Fsqrd_R_factor                   ? 
_refine.pdbx_pd_ls_matrix_band_width             ? 
_refine.pdbx_overall_phase_error                 45.4104 
_refine.pdbx_overall_SU_R_free_Cruickshank_DPI   ? 
_refine.pdbx_overall_SU_R_free_Blow_DPI          ? 
_refine.pdbx_overall_SU_R_Blow_DPI               ? 
_refine.pdbx_TLS_residual_ADP_flag               ? 
_refine.pdbx_diffrn_id                           1 
_refine.overall_SU_B                             ? 
_refine.overall_SU_ML                            0.2617 
_refine.overall_SU_R_Cruickshank_DPI             ? 
_refine.overall_SU_R_free                        ? 
_refine.overall_FOM_free_R_set                   ? 
_refine.overall_FOM_work_R_set                   ? 
_refine.pdbx_average_fsc_overall                 ? 
_refine.pdbx_average_fsc_work                    ? 
_refine.pdbx_average_fsc_free                    ? 
# 
_refine_hist.pdbx_refine_id                   'X-RAY DIFFRACTION' 
_refine_hist.cycle_id                         LAST 
_refine_hist.details                          ? 
_refine_hist.d_res_high                       3.10 
_refine_hist.d_res_low                        46.77 
_refine_hist.number_atoms_solvent             0 
_refine_hist.number_atoms_total               1349 
_refine_hist.number_reflns_all                ? 
_refine_hist.number_reflns_obs                ? 
_refine_hist.number_reflns_R_free             ? 
_refine_hist.number_reflns_R_work             ? 
_refine_hist.R_factor_all                     ? 
_refine_hist.R_factor_obs                     ? 
_refine_hist.R_factor_R_free                  ? 
_refine_hist.R_factor_R_work                  ? 
_refine_hist.pdbx_number_residues_total       ? 
_refine_hist.pdbx_B_iso_mean_ligand           ? 
_refine_hist.pdbx_B_iso_mean_solvent          ? 
_refine_hist.pdbx_number_atoms_protein        778 
_refine_hist.pdbx_number_atoms_nucleic_acid   571 
_refine_hist.pdbx_number_atoms_ligand         0 
_refine_hist.pdbx_number_atoms_lipid          ? 
_refine_hist.pdbx_number_atoms_carb           ? 
_refine_hist.pdbx_pseudo_atom_details         ? 
# 
loop_
_refine_ls_restr.pdbx_refine_id 
_refine_ls_restr.criterion 
_refine_ls_restr.dev_ideal 
_refine_ls_restr.dev_ideal_target 
_refine_ls_restr.number 
_refine_ls_restr.rejects 
_refine_ls_restr.type 
_refine_ls_restr.weight 
_refine_ls_restr.pdbx_restraint_function 
'X-RAY DIFFRACTION' ? 0.0064  ? 1448 ? f_bond_d           ? ? 
'X-RAY DIFFRACTION' ? 1.1884  ? 2082 ? f_angle_d          ? ? 
'X-RAY DIFFRACTION' ? 0.1398  ? 219  ? f_chiral_restr     ? ? 
'X-RAY DIFFRACTION' ? 0.0068  ? 167  ? f_plane_restr      ? ? 
'X-RAY DIFFRACTION' ? 31.9293 ? 375  ? f_dihedral_angle_d ? ? 
# 
loop_
_refine_ls_shell.pdbx_refine_id 
_refine_ls_shell.d_res_high 
_refine_ls_shell.d_res_low 
_refine_ls_shell.number_reflns_all 
_refine_ls_shell.number_reflns_obs 
_refine_ls_shell.number_reflns_R_free 
_refine_ls_shell.number_reflns_R_work 
_refine_ls_shell.percent_reflns_obs 
_refine_ls_shell.percent_reflns_R_free 
_refine_ls_shell.R_factor_all 
_refine_ls_shell.R_factor_obs 
_refine_ls_shell.R_factor_R_free 
_refine_ls_shell.R_factor_R_free_error 
_refine_ls_shell.R_factor_R_work 
_refine_ls_shell.redundancy_reflns_all 
_refine_ls_shell.redundancy_reflns_obs 
_refine_ls_shell.wR_factor_all 
_refine_ls_shell.wR_factor_obs 
_refine_ls_shell.wR_factor_R_free 
_refine_ls_shell.wR_factor_R_work 
_refine_ls_shell.pdbx_R_complete 
_refine_ls_shell.pdbx_total_number_of_bins_used 
_refine_ls_shell.pdbx_phase_error 
_refine_ls_shell.pdbx_fsc_work 
_refine_ls_shell.pdbx_fsc_free 
'X-RAY DIFFRACTION' 3.10 3.55  . . 126 2290 92.99 . . . 0.4400 . 0.4418 . . . . . . . . . . . 
'X-RAY DIFFRACTION' 3.55 4.47  . . 133 2451 96.78 . . . 0.4279 . 0.3377 . . . . . . . . . . . 
'X-RAY DIFFRACTION' 4.47 46.77 . . 152 2653 98.66 . . . 0.2563 . 0.2546 . . . . . . . . . . . 
# 
_struct.entry_id                     7TDX 
_struct.title                        'Structure of FOXP3-DNA complex' 
_struct.pdbx_model_details           ? 
_struct.pdbx_formula_weight          ? 
_struct.pdbx_formula_weight_method   ? 
_struct.pdbx_model_type_details      ? 
_struct.pdbx_CASP_flag               N 
# 
_struct_keywords.entry_id        7TDX 
_struct_keywords.text            'FOXP3, Dimer, Forkhead, DNA, Treg, TRANSCRIPTION-DNA complex' 
_struct_keywords.pdbx_keywords   TRANSCRIPTION/DNA 
# 
loop_
_struct_asym.id 
_struct_asym.pdbx_blank_PDB_chainid_flag 
_struct_asym.pdbx_modified 
_struct_asym.entity_id 
_struct_asym.details 
A N N 1 ? 
B N N 2 ? 
C N N 3 ? 
# 
loop_
_struct_conf.conf_type_id 
_struct_conf.id 
_struct_conf.pdbx_PDB_helix_id 
_struct_conf.beg_label_comp_id 
_struct_conf.beg_label_asym_id 
_struct_conf.beg_label_seq_id 
_struct_conf.pdbx_beg_PDB_ins_code 
_struct_conf.end_label_comp_id 
_struct_conf.end_label_asym_id 
_struct_conf.end_label_seq_id 
_struct_conf.pdbx_end_PDB_ins_code 
_struct_conf.beg_auth_comp_id 
_struct_conf.beg_auth_asym_id 
_struct_conf.beg_auth_seq_id 
_struct_conf.end_auth_comp_id 
_struct_conf.end_auth_asym_id 
_struct_conf.end_auth_seq_id 
_struct_conf.pdbx_PDB_helix_class 
_struct_conf.details 
_struct_conf.pdbx_PDB_helix_length 
HELX_P HELX_P1 AA1 THR C 100 ? ALA C 112 ? THR A 341 ALA A 353 1 ? 13 
HELX_P HELX_P2 AA2 THR C 118 ? PHE C 130 ? THR A 359 PHE A 371 1 ? 13 
HELX_P HELX_P3 AA3 ALA C 131 ? ASN C 135 ? ALA A 372 ASN A 376 5 ? 5  
HELX_P HELX_P4 AA4 HIS C 136 ? HIS C 151 ? HIS A 377 HIS A 392 1 ? 16 
# 
_struct_conf_type.id          HELX_P 
_struct_conf_type.criteria    ? 
_struct_conf_type.reference   ? 
# 
loop_
_struct_conn.id 
_struct_conn.conn_type_id 
_struct_conn.pdbx_leaving_atom_flag 
_struct_conn.pdbx_PDB_id 
_struct_conn.ptnr1_label_asym_id 
_struct_conn.ptnr1_label_comp_id 
_struct_conn.ptnr1_label_seq_id 
_struct_conn.ptnr1_label_atom_id 
_struct_conn.pdbx_ptnr1_label_alt_id 
_struct_conn.pdbx_ptnr1_PDB_ins_code 
_struct_conn.pdbx_ptnr1_standard_comp_id 
_struct_conn.ptnr1_symmetry 
_struct_conn.ptnr2_label_asym_id 
_struct_conn.ptnr2_label_comp_id 
_struct_conn.ptnr2_label_seq_id 
_struct_conn.ptnr2_label_atom_id 
_struct_conn.pdbx_ptnr2_label_alt_id 
_struct_conn.pdbx_ptnr2_PDB_ins_code 
_struct_conn.ptnr1_auth_asym_id 
_struct_conn.ptnr1_auth_comp_id 
_struct_conn.ptnr1_auth_seq_id 
_struct_conn.ptnr2_auth_asym_id 
_struct_conn.ptnr2_auth_comp_id 
_struct_conn.ptnr2_auth_seq_id 
_struct_conn.ptnr2_symmetry 
_struct_conn.pdbx_ptnr3_label_atom_id 
_struct_conn.pdbx_ptnr3_label_seq_id 
_struct_conn.pdbx_ptnr3_label_comp_id 
_struct_conn.pdbx_ptnr3_label_asym_id 
_struct_conn.pdbx_ptnr3_label_alt_id 
_struct_conn.pdbx_ptnr3_PDB_ins_code 
_struct_conn.details 
_struct_conn.pdbx_dist_value 
_struct_conn.pdbx_value_order 
_struct_conn.pdbx_role 
hydrog1  hydrog ? ? A DA 1  N1 ? ? ? 1_555 B DT 14 N3 ? ? B DA 1  C DT 14 1_555 ? ? ? ? ? ? 'DA-DT PAIR' ? ? ? 
hydrog2  hydrog ? ? A DA 2  N1 ? ? ? 1_555 B DT 13 N3 ? ? B DA 2  C DT 13 1_555 ? ? ? ? ? ? WATSON-CRICK ? ? ? 
hydrog3  hydrog ? ? A DA 2  N6 ? ? ? 1_555 B DT 13 O4 ? ? B DA 2  C DT 13 1_555 ? ? ? ? ? ? WATSON-CRICK ? ? ? 
hydrog4  hydrog ? ? A DA 3  N1 ? ? ? 1_555 B DT 12 N3 ? ? B DA 3  C DT 12 1_555 ? ? ? ? ? ? WATSON-CRICK ? ? ? 
hydrog5  hydrog ? ? A DA 3  N6 ? ? ? 1_555 B DT 12 O4 ? ? B DA 3  C DT 12 1_555 ? ? ? ? ? ? WATSON-CRICK ? ? ? 
hydrog6  hydrog ? ? A DT 4  N3 ? ? ? 1_555 B DA 11 N1 ? ? B DT 4  C DA 11 1_555 ? ? ? ? ? ? WATSON-CRICK ? ? ? 
hydrog7  hydrog ? ? A DT 4  O4 ? ? ? 1_555 B DA 11 N6 ? ? B DT 4  C DA 11 1_555 ? ? ? ? ? ? WATSON-CRICK ? ? ? 
hydrog8  hydrog ? ? A DT 5  N3 ? ? ? 1_555 B DA 10 N1 ? ? B DT 5  C DA 10 1_555 ? ? ? ? ? ? WATSON-CRICK ? ? ? 
hydrog9  hydrog ? ? A DT 5  O4 ? ? ? 1_555 B DA 10 N6 ? ? B DT 5  C DA 10 1_555 ? ? ? ? ? ? WATSON-CRICK ? ? ? 
hydrog10 hydrog ? ? A DT 6  N3 ? ? ? 1_555 B DA 9  N1 ? ? B DT 6  C DA 9  1_555 ? ? ? ? ? ? 'DT-DA PAIR' ? ? ? 
hydrog11 hydrog ? ? A DG 7  N2 ? ? ? 1_555 B DC 8  O2 ? ? B DG 7  C DC 8  1_555 ? ? ? ? ? ? 'DG-DC PAIR' ? ? ? 
hydrog12 hydrog ? ? A DT 8  N3 ? ? ? 1_555 B DA 7  N1 ? ? B DT 8  C DA 7  1_555 ? ? ? ? ? ? WATSON-CRICK ? ? ? 
hydrog13 hydrog ? ? A DT 8  O4 ? ? ? 1_555 B DA 7  N6 ? ? B DT 8  C DA 7  1_555 ? ? ? ? ? ? WATSON-CRICK ? ? ? 
hydrog14 hydrog ? ? A DT 9  N3 ? ? ? 1_555 B DA 6  N1 ? ? B DT 9  C DA 6  1_555 ? ? ? ? ? ? WATSON-CRICK ? ? ? 
hydrog15 hydrog ? ? A DT 9  O4 ? ? ? 1_555 B DA 6  N6 ? ? B DT 9  C DA 6  1_555 ? ? ? ? ? ? WATSON-CRICK ? ? ? 
hydrog16 hydrog ? ? A DT 10 N3 ? ? ? 1_555 B DA 5  N1 ? ? B DT 10 C DA 5  1_555 ? ? ? ? ? ? WATSON-CRICK ? ? ? 
hydrog17 hydrog ? ? A DT 10 O4 ? ? ? 1_555 B DA 5  N6 ? ? B DT 10 C DA 5  1_555 ? ? ? ? ? ? WATSON-CRICK ? ? ? 
hydrog18 hydrog ? ? A DA 11 N1 ? ? ? 1_555 B DT 4  N3 ? ? B DA 11 C DT 4  1_555 ? ? ? ? ? ? WATSON-CRICK ? ? ? 
hydrog19 hydrog ? ? A DA 11 N6 ? ? ? 1_555 B DT 4  O4 ? ? B DA 11 C DT 4  1_555 ? ? ? ? ? ? WATSON-CRICK ? ? ? 
hydrog20 hydrog ? ? A DC 12 N3 ? ? ? 1_555 B DG 3  N1 ? ? B DC 12 C DG 3  1_555 ? ? ? ? ? ? WATSON-CRICK ? ? ? 
hydrog21 hydrog ? ? A DC 12 N4 ? ? ? 1_555 B DG 3  O6 ? ? B DC 12 C DG 3  1_555 ? ? ? ? ? ? WATSON-CRICK ? ? ? 
hydrog22 hydrog ? ? A DC 12 O2 ? ? ? 1_555 B DG 3  N2 ? ? B DC 12 C DG 3  1_555 ? ? ? ? ? ? WATSON-CRICK ? ? ? 
hydrog23 hydrog ? ? A DT 13 N3 ? ? ? 1_555 B DA 2  N1 ? ? B DT 13 C DA 2  1_555 ? ? ? ? ? ? WATSON-CRICK ? ? ? 
hydrog24 hydrog ? ? A DT 13 O4 ? ? ? 1_555 B DA 2  N6 ? ? B DT 13 C DA 2  1_555 ? ? ? ? ? ? WATSON-CRICK ? ? ? 
hydrog25 hydrog ? ? A DC 14 N3 ? ? ? 1_555 B DG 1  N1 ? ? B DC 14 C DG 1  1_555 ? ? ? ? ? ? WATSON-CRICK ? ? ? 
hydrog26 hydrog ? ? A DC 14 N4 ? ? ? 1_555 B DG 1  O6 ? ? B DC 14 C DG 1  1_555 ? ? ? ? ? ? WATSON-CRICK ? ? ? 
hydrog27 hydrog ? ? A DC 14 O2 ? ? ? 1_555 B DG 1  N2 ? ? B DC 14 C DG 1  1_555 ? ? ? ? ? ? WATSON-CRICK ? ? ? 
# 
_struct_conn_type.id          hydrog 
_struct_conn_type.criteria    ? 
_struct_conn_type.reference   ? 
# 
_struct_sheet.id               AA1 
_struct_sheet.type             ? 
_struct_sheet.number_strands   2 
_struct_sheet.details          ? 
# 
_struct_sheet_order.sheet_id     AA1 
_struct_sheet_order.range_id_1   1 
_struct_sheet_order.range_id_2   2 
_struct_sheet_order.offset       ? 
_struct_sheet_order.sense        anti-parallel 
# 
loop_
_struct_sheet_range.sheet_id 
_struct_sheet_range.id 
_struct_sheet_range.beg_label_comp_id 
_struct_sheet_range.beg_label_asym_id 
_struct_sheet_range.beg_label_seq_id 
_struct_sheet_range.pdbx_beg_PDB_ins_code 
_struct_sheet_range.end_label_comp_id 
_struct_sheet_range.end_label_asym_id 
_struct_sheet_range.end_label_seq_id 
_struct_sheet_range.pdbx_end_PDB_ins_code 
_struct_sheet_range.beg_auth_comp_id 
_struct_sheet_range.beg_auth_asym_id 
_struct_sheet_range.beg_auth_seq_id 
_struct_sheet_range.end_auth_comp_id 
_struct_sheet_range.end_auth_asym_id 
_struct_sheet_range.end_auth_seq_id 
AA1 1 PHE C 154 ? GLU C 158 ? PHE A 395 GLU A 399 
AA1 2 ALA C 163 ? VAL C 167 ? ALA A 404 VAL A 408 
# 
_pdbx_struct_sheet_hbond.sheet_id                AA1 
_pdbx_struct_sheet_hbond.range_id_1              1 
_pdbx_struct_sheet_hbond.range_id_2              2 
_pdbx_struct_sheet_hbond.range_1_label_atom_id   N 
_pdbx_struct_sheet_hbond.range_1_label_comp_id   VAL 
_pdbx_struct_sheet_hbond.range_1_label_asym_id   C 
_pdbx_struct_sheet_hbond.range_1_label_seq_id    155 
_pdbx_struct_sheet_hbond.range_1_PDB_ins_code    ? 
_pdbx_struct_sheet_hbond.range_1_auth_atom_id    N 
_pdbx_struct_sheet_hbond.range_1_auth_comp_id    VAL 
_pdbx_struct_sheet_hbond.range_1_auth_asym_id    A 
_pdbx_struct_sheet_hbond.range_1_auth_seq_id     396 
_pdbx_struct_sheet_hbond.range_2_label_atom_id   O 
_pdbx_struct_sheet_hbond.range_2_label_comp_id   THR 
_pdbx_struct_sheet_hbond.range_2_label_asym_id   C 
_pdbx_struct_sheet_hbond.range_2_label_seq_id    166 
_pdbx_struct_sheet_hbond.range_2_PDB_ins_code    ? 
_pdbx_struct_sheet_hbond.range_2_auth_atom_id    O 
_pdbx_struct_sheet_hbond.range_2_auth_comp_id    THR 
_pdbx_struct_sheet_hbond.range_2_auth_asym_id    A 
_pdbx_struct_sheet_hbond.range_2_auth_seq_id     407 
# 
_atom_sites.entry_id                    7TDX 
_atom_sites.Cartn_transf_matrix[1][1]   ? 
_atom_sites.Cartn_transf_matrix[1][2]   ? 
_atom_sites.Cartn_transf_matrix[1][3]   ? 
_atom_sites.Cartn_transf_matrix[2][1]   ? 
_atom_sites.Cartn_transf_matrix[2][2]   ? 
_atom_sites.Cartn_transf_matrix[2][3]   ? 
_atom_sites.Cartn_transf_matrix[3][1]   ? 
_atom_sites.Cartn_transf_matrix[3][2]   ? 
_atom_sites.Cartn_transf_matrix[3][3]   ? 
_atom_sites.Cartn_transf_vector[1]      ? 
_atom_sites.Cartn_transf_vector[2]      ? 
_atom_sites.Cartn_transf_vector[3]      ? 
_atom_sites.fract_transf_matrix[1][1]   0.00255659 
_atom_sites.fract_transf_matrix[1][2]   -0.00460504 
_atom_sites.fract_transf_matrix[1][3]   0.01178480 
_atom_sites.fract_transf_matrix[2][1]   0.01084975 
_atom_sites.fract_transf_matrix[2][2]   -0.00666679 
_atom_sites.fract_transf_matrix[2][3]   0.00211026 
_atom_sites.fract_transf_matrix[3][1]   0.00271057 
_atom_sites.fract_transf_matrix[3][2]   0.00482150 
_atom_sites.fract_transf_matrix[3][3]   0.00129603 
_atom_sites.fract_transf_vector[1]      0.527831 
_atom_sites.fract_transf_vector[2]      0.105396 
_atom_sites.fract_transf_vector[3]      0.669994 
_atom_sites.solution_primary            ? 
_atom_sites.solution_secondary          ? 
_atom_sites.solution_hydrogens          ? 
_atom_sites.special_details             ? 
# 
loop_
_atom_type.symbol 
_atom_type.scat_dispersion_real 
_atom_type.scat_dispersion_imag 
_atom_type.scat_Cromer_Mann_a1 
_atom_type.scat_Cromer_Mann_a2 
_atom_type.scat_Cromer_Mann_a3 
_atom_type.scat_Cromer_Mann_a4 
_atom_type.scat_Cromer_Mann_b1 
_atom_type.scat_Cromer_Mann_b2 
_atom_type.scat_Cromer_Mann_b3 
_atom_type.scat_Cromer_Mann_b4 
_atom_type.scat_Cromer_Mann_c 
_atom_type.scat_source 
_atom_type.scat_dispersion_source 
C   ? ? 3.54356 2.42580 ? ? 25.62398 1.50364  ? ? 0.0 
;2-Gaussian fit: Grosse-Kunstleve RW, Sauter NK, Adams PD: Newsletter of the IUCr Commission on Crystallographic Computing 2004, 3, 22-31.
;
? 
N   ? ? 6.96715 ?       ? ? 11.43723 ?        ? ? 0.0 
;1-Gaussian fit: Grosse-Kunstleve RW, Sauter NK, Adams PD: Newsletter of the IUCr Commission on Crystallographic Computing 2004, 3, 22-31.
;
? 
O   ? ? 7.96527 ?       ? ? 9.05267  ?        ? ? 0.0 
;1-Gaussian fit: Grosse-Kunstleve RW, Sauter NK, Adams PD: Newsletter of the IUCr Commission on Crystallographic Computing 2004, 3, 22-31.
;
? 
O1- ? ? 5.12366 3.84317 ? ? 3.49406  27.47979 ? ? 0.0 
;2-Gaussian fit: Grosse-Kunstleve RW, Sauter NK, Adams PD: Newsletter of the IUCr Commission on Crystallographic Computing 2004, 3, 22-31.
;
? 
P   ? ? 9.51135 5.44231 ? ? 1.42069  35.72801 ? ? 0.0 
;2-Gaussian fit: Grosse-Kunstleve RW, Sauter NK, Adams PD: Newsletter of the IUCr Commission on Crystallographic Computing 2004, 3, 22-31.
;
? 
S   ? ? 9.55732 6.39887 ? ? 1.23737  29.19336 ? ? 0.0 
;2-Gaussian fit: Grosse-Kunstleve RW, Sauter NK, Adams PD: Newsletter of the IUCr Commission on Crystallographic Computing 2004, 3, 22-31.
;
? 
# 
loop_
_atom_site.group_PDB 
_atom_site.id 
_atom_site.type_symbol 
_atom_site.label_atom_id 
_atom_site.label_alt_id 
_atom_site.label_comp_id 
_atom_site.label_asym_id 
_atom_site.label_entity_id 
_atom_site.label_seq_id 
_atom_site.pdbx_PDB_ins_code 
_atom_site.Cartn_x 
_atom_site.Cartn_y 
_atom_site.Cartn_z 
_atom_site.occupancy 
_atom_site.B_iso_or_equiv 
_atom_site.pdbx_formal_charge 
_atom_site.auth_seq_id 
_atom_site.auth_comp_id 
_atom_site.auth_asym_id 
_atom_site.auth_atom_id 
_atom_site.pdbx_PDB_model_num 
ATOM 1    O "O5'" . DA  A 1 1   ? -29.71392 -20.54813 -10.96496 1.000 161.64619 ?  1   DA  B "O5'" 1 
ATOM 2    C "C5'" . DA  A 1 1   ? -29.20355 -19.24652 -10.69316 1.000 145.13793 ?  1   DA  B "C5'" 1 
ATOM 3    C "C4'" . DA  A 1 1   ? -28.72352 -19.14439 -9.25759  1.000 141.37831 ?  1   DA  B "C4'" 1 
ATOM 4    O "O4'" . DA  A 1 1   ? -27.29296 -19.38616 -9.20873  1.000 153.36609 ?  1   DA  B "O4'" 1 
ATOM 5    C "C3'" . DA  A 1 1   ? -28.89485 -17.77825 -8.62448  1.000 139.57929 ?  1   DA  B "C3'" 1 
ATOM 6    O "O3'" . DA  A 1 1   ? -28.85460 -17.90243 -7.20331  1.000 145.75371 ?  1   DA  B "O3'" 1 
ATOM 7    C "C2'" . DA  A 1 1   ? -27.65856 -17.05927 -9.14346  1.000 145.35457 ?  1   DA  B "C2'" 1 
ATOM 8    C "C1'" . DA  A 1 1   ? -26.61311 -18.15889 -8.98909  1.000 149.63268 ?  1   DA  B "C1'" 1 
ATOM 9    N N9    . DA  A 1 1   ? -25.52003 -18.06252 -9.94441  1.000 145.88496 ?  1   DA  B N9    1 
ATOM 10   C C8    . DA  A 1 1   ? -25.59082 -17.61824 -11.23959 1.000 139.71977 ?  1   DA  B C8    1 
ATOM 11   N N7    . DA  A 1 1   ? -24.43962 -17.64716 -11.87109 1.000 150.18575 ?  1   DA  B N7    1 
ATOM 12   C C5    . DA  A 1 1   ? -23.55371 -18.14760 -10.92535 1.000 154.65176 ?  1   DA  B C5    1 
ATOM 13   C C6    . DA  A 1 1   ? -22.17419 -18.42395 -10.97213 1.000 143.62065 ?  1   DA  B C6    1 
ATOM 14   N N6    . DA  A 1 1   ? -21.41634 -18.21296 -12.06025 1.000 136.41754 ?  1   DA  B N6    1 
ATOM 15   N N1    . DA  A 1 1   ? -21.60001 -18.92451 -9.85165  1.000 119.45819 ?  1   DA  B N1    1 
ATOM 16   C C2    . DA  A 1 1   ? -22.35935 -19.12994 -8.76144  1.000 117.64249 ?  1   DA  B C2    1 
ATOM 17   N N3    . DA  A 1 1   ? -23.66119 -18.90324 -8.59528  1.000 127.43443 ?  1   DA  B N3    1 
ATOM 18   C C4    . DA  A 1 1   ? -24.20491 -18.40794 -9.72876  1.000 147.13976 ?  1   DA  B C4    1 
ATOM 19   P P     . DA  A 1 2   ? -29.97410 -17.18161 -6.30152  1.000 143.02580 ?  2   DA  B P     1 
ATOM 20   O OP1   . DA  A 1 2   ? -30.18513 -17.97049 -5.06633  1.000 115.67072 ?  2   DA  B OP1   1 
ATOM 21   O OP2   . DA  A 1 2   ? -31.10056 -16.91020 -7.22331  1.000 136.32789 ?  2   DA  B OP2   1 
ATOM 22   O "O5'" . DA  A 1 2   ? -29.31511 -15.78254 -5.86649  1.000 167.76907 ?  2   DA  B "O5'" 1 
ATOM 23   C "C5'" . DA  A 1 2   ? -27.89919 -15.61674 -5.86705  1.000 157.39975 ?  2   DA  B "C5'" 1 
ATOM 24   C "C4'" . DA  A 1 2   ? -27.28135 -16.09193 -4.56055  1.000 148.94344 ?  2   DA  B "C4'" 1 
ATOM 25   O "O4'" . DA  A 1 2   ? -26.20578 -17.01370 -4.86360  1.000 125.13923 ?  2   DA  B "O4'" 1 
ATOM 26   C "C3'" . DA  A 1 2   ? -26.67223 -14.97349 -3.70420  1.000 146.31902 ?  2   DA  B "C3'" 1 
ATOM 27   O "O3'" . DA  A 1 2   ? -27.05025 -15.06555 -2.27375  1.000 132.89459 ?  2   DA  B "O3'" 1 
ATOM 28   C "C2'" . DA  A 1 2   ? -25.16521 -15.07164 -3.93791  1.000 156.23352 ?  2   DA  B "C2'" 1 
ATOM 29   C "C1'" . DA  A 1 2   ? -24.95880 -16.37031 -4.71942  1.000 138.80772 ?  2   DA  B "C1'" 1 
ATOM 30   N N9    . DA  A 1 2   ? -24.33100 -16.14950 -6.02863  1.000 141.41116 ?  2   DA  B N9    1 
ATOM 31   C C8    . DA  A 1 2   ? -24.89845 -15.62743 -7.16727  1.000 137.87971 ?  2   DA  B C8    1 
ATOM 32   N N7    . DA  A 1 2   ? -24.06073 -15.52401 -8.18033  1.000 127.64920 ?  2   DA  B N7    1 
ATOM 33   C C5    . DA  A 1 2   ? -22.86069 -15.99391 -7.66087  1.000 136.61183 ?  2   DA  B C5    1 
ATOM 34   C C6    . DA  A 1 2   ? -21.57170 -16.14395 -8.21732  1.000 136.72261 ?  2   DA  B C6    1 
ATOM 35   N N6    . DA  A 1 2   ? -21.27463 -15.82872 -9.48494  1.000 138.64093 ?  2   DA  B N6    1 
ATOM 36   N N1    . DA  A 1 2   ? -20.60020 -16.65245 -7.41964  1.000 129.84185 ?  2   DA  B N1    1 
ATOM 37   C C2    . DA  A 1 2   ? -20.90315 -16.97691 -6.15686  1.000 130.34785 ?  2   DA  B C2    1 
ATOM 38   N N3    . DA  A 1 2   ? -22.06799 -16.87331 -5.52291  1.000 132.37567 ?  2   DA  B N3    1 
ATOM 39   C C4    . DA  A 1 2   ? -23.01335 -16.37369 -6.33686  1.000 139.39767 ?  2   DA  B C4    1 
ATOM 40   P P     . DA  A 1 3   ? -26.37066 -16.12108 -1.25409  1.000 158.63532 ?  3   DA  B P     1 
ATOM 41   O OP1   . DA  A 1 3   ? -26.39393 -17.47244 -1.86936  1.000 115.84887 ?  3   DA  B OP1   1 
ATOM 42   O OP2   . DA  A 1 3   ? -26.96262 -15.90029 0.08922   1.000 108.28693 ?  3   DA  B OP2   1 
ATOM 43   O "O5'" . DA  A 1 3   ? -24.85270 -15.65377 -1.12628  1.000 155.33492 ?  3   DA  B "O5'" 1 
ATOM 44   C "C5'" . DA  A 1 3   ? -23.83994 -16.62952 -0.93547  1.000 154.55577 ?  3   DA  B "C5'" 1 
ATOM 45   C "C4'" . DA  A 1 3   ? -22.47991 -16.01344 -1.14496  1.000 143.36911 ?  3   DA  B "C4'" 1 
ATOM 46   O "O4'" . DA  A 1 3   ? -22.33870 -15.58608 -2.51769  1.000 133.00316 ?  3   DA  B "O4'" 1 
ATOM 47   C "C3'" . DA  A 1 3   ? -22.21175 -14.77729 -0.28933  1.000 148.08854 ?  3   DA  B "C3'" 1 
ATOM 48   O "O3'" . DA  A 1 3   ? -21.17259 -15.07364 0.63081   1.000 154.30705 ?  3   DA  B "O3'" 1 
ATOM 49   C "C2'" . DA  A 1 3   ? -21.81645 -13.68438 -1.30613  1.000 145.96343 ?  3   DA  B "C2'" 1 
ATOM 50   C "C1'" . DA  A 1 3   ? -21.45830 -14.49813 -2.53765  1.000 129.73565 ?  3   DA  B "C1'" 1 
ATOM 51   N N9    . DA  A 1 3   ? -21.61147 -13.78182 -3.80744  1.000 121.82206 ?  3   DA  B N9    1 
ATOM 52   C C8    . DA  A 1 3   ? -22.65952 -12.98478 -4.19393  1.000 114.13417 ?  3   DA  B C8    1 
ATOM 53   N N7    . DA  A 1 3   ? -22.52479 -12.47470 -5.39944  1.000 118.13725 ?  3   DA  B N7    1 
ATOM 54   C C5    . DA  A 1 3   ? -21.30443 -12.97187 -5.83666  1.000 125.10516 ?  3   DA  B C5    1 
ATOM 55   C C6    . DA  A 1 3   ? -20.58750 -12.80069 -7.03870  1.000 125.67012 ?  3   DA  B C6    1 
ATOM 56   N N6    . DA  A 1 3   ? -21.03287 -12.05046 -8.05974  1.000 117.03936 ?  3   DA  B N6    1 
ATOM 57   N N1    . DA  A 1 3   ? -19.39377 -13.43588 -7.15236  1.000 129.92558 ?  3   DA  B N1    1 
ATOM 58   C C2    . DA  A 1 3   ? -18.95443 -14.18353 -6.12721  1.000 120.33440 ?  3   DA  B C2    1 
ATOM 59   N N3    . DA  A 1 3   ? -19.53652 -14.41818 -4.94959  1.000 104.63457 ?  3   DA  B N3    1 
ATOM 60   C C4    . DA  A 1 3   ? -20.72321 -13.77726 -4.86697  1.000 121.82520 ?  3   DA  B C4    1 
ATOM 61   P P     . DT  A 1 4   ? -20.64405 -13.97125 1.67406   1.000 151.87826 ?  4   DT  B P     1 
ATOM 62   O OP1   . DT  A 1 4   ? -20.37688 -14.67054 2.95337   1.000 132.95400 ?  4   DT  B OP1   1 
ATOM 63   O OP2   . DT  A 1 4   ? -21.53683 -12.79096 1.64289   1.000 147.47269 ?  4   DT  B OP2   1 
ATOM 64   O "O5'" . DT  A 1 4   ? -19.25249 -13.52444 1.04254   1.000 143.49730 ?  4   DT  B "O5'" 1 
ATOM 65   C "C5'" . DT  A 1 4   ? -18.61637 -14.37434 0.10047   1.000 131.51187 ?  4   DT  B "C5'" 1 
ATOM 66   C "C4'" . DT  A 1 4   ? -17.57857 -13.60518 -0.67964  1.000 127.10199 ?  4   DT  B "C4'" 1 
ATOM 67   O "O4'" . DT  A 1 4   ? -18.11958 -13.18991 -1.96141  1.000 137.62979 ?  4   DT  B "O4'" 1 
ATOM 68   C "C3'" . DT  A 1 4   ? -17.07565 -12.33110 0.00495   1.000 133.13400 ?  4   DT  B "C3'" 1 
ATOM 69   O "O3'" . DT  A 1 4   ? -15.67532 -12.33878 0.01112   1.000 148.08185 ?  4   DT  B "O3'" 1 
ATOM 70   C "C2'" . DT  A 1 4   ? -17.62014 -11.20604 -0.88050  1.000 132.12678 ?  4   DT  B "C2'" 1 
ATOM 71   C "C1'" . DT  A 1 4   ? -17.66908 -11.88517 -2.23472  1.000 108.34000 ?  4   DT  B "C1'" 1 
ATOM 72   N N1    . DT  A 1 4   ? -18.61802 -11.24294 -3.18431  1.000 113.47611 ?  4   DT  B N1    1 
ATOM 73   C C2    . DT  A 1 4   ? -18.26826 -11.10892 -4.52014  1.000 121.79029 ?  4   DT  B C2    1 
ATOM 74   O O2    . DT  A 1 4   ? -17.20338 -11.49223 -4.98356  1.000 114.56340 ?  4   DT  B O2    1 
ATOM 75   N N3    . DT  A 1 4   ? -19.22349 -10.50873 -5.30493  1.000 123.42893 ?  4   DT  B N3    1 
ATOM 76   C C4    . DT  A 1 4   ? -20.45912 -10.03033 -4.90254  1.000 124.93887 ?  4   DT  B C4    1 
ATOM 77   O O4    . DT  A 1 4   ? -21.24988 -9.50291  -5.68592  1.000 125.46872 ?  4   DT  B O4    1 
ATOM 78   C C5    . DT  A 1 4   ? -20.75814 -10.19829 -3.49535  1.000 116.63516 ?  4   DT  B C5    1 
ATOM 79   C C7    . DT  A 1 4   ? -22.06645 -9.71873  -2.94456  1.000 112.71374 ?  4   DT  B C7    1 
ATOM 80   C C6    . DT  A 1 4   ? -19.83605 -10.78994 -2.71370  1.000 104.41848 ?  4   DT  B C6    1 
ATOM 81   P P     . DT  A 1 5   ? -14.84650 -11.46985 1.07666   1.000 133.83458 ?  5   DT  B P     1 
ATOM 82   O OP1   . DT  A 1 5   ? -14.17127 -12.46221 1.95711   1.000 88.50091  ?  5   DT  B OP1   1 
ATOM 83   O OP2   . DT  A 1 5   ? -15.71707 -10.44324 1.70062   1.000 119.17236 ?  5   DT  B OP2   1 
ATOM 84   O "O5'" . DT  A 1 5   ? -13.80889 -10.68028 0.14781   1.000 104.49864 ?  5   DT  B "O5'" 1 
ATOM 85   C "C5'" . DT  A 1 5   ? -12.86887 -11.40369 -0.64960  1.000 108.50768 ?  5   DT  B "C5'" 1 
ATOM 86   C "C4'" . DT  A 1 5   ? -12.82245 -10.87143 -2.08198  1.000 124.11821 ?  5   DT  B "C4'" 1 
ATOM 87   O "O4'" . DT  A 1 5   ? -14.13729 -10.45094 -2.51365  1.000 134.74531 ?  5   DT  B "O4'" 1 
ATOM 88   C "C3'" . DT  A 1 5   ? -11.88585 -9.67288  -2.34605  1.000 116.36899 ?  5   DT  B "C3'" 1 
ATOM 89   O "O3'" . DT  A 1 5   ? -10.87582 -10.06183 -3.27543  1.000 99.43882  ?  5   DT  B "O3'" 1 
ATOM 90   C "C2'" . DT  A 1 5   ? -12.81416 -8.59674  -2.93910  1.000 116.05572 ?  5   DT  B "C2'" 1 
ATOM 91   C "C1'" . DT  A 1 5   ? -13.96183 -9.43706  -3.47189  1.000 122.81865 ?  5   DT  B "C1'" 1 
ATOM 92   N N1    . DT  A 1 5   ? -15.25735 -8.69398  -3.63819  1.000 130.31439 ?  5   DT  B N1    1 
ATOM 93   C C2    . DT  A 1 5   ? -15.61668 -8.22132  -4.89001  1.000 133.90511 ?  5   DT  B C2    1 
ATOM 94   O O2    . DT  A 1 5   ? -14.92174 -8.35346  -5.88385  1.000 136.17684 ?  5   DT  B O2    1 
ATOM 95   N N3    . DT  A 1 5   ? -16.82914 -7.57653  -4.93454  1.000 133.66023 ?  5   DT  B N3    1 
ATOM 96   C C4    . DT  A 1 5   ? -17.70423 -7.36361  -3.88203  1.000 133.39772 ?  5   DT  B C4    1 
ATOM 97   O O4    . DT  A 1 5   ? -18.77334 -6.76912  -4.02262  1.000 133.18701 ?  5   DT  B O4    1 
ATOM 98   C C5    . DT  A 1 5   ? -17.27328 -7.88777  -2.60444  1.000 127.56067 ?  5   DT  B C5    1 
ATOM 99   C C7    . DT  A 1 5   ? -18.14097 -7.71483  -1.39563  1.000 116.94096 ?  5   DT  B C7    1 
ATOM 100  C C6    . DT  A 1 5   ? -16.08613 -8.52165  -2.54320  1.000 124.80807 ?  5   DT  B C6    1 
ATOM 101  P P     . DT  A 1 6   ? -9.53354  -9.19639  -3.44706  1.000 123.94380 ?  6   DT  B P     1 
ATOM 102  O OP1   . DT  A 1 6   ? -8.47042  -10.12588 -3.91468  1.000 104.75688 ?  6   DT  B OP1   1 
ATOM 103  O OP2   . DT  A 1 6   ? -9.33237  -8.42200  -2.19948  1.000 138.40700 ?  6   DT  B OP2   1 
ATOM 104  O "O5'" . DT  A 1 6   ? -9.89640  -8.16738  -4.62530  1.000 110.77790 ?  6   DT  B "O5'" 1 
ATOM 105  C "C5'" . DT  A 1 6   ? -10.19030 -8.66666  -5.92359  1.000 112.61048 ?  6   DT  B "C5'" 1 
ATOM 106  C "C4'" . DT  A 1 6   ? -10.82428 -7.59861  -6.80876  1.000 133.93992 ?  6   DT  B "C4'" 1 
ATOM 107  O "O4'" . DT  A 1 6   ? -12.12863 -7.22511  -6.30262  1.000 141.51916 ?  6   DT  B "O4'" 1 
ATOM 108  C "C3'" . DT  A 1 6   ? -10.03451 -6.28968  -6.96303  1.000 120.53212 ?  6   DT  B "C3'" 1 
ATOM 109  O "O3'" . DT  A 1 6   ? -9.75458  -6.06285  -8.35687  1.000 116.37345 ?  6   DT  B "O3'" 1 
ATOM 110  C "C2'" . DT  A 1 6   ? -10.97736 -5.21303  -6.37359  1.000 110.11858 ?  6   DT  B "C2'" 1 
ATOM 111  C "C1'" . DT  A 1 6   ? -12.33904 -5.86184  -6.56746  1.000 123.03721 ?  6   DT  B "C1'" 1 
ATOM 112  N N1    . DT  A 1 6   ? -13.42137 -5.38126  -5.64846  1.000 118.12537 ?  6   DT  B N1    1 
ATOM 113  C C2    . DT  A 1 6   ? -14.58862 -4.88502  -6.18989  1.000 128.40964 ?  6   DT  B C2    1 
ATOM 114  O O2    . DT  A 1 6   ? -14.77201 -4.76344  -7.39079  1.000 133.60915 ?  6   DT  B O2    1 
ATOM 115  N N3    . DT  A 1 6   ? -15.52884 -4.49923  -5.26968  1.000 127.83783 ?  6   DT  B N3    1 
ATOM 116  C C4    . DT  A 1 6   ? -15.43419 -4.58206  -3.89161  1.000 134.35936 ?  6   DT  B C4    1 
ATOM 117  O O4    . DT  A 1 6   ? -16.33888 -4.21138  -3.14346  1.000 136.66928 ?  6   DT  B O4    1 
ATOM 118  C C5    . DT  A 1 6   ? -14.19563 -5.13160  -3.39032  1.000 129.90280 ?  6   DT  B C5    1 
ATOM 119  C C7    . DT  A 1 6   ? -13.97868 -5.26475  -1.90957  1.000 116.48133 ?  6   DT  B C7    1 
ATOM 120  C C6    . DT  A 1 6   ? -13.26237 -5.50832  -4.28311  1.000 120.34046 ?  6   DT  B C6    1 
ATOM 121  P P     . DG  A 1 7   ? -8.60933  -5.02437  -8.79280  1.000 125.70254 ?  7   DG  B P     1 
ATOM 122  O OP1   . DG  A 1 7   ? -7.56680  -5.69339  -9.61453  1.000 130.29096 ?  7   DG  B OP1   1 
ATOM 123  O OP2   . DG  A 1 7   ? -8.23498  -4.36271  -7.51628  1.000 131.19372 ?  7   DG  B OP2   1 
ATOM 124  O "O5'" . DG  A 1 7   ? -9.39861  -3.98322  -9.71266  1.000 96.02381  ?  7   DG  B "O5'" 1 
ATOM 125  C "C5'" . DG  A 1 7   ? -10.48943 -3.27890  -9.16031  1.000 105.26613 ?  7   DG  B "C5'" 1 
ATOM 126  C "C4'" . DG  A 1 7   ? -11.29389 -2.57447  -10.22532 1.000 110.67210 ?  7   DG  B "C4'" 1 
ATOM 127  O "O4'" . DG  A 1 7   ? -12.67881 -2.56529  -9.80443  1.000 132.89039 ?  7   DG  B "O4'" 1 
ATOM 128  C "C3'" . DG  A 1 7   ? -10.94628 -1.10755  -10.40753 1.000 140.46788 ?  7   DG  B "C3'" 1 
ATOM 129  O "O3'" . DG  A 1 7   ? -11.45702 -0.62056  -11.66369 1.000 125.58977 ?  7   DG  B "O3'" 1 
ATOM 130  C "C2'" . DG  A 1 7   ? -11.68302 -0.49858  -9.21525  1.000 145.58399 ?  7   DG  B "C2'" 1 
ATOM 131  C "C1'" . DG  A 1 7   ? -12.98279 -1.31386  -9.21040  1.000 120.77074 ?  7   DG  B "C1'" 1 
ATOM 132  N N9    . DG  A 1 7   ? -13.53624 -1.53935  -7.87244  1.000 124.72310 ?  7   DG  B N9    1 
ATOM 133  C C8    . DG  A 1 7   ? -12.91363 -2.13958  -6.80059  1.000 134.01358 ?  7   DG  B C8    1 
ATOM 134  N N7    . DG  A 1 7   ? -13.65971 -2.18372  -5.72482  1.000 139.35438 ?  7   DG  B N7    1 
ATOM 135  C C5    . DG  A 1 7   ? -14.85343 -1.58613  -6.11043  1.000 133.97051 ?  7   DG  B C5    1 
ATOM 136  C C6    . DG  A 1 7   ? -16.04009 -1.35458  -5.36967  1.000 134.74362 ?  7   DG  B C6    1 
ATOM 137  O O6    . DG  A 1 7   ? -16.27923 -1.64261  -4.18696  1.000 130.59293 ?  7   DG  B O6    1 
ATOM 138  N N1    . DG  A 1 7   ? -17.00848 -0.71624  -6.13836  1.000 144.15882 ?  7   DG  B N1    1 
ATOM 139  C C2    . DG  A 1 7   ? -16.85245 -0.34596  -7.45386  1.000 150.50834 ?  7   DG  B C2    1 
ATOM 140  N N2    . DG  A 1 7   ? -17.90353 0.25868   -8.02695  1.000 162.48827 ?  7   DG  B N2    1 
ATOM 141  N N3    . DG  A 1 7   ? -15.74950 -0.56122  -8.16196  1.000 142.08144 ?  7   DG  B N3    1 
ATOM 142  C C4    . DG  A 1 7   ? -14.79323 -1.18167  -7.42810  1.000 134.01694 ?  7   DG  B C4    1 
ATOM 143  P P     . DT  A 1 8   ? -10.91306 0.76153   -12.29847 1.000 158.97488 ?  8   DT  B P     1 
ATOM 144  O OP1   . DT  A 1 8   ? -10.41620 0.46818   -13.66228 1.000 136.64071 ?  8   DT  B OP1   1 
ATOM 145  O OP2   . DT  A 1 8   ? -10.00149 1.41371   -11.32358 1.000 132.08168 ?  8   DT  B OP2   1 
ATOM 146  O "O5'" . DT  A 1 8   ? -12.22810 1.66828   -12.42204 1.000 111.50715 ?  8   DT  B "O5'" 1 
ATOM 147  C "C5'" . DT  A 1 8   ? -13.05312 1.87051   -11.27698 1.000 124.03337 ?  8   DT  B "C5'" 1 
ATOM 148  C "C4'" . DT  A 1 8   ? -14.28342 2.68548   -11.61549 1.000 132.84311 ?  8   DT  B "C4'" 1 
ATOM 149  O "O4'" . DT  A 1 8   ? -15.27437 2.48263   -10.57572 1.000 145.22775 ?  8   DT  B "O4'" 1 
ATOM 150  C "C3'" . DT  A 1 8   ? -14.06743 4.18917   -11.63745 1.000 131.95535 ?  8   DT  B "C3'" 1 
ATOM 151  O "O3'" . DT  A 1 8   ? -15.11935 4.82699   -12.37035 1.000 117.00118 ?  8   DT  B "O3'" 1 
ATOM 152  C "C2'" . DT  A 1 8   ? -14.15904 4.51283   -10.15273 1.000 139.38951 ?  8   DT  B "C2'" 1 
ATOM 153  C "C1'" . DT  A 1 8   ? -15.33776 3.63520   -9.74869  1.000 130.86627 ?  8   DT  B "C1'" 1 
ATOM 154  N N1    . DT  A 1 8   ? -15.29356 3.20258   -8.34031  1.000 133.67652 ?  8   DT  B N1    1 
ATOM 155  C C2    . DT  A 1 8   ? -16.39707 3.40192   -7.54534  1.000 136.83270 ?  8   DT  B C2    1 
ATOM 156  O O2    . DT  A 1 8   ? -17.42441 3.92191   -7.94578  1.000 137.81080 ?  8   DT  B O2    1 
ATOM 157  N N3    . DT  A 1 8   ? -16.25620 2.96974   -6.25432  1.000 135.01907 ?  8   DT  B N3    1 
ATOM 158  C C4    . DT  A 1 8   ? -15.14448 2.36956   -5.69163  1.000 135.70571 ?  8   DT  B C4    1 
ATOM 159  O O4    . DT  A 1 8   ? -15.11633 2.01052   -4.51864  1.000 139.64137 ?  8   DT  B O4    1 
ATOM 160  C C5    . DT  A 1 8   ? -14.01988 2.19100   -6.58207  1.000 130.69036 ?  8   DT  B C5    1 
ATOM 161  C C7    . DT  A 1 8   ? -12.75971 1.54742   -6.08382  1.000 124.12077 ?  8   DT  B C7    1 
ATOM 162  C C6    . DT  A 1 8   ? -14.14667 2.61204   -7.84949  1.000 129.51123 ?  8   DT  B C6    1 
ATOM 163  P P     . DT  A 1 9   ? -14.86664 6.25963   -13.05299 1.000 156.61126 ?  9   DT  B P     1 
ATOM 164  O OP1   . DT  A 1 9   ? -15.20483 6.15939   -14.49272 1.000 168.76142 ?  9   DT  B OP1   1 
ATOM 165  O OP2   . DT  A 1 9   ? -13.51671 6.69015   -12.62099 1.000 138.39381 ?  9   DT  B OP2   1 
ATOM 166  O "O5'" . DT  A 1 9   ? -15.91880 7.21311   -12.32776 1.000 127.95982 ?  9   DT  B "O5'" 1 
ATOM 167  C "C5'" . DT  A 1 9   ? -15.82714 7.41075   -10.93405 1.000 130.16967 ?  9   DT  B "C5'" 1 
ATOM 168  C "C4'" . DT  A 1 9   ? -17.16881 7.78490   -10.35221 1.000 137.08343 ?  9   DT  B "C4'" 1 
ATOM 169  O "O4'" . DT  A 1 9   ? -17.43956 6.93266   -9.20801  1.000 129.43607 ?  9   DT  B "O4'" 1 
ATOM 170  C "C3'" . DT  A 1 9   ? -17.25276 9.22547   -9.84981  1.000 153.18818 ?  9   DT  B "C3'" 1 
ATOM 171  O "O3'" . DT  A 1 9   ? -18.54014 9.77243   -10.09332 1.000 153.57277 ?  9   DT  B "O3'" 1 
ATOM 172  C "C2'" . DT  A 1 9   ? -16.96598 9.09333   -8.35751  1.000 153.48226 ?  9   DT  B "C2'" 1 
ATOM 173  C "C1'" . DT  A 1 9   ? -17.52601 7.71219   -8.02802  1.000 139.27364 ?  9   DT  B "C1'" 1 
ATOM 174  N N1    . DT  A 1 9   ? -16.76852 7.02907   -6.93628  1.000 132.56328 ?  9   DT  B N1    1 
ATOM 175  C C2    . DT  A 1 9   ? -17.44171 6.62274   -5.80299  1.000 137.28203 ?  9   DT  B C2    1 
ATOM 176  O O2    . DT  A 1 9   ? -18.64457 6.77003   -5.64779  1.000 136.57675 ?  9   DT  B O2    1 
ATOM 177  N N3    . DT  A 1 9   ? -16.65629 6.01966   -4.85721  1.000 128.00549 ?  9   DT  B N3    1 
ATOM 178  C C4    . DT  A 1 9   ? -15.29205 5.79721   -4.92421  1.000 134.70129 ?  9   DT  B C4    1 
ATOM 179  O O4    . DT  A 1 9   ? -14.67277 5.24488   -4.01983  1.000 140.61199 ?  9   DT  B O4    1 
ATOM 180  C C5    . DT  A 1 9   ? -14.64603 6.25763   -6.13437  1.000 133.14952 ?  9   DT  B C5    1 
ATOM 181  C C7    . DT  A 1 9   ? -13.17059 6.07039   -6.31872  1.000 137.01484 ?  9   DT  B C7    1 
ATOM 182  C C6    . DT  A 1 9   ? -15.40414 6.84668   -7.06940  1.000 124.06220 ?  9   DT  B C6    1 
ATOM 183  P P     . DT  A 1 10  ? -18.74682 11.36953  -10.17194 1.000 166.25590 ?  10  DT  B P     1 
ATOM 184  O OP1   . DT  A 1 10  ? -19.21013 11.69966  -11.53769 1.000 165.07573 ?  10  DT  B OP1   1 
ATOM 185  O OP2   . DT  A 1 10  ? -17.57131 12.06708  -9.59478  1.000 152.52692 ?  10  DT  B OP2   1 
ATOM 186  O "O5'" . DT  A 1 10  ? -19.96431 11.63209  -9.18299  1.000 130.29153 ?  10  DT  B "O5'" 1 
ATOM 187  C "C5'" . DT  A 1 10  ? -20.54181 10.55147  -8.48875  1.000 148.04838 ?  10  DT  B "C5'" 1 
ATOM 188  C "C4'" . DT  A 1 10  ? -20.80824 10.93784  -7.05556  1.000 129.07164 ?  10  DT  B "C4'" 1 
ATOM 189  O "O4'" . DT  A 1 10  ? -19.90759 10.22386  -6.19154  1.000 110.85346 ?  10  DT  B "O4'" 1 
ATOM 190  C "C3'" . DT  A 1 10  ? -20.60381 12.42155  -6.74599  1.000 154.47857 ?  10  DT  B "C3'" 1 
ATOM 191  O "O3'" . DT  A 1 10  ? -21.80843 12.96794  -6.24707  1.000 166.25630 ?  10  DT  B "O3'" 1 
ATOM 192  C "C2'" . DT  A 1 10  ? -19.48765 12.43727  -5.68982  1.000 163.34860 ?  10  DT  B "C2'" 1 
ATOM 193  C "C1'" . DT  A 1 10  ? -19.59458 11.04420  -5.10432  1.000 145.60108 ?  10  DT  B "C1'" 1 
ATOM 194  N N1    . DT  A 1 10  ? -18.34033 10.55003  -4.52847  1.000 153.90668 ?  10  DT  B N1    1 
ATOM 195  C C2    . DT  A 1 10  ? -18.35428 9.95851   -3.28631  1.000 145.21352 ?  10  DT  B C2    1 
ATOM 196  O O2    . DT  A 1 10  ? -19.36534 9.83258   -2.61415  1.000 133.40643 ?  10  DT  B O2    1 
ATOM 197  N N3    . DT  A 1 10  ? -17.13289 9.51958   -2.85281  1.000 143.12326 ?  10  DT  B N3    1 
ATOM 198  C C4    . DT  A 1 10  ? -15.92711 9.60936   -3.52725  1.000 151.26108 ?  10  DT  B C4    1 
ATOM 199  O O4    . DT  A 1 10  ? -14.87804 9.18541   -3.05357  1.000 147.48201 ?  10  DT  B O4    1 
ATOM 200  C C5    . DT  A 1 10  ? -15.98986 10.23987  -4.82676  1.000 154.87008 ?  10  DT  B C5    1 
ATOM 201  C C7    . DT  A 1 10  ? -14.74752 10.39744  -5.65401  1.000 139.85654 ?  10  DT  B C7    1 
ATOM 202  C C6    . DT  A 1 10  ? -17.18057 10.67096  -5.25761  1.000 154.41787 ?  10  DT  B C6    1 
ATOM 203  P P     . DA  A 1 11  ? -21.89918 14.53237  -5.90107  1.000 163.27219 ?  11  DA  B P     1 
ATOM 204  O OP1   . DA  A 1 11  ? -23.28115 14.97568  -6.19726  1.000 169.61243 ?  11  DA  B OP1   1 
ATOM 205  O OP2   . DA  A 1 11  ? -20.74266 15.21068  -6.53918  1.000 130.02178 ?  11  DA  B OP2   1 
ATOM 206  O "O5'" . DA  A 1 11  ? -21.68764 14.57101  -4.32137  1.000 153.74429 ?  11  DA  B "O5'" 1 
ATOM 207  C "C5'" . DA  A 1 11  ? -22.48278 13.74251  -3.47914  1.000 139.77460 ?  11  DA  B "C5'" 1 
ATOM 208  C "C4'" . DA  A 1 11  ? -21.97186 13.80259  -2.05125  1.000 153.96265 ?  11  DA  B "C4'" 1 
ATOM 209  O "O4'" . DA  A 1 11  ? -20.75216 13.01236  -1.92214  1.000 163.53577 ?  11  DA  B "O4'" 1 
ATOM 210  C "C3'" . DA  A 1 11  ? -21.61199 15.20628  -1.55269  1.000 162.17840 ?  11  DA  B "C3'" 1 
ATOM 211  O "O3'" . DA  A 1 11  ? -22.03602 15.34885  -0.21614  1.000 162.99307 ?  11  DA  B "O3'" 1 
ATOM 212  C "C2'" . DA  A 1 11  ? -20.08730 15.21951  -1.65212  1.000 151.52220 ?  11  DA  B "C2'" 1 
ATOM 213  C "C1'" . DA  A 1 11  ? -19.77757 13.78919  -1.25625  1.000 159.92017 ?  11  DA  B "C1'" 1 
ATOM 214  N N9    . DA  A 1 11  ? -18.44074 13.34153  -1.65220  1.000 161.47026 ?  11  DA  B N9    1 
ATOM 215  C C8    . DA  A 1 11  ? -17.85573 13.46544  -2.88720  1.000 157.05422 ?  11  DA  B C8    1 
ATOM 216  N N7    . DA  A 1 11  ? -16.63862 12.97210  -2.95121  1.000 154.17997 ?  11  DA  B N7    1 
ATOM 217  C C5    . DA  A 1 11  ? -16.40432 12.49655  -1.66780  1.000 160.24107 ?  11  DA  B C5    1 
ATOM 218  C C6    . DA  A 1 11  ? -15.29111 11.85576  -1.08099  1.000 157.73504 ?  11  DA  B C6    1 
ATOM 219  N N6    . DA  A 1 11  ? -14.16038 11.58107  -1.75230  1.000 154.11424 ?  11  DA  B N6    1 
ATOM 220  N N1    . DA  A 1 11  ? -15.38525 11.50819  0.22611   1.000 152.57743 ?  11  DA  B N1    1 
ATOM 221  C C2    . DA  A 1 11  ? -16.51912 11.78461  0.89279   1.000 148.51601 ?  11  DA  B C2    1 
ATOM 222  N N3    . DA  A 1 11  ? -17.62708 12.38327  0.45065   1.000 144.70815 ?  11  DA  B N3    1 
ATOM 223  C C4    . DA  A 1 11  ? -17.50423 12.71706  -0.85174  1.000 157.63836 ?  11  DA  B C4    1 
ATOM 224  P P     . DC  A 1 12  ? -22.19558 16.80832  0.43095   1.000 184.51705 ?  12  DC  B P     1 
ATOM 225  O OP1   . DC  A 1 12  ? -23.52266 17.31463  0.02040   1.000 187.14074 ?  12  DC  B OP1   1 
ATOM 226  O OP2   . DC  A 1 12  ? -20.98666 17.60397  0.11339   1.000 157.95422 ?  12  DC  B OP2   1 
ATOM 227  O "O5'" . DC  A 1 12  ? -22.20037 16.51740  2.00433   1.000 172.29184 ?  12  DC  B "O5'" 1 
ATOM 228  C "C5'" . DC  A 1 12  ? -21.66118 15.29497  2.50066   1.000 161.59691 ?  12  DC  B "C5'" 1 
ATOM 229  C "C4'" . DC  A 1 12  ? -20.55149 15.55687  3.50810   1.000 164.51498 ?  12  DC  B "C4'" 1 
ATOM 230  O "O4'" . DC  A 1 12  ? -19.31870 14.92876  3.05294   1.000 163.35823 ?  12  DC  B "O4'" 1 
ATOM 231  C "C3'" . DC  A 1 12  ? -20.21504 17.03903  3.74078   1.000 169.57754 ?  12  DC  B "C3'" 1 
ATOM 232  O "O3'" . DC  A 1 12  ? -20.07863 17.30002  5.14359   1.000 178.51889 ?  12  DC  B "O3'" 1 
ATOM 233  C "C2'" . DC  A 1 12  ? -18.88846 17.21130  3.00437   1.000 159.41242 ?  12  DC  B "C2'" 1 
ATOM 234  C "C1'" . DC  A 1 12  ? -18.26047 15.84463  3.21024   1.000 146.98028 ?  12  DC  B "C1'" 1 
ATOM 235  N N1    . DC  A 1 12  ? -17.18221 15.53602  2.22778   1.000 143.60389 ?  12  DC  B N1    1 
ATOM 236  C C2    . DC  A 1 12  ? -16.08879 14.74025  2.61466   1.000 146.51743 ?  12  DC  B C2    1 
ATOM 237  O O2    . DC  A 1 12  ? -16.04727 14.27822  3.76643   1.000 140.30648 ?  12  DC  B O2    1 
ATOM 238  N N3    . DC  A 1 12  ? -15.10871 14.48804  1.70712   1.000 152.20455 ?  12  DC  B N3    1 
ATOM 239  C C4    . DC  A 1 12  ? -15.18833 14.99752  0.47341   1.000 158.33754 ?  12  DC  B C4    1 
ATOM 240  N N4    . DC  A 1 12  ? -14.19573 14.71712  -0.38431  1.000 165.93721 ?  12  DC  B N4    1 
ATOM 241  C C5    . DC  A 1 12  ? -16.28781 15.81858  0.06664   1.000 150.51176 ?  12  DC  B C5    1 
ATOM 242  C C6    . DC  A 1 12  ? -17.24794 16.06284  0.96832   1.000 143.54213 ?  12  DC  B C6    1 
ATOM 243  P P     . DT  A 1 13  ? -20.09687 18.80697  5.71598   1.000 189.52363 ?  13  DT  B P     1 
ATOM 244  O OP1   . DT  A 1 13  ? -21.29082 18.94579  6.57528   1.000 167.96523 ?  13  DT  B OP1   1 
ATOM 245  O OP2   . DT  A 1 13  ? -19.81012 19.78032  4.63288   1.000 152.56158 ?  13  DT  B OP2   1 
ATOM 246  O "O5'" . DT  A 1 13  ? -18.83346 18.84945  6.67073   1.000 154.90806 ?  13  DT  B "O5'" 1 
ATOM 247  C "C5'" . DT  A 1 13  ? -17.56778 18.58418  6.13568   1.000 147.95583 ?  13  DT  B "C5'" 1 
ATOM 248  C "C4'" . DT  A 1 13  ? -16.70383 17.87234  7.14806   1.000 150.76423 ?  13  DT  B "C4'" 1 
ATOM 249  O "O4'" . DT  A 1 13  ? -15.78767 17.00250  6.45086   1.000 148.37983 ?  13  DT  B "O4'" 1 
ATOM 250  C "C3'" . DT  A 1 13  ? -15.82023 18.78332  7.97978   1.000 158.39061 ?  13  DT  B "C3'" 1 
ATOM 251  O "O3'" . DT  A 1 13  ? -15.44371 18.12815  9.18415   1.000 168.04685 ?  13  DT  B "O3'" 1 
ATOM 252  C "C2'" . DT  A 1 13  ? -14.62726 18.98928  7.05203   1.000 137.55692 ?  13  DT  B "C2'" 1 
ATOM 253  C "C1'" . DT  A 1 13  ? -14.52206 17.62907  6.35130   1.000 141.67954 ?  13  DT  B "C1'" 1 
ATOM 254  N N1    . DT  A 1 13  ? -14.15329 17.73626  4.91205   1.000 130.12248 ?  13  DT  B N1    1 
ATOM 255  C C2    . DT  A 1 13  ? -13.05276 17.04666  4.44919   1.000 135.69547 ?  13  DT  B C2    1 
ATOM 256  O O2    . DT  A 1 13  ? -12.36131 16.33159  5.15884   1.000 137.82986 ?  13  DT  B O2    1 
ATOM 257  N N3    . DT  A 1 13  ? -12.78882 17.21848  3.11369   1.000 131.78895 ?  13  DT  B N3    1 
ATOM 258  C C4    . DT  A 1 13  ? -13.49332 17.99973  2.21453   1.000 128.03245 ?  13  DT  B C4    1 
ATOM 259  O O4    . DT  A 1 13  ? -13.17285 18.09117  1.02808   1.000 123.03350 ?  13  DT  B O4    1 
ATOM 260  C C5    . DT  A 1 13  ? -14.63313 18.70019  2.76666   1.000 121.27298 ?  13  DT  B C5    1 
ATOM 261  C C7    . DT  A 1 13  ? -15.47140 19.57739  1.88833   1.000 122.44894 ?  13  DT  B C7    1 
ATOM 262  C C6    . DT  A 1 13  ? -14.90573 18.53783  4.07208   1.000 113.28338 ?  13  DT  B C6    1 
ATOM 263  P P     . DC  A 1 14  ? -14.90517 18.98007  10.43920  1.000 174.73945 ?  14  DC  B P     1 
ATOM 264  O OP1   . DC  A 1 14  ? -15.12412 18.14773  11.64437  1.000 160.51442 ?  14  DC  B OP1   1 
ATOM 265  O OP2   . DC  A 1 14  ? -15.46643 20.35036  10.38143  1.000 119.62692 ?  14  DC  B OP2   1 
ATOM 266  O "O5'" . DC  A 1 14  ? -13.34156 19.15242  10.15482  1.000 138.00172 ?  14  DC  B "O5'" 1 
ATOM 267  C "C5'" . DC  A 1 14  ? -12.54811 18.03844  9.76063   1.000 141.07253 ?  14  DC  B "C5'" 1 
ATOM 268  C "C4'" . DC  A 1 14  ? -11.20094 18.52138  9.26446   1.000 140.33678 ?  14  DC  B "C4'" 1 
ATOM 269  O "O4'" . DC  A 1 14  ? -11.17073 18.51120  7.80934   1.000 119.49706 ?  14  DC  B "O4'" 1 
ATOM 270  C "C3'" . DC  A 1 14  ? -10.84932 19.95770  9.68164   1.000 141.26056 ?  14  DC  B "C3'" 1 
ATOM 271  O "O3'" . DC  A 1 14  ? -9.53200  20.00078  10.18544  1.000 123.04876 ?  14  DC  B "O3'" 1 
ATOM 272  C "C2'" . DC  A 1 14  ? -10.96585 20.73686  8.37328   1.000 132.15535 ?  14  DC  B "C2'" 1 
ATOM 273  C "C1'" . DC  A 1 14  ? -10.52167 19.67894  7.38380   1.000 128.42672 ?  14  DC  B "C1'" 1 
ATOM 274  N N1    . DC  A 1 14  ? -10.90799 19.97933  5.99203   1.000 125.38103 ?  14  DC  B N1    1 
ATOM 275  C C2    . DC  A 1 14  ? -10.16046 19.44770  4.92664   1.000 128.75045 ?  14  DC  B C2    1 
ATOM 276  O O2    . DC  A 1 14  ? -9.19776  18.70705  5.16945   1.000 131.28747 ?  14  DC  B O2    1 
ATOM 277  N N3    . DC  A 1 14  ? -10.52448 19.75218  3.65472   1.000 127.94093 ?  14  DC  B N3    1 
ATOM 278  C C4    . DC  A 1 14  ? -11.56975 20.55590  3.43435   1.000 136.91273 ?  14  DC  B C4    1 
ATOM 279  N N4    . DC  A 1 14  ? -11.89169 20.82858  2.16424   1.000 150.14832 ?  14  DC  B N4    1 
ATOM 280  C C5    . DC  A 1 14  ? -12.33193 21.11592  4.50804   1.000 122.87066 ?  14  DC  B C5    1 
ATOM 281  C C6    . DC  A 1 14  ? -11.96477 20.80739  5.75661   1.000 124.33575 ?  14  DC  B C6    1 
ATOM 282  P P     . DG  B 2 1   ? -4.16671  19.28325  -7.21775  1.000 168.69880 ?  1   DG  C P     1 
ATOM 283  O OP1   . DG  B 2 1   ? -4.55925  18.25280  -8.20810  1.000 202.44071 ?  1   DG  C OP1   1 
ATOM 284  O OP2   . DG  B 2 1   ? -4.68850  20.66280  -7.32322  1.000 127.50318 ?  1   DG  C OP2   1 
ATOM 285  O "O5'" . DG  B 2 1   ? -4.54366  18.75039  -5.76138  1.000 147.43208 ?  1   DG  C "O5'" 1 
ATOM 286  C "C5'" . DG  B 2 1   ? -4.38657  17.38411  -5.44033  1.000 161.57487 ?  1   DG  C "C5'" 1 
ATOM 287  C "C4'" . DG  B 2 1   ? -3.94807  17.24501  -3.99874  1.000 157.97281 ?  1   DG  C "C4'" 1 
ATOM 288  O "O4'" . DG  B 2 1   ? -4.69787  18.18328  -3.17207  1.000 120.94314 ?  1   DG  C "O4'" 1 
ATOM 289  C "C3'" . DG  B 2 1   ? -4.16725  15.86103  -3.38147  1.000 166.73856 ?  1   DG  C "C3'" 1 
ATOM 290  O "O3'" . DG  B 2 1   ? -3.07146  15.52929  -2.53623  1.000 168.24165 ?  1   DG  C "O3'" 1 
ATOM 291  C "C2'" . DG  B 2 1   ? -5.45243  16.04834  -2.57972  1.000 162.82997 ?  1   DG  C "C2'" 1 
ATOM 292  C "C1'" . DG  B 2 1   ? -5.30467  17.48672  -2.10501  1.000 142.81470 ?  1   DG  C "C1'" 1 
ATOM 293  N N9    . DG  B 2 1   ? -6.58116  18.11969  -1.79751  1.000 135.67634 ?  1   DG  C N9    1 
ATOM 294  C C8    . DG  B 2 1   ? -7.45441  18.70186  -2.68387  1.000 135.49092 ?  1   DG  C C8    1 
ATOM 295  N N7    . DG  B 2 1   ? -8.53486  19.17599  -2.11384  1.000 133.07648 ?  1   DG  C N7    1 
ATOM 296  C C5    . DG  B 2 1   ? -8.36477  18.88689  -0.76738  1.000 135.83421 ?  1   DG  C C5    1 
ATOM 297  C C6    . DG  B 2 1   ? -9.20821  19.15989  0.33815   1.000 125.19219 ?  1   DG  C C6    1 
ATOM 298  O O6    . DG  B 2 1   ? -10.30628 19.73507  0.34197   1.000 118.68995 ?  1   DG  C O6    1 
ATOM 299  N N1    . DG  B 2 1   ? -8.66218  18.69125  1.53146   1.000 121.64432 ?  1   DG  C N1    1 
ATOM 300  C C2    . DG  B 2 1   ? -7.45378  18.04296  1.63971   1.000 137.33978 ?  1   DG  C C2    1 
ATOM 301  N N2    . DG  B 2 1   ? -7.09108  17.66589  2.87273   1.000 140.77802 ?  1   DG  C N2    1 
ATOM 302  N N3    . DG  B 2 1   ? -6.65368  17.78226  0.61233   1.000 137.98449 ?  1   DG  C N3    1 
ATOM 303  C C4    . DG  B 2 1   ? -7.16977  18.23263  -0.55624  1.000 139.20328 ?  1   DG  C C4    1 
ATOM 304  P P     . DA  B 2 2   ? -2.82993  14.01264  -2.06294  1.000 160.22114 ?  2   DA  C P     1 
ATOM 305  O OP1   . DA  B 2 2   ? -1.56452  13.54317  -2.66926  1.000 169.15677 ?  2   DA  C OP1   1 
ATOM 306  O OP2   . DA  B 2 2   ? -4.08909  13.25402  -2.25625  1.000 146.28112 ?  2   DA  C OP2   1 
ATOM 307  O "O5'" . DA  B 2 2   ? -2.58799  14.14919  -0.49459  1.000 149.06042 ?  2   DA  C "O5'" 1 
ATOM 308  C "C5'" . DA  B 2 2   ? -3.59413  14.70506  0.31809   1.000 149.15160 ?  2   DA  C "C5'" 1 
ATOM 309  C "C4'" . DA  B 2 2   ? -3.68820  13.97983  1.64480   1.000 159.23951 ?  2   DA  C "C4'" 1 
ATOM 310  O "O4'" . DA  B 2 2   ? -4.88030  14.41923  2.32104   1.000 155.21332 ?  2   DA  C "O4'" 1 
ATOM 311  C "C3'" . DA  B 2 2   ? -3.82575  12.46405  1.55269   1.000 139.12712 ?  2   DA  C "C3'" 1 
ATOM 312  O "O3'" . DA  B 2 2   ? -3.34491  11.84243  2.75915   1.000 142.60817 ?  2   DA  C "O3'" 1 
ATOM 313  C "C2'" . DA  B 2 2   ? -5.32950  12.26916  1.37436   1.000 115.29777 ?  2   DA  C "C2'" 1 
ATOM 314  C "C1'" . DA  B 2 2   ? -5.93241  13.50741  2.05830   1.000 130.58740 ?  2   DA  C "C1'" 1 
ATOM 315  N N9    . DA  B 2 2   ? -6.96231  14.17176  1.24889   1.000 136.33634 ?  2   DA  C N9    1 
ATOM 316  C C8    . DA  B 2 2   ? -6.99654  14.30126  -0.12083  1.000 127.80545 ?  2   DA  C C8    1 
ATOM 317  N N7    . DA  B 2 2   ? -8.06358  14.92917  -0.56830  1.000 134.06866 ?  2   DA  C N7    1 
ATOM 318  C C5    . DA  B 2 2   ? -8.78200  15.22562  0.58361   1.000 144.48120 ?  2   DA  C C5    1 
ATOM 319  C C6    . DA  B 2 2   ? -10.01218 15.88637  0.79533   1.000 142.08233 ?  2   DA  C C6    1 
ATOM 320  N N6    . DA  B 2 2   ? -10.76200 16.38854  -0.19710  1.000 131.74471 ?  2   DA  C N6    1 
ATOM 321  N N1    . DA  B 2 2   ? -10.44323 16.00916  2.07318   1.000 137.72339 ?  2   DA  C N1    1 
ATOM 322  C C2    . DA  B 2 2   ? -9.69035  15.50692  3.06700   1.000 129.09345 ?  2   DA  C C2    1 
ATOM 323  N N3    . DA  B 2 2   ? -8.52068  14.87251  2.99310   1.000 129.43492 ?  2   DA  C N3    1 
ATOM 324  C C4    . DA  B 2 2   ? -8.11812  14.76158  1.71125   1.000 141.29317 ?  2   DA  C C4    1 
ATOM 325  P P     . DG  B 2 3   ? -3.57765  10.27101  3.02216   1.000 119.02389 ?  3   DG  C P     1 
ATOM 326  O OP1   . DG  B 2 3   ? -2.55681  9.77746   3.98458   1.000 109.03257 ?  3   DG  C OP1   1 
ATOM 327  O OP2   . DG  B 2 3   ? -3.74080  9.61185   1.69834   1.000 116.65078 ?  3   DG  C OP2   1 
ATOM 328  O "O5'" . DG  B 2 3   ? -4.93675  10.25025  3.85838   1.000 116.02603 ?  3   DG  C "O5'" 1 
ATOM 329  C "C5'" . DG  B 2 3   ? -4.97772  10.96132  5.10294   1.000 117.59312 ?  3   DG  C "C5'" 1 
ATOM 330  C "C4'" . DG  B 2 3   ? -6.31655  10.79714  5.78988   1.000 135.37219 ?  3   DG  C "C4'" 1 
ATOM 331  O "O4'" . DG  B 2 3   ? -7.32616  11.57074  5.07970   1.000 129.29062 ?  3   DG  C "O4'" 1 
ATOM 332  C "C3'" . DG  B 2 3   ? -6.84240  9.36172   5.85242   1.000 123.85028 ?  3   DG  C "C3'" 1 
ATOM 333  O "O3'" . DG  B 2 3   ? -7.46169  9.12042   7.12415   1.000 124.51754 ?  3   DG  C "O3'" 1 
ATOM 334  C "C2'" . DG  B 2 3   ? -7.85391  9.32436   4.70305   1.000 119.76591 ?  3   DG  C "C2'" 1 
ATOM 335  C "C1'" . DG  B 2 3   ? -8.41605  10.73541  4.74944   1.000 106.68784 ?  3   DG  C "C1'" 1 
ATOM 336  N N9    . DG  B 2 3   ? -8.98728  11.18578  3.47957   1.000 115.27891 ?  3   DG  C N9    1 
ATOM 337  C C8    . DG  B 2 3   ? -8.42754  11.07655  2.22449   1.000 122.89631 ?  3   DG  C C8    1 
ATOM 338  N N7    . DG  B 2 3   ? -9.17674  11.57584  1.27177   1.000 126.36655 ?  3   DG  C N7    1 
ATOM 339  C C5    . DG  B 2 3   ? -10.30054 12.04858  1.93453   1.000 128.79240 ?  3   DG  C C5    1 
ATOM 340  C C6    . DG  B 2 3   ? -11.45674 12.69351  1.42524   1.000 133.31195 ?  3   DG  C C6    1 
ATOM 341  O O6    . DG  B 2 3   ? -11.72642 12.98476  0.24445   1.000 127.52215 ?  3   DG  C O6    1 
ATOM 342  N N1    . DG  B 2 3   ? -12.35642 13.00435  2.44414   1.000 136.23603 ?  3   DG  C N1    1 
ATOM 343  C C2    . DG  B 2 3   ? -12.16836 12.73092  3.78259   1.000 127.78305 ?  3   DG  C C2    1 
ATOM 344  N N2    . DG  B 2 3   ? -13.15659 13.11192  4.60664   1.000 129.36256 ?  3   DG  C N2    1 
ATOM 345  N N3    . DG  B 2 3   ? -11.09067 12.12874  4.27631   1.000 115.93278 ?  3   DG  C N3    1 
ATOM 346  C C4    . DG  B 2 3   ? -10.20086 11.81510  3.29752   1.000 124.30899 ?  3   DG  C C4    1 
ATOM 347  P P     . DT  B 2 4   ? -7.95646  7.64134   7.52368   1.000 125.31819 ?  4   DT  C P     1 
ATOM 348  O OP1   . DT  B 2 4   ? -7.31990  7.24591   8.80372   1.000 112.07312 ?  4   DT  C OP1   1 
ATOM 349  O OP2   . DT  B 2 4   ? -7.75890  6.77894   6.33550   1.000 116.48867 ?  4   DT  C OP2   1 
ATOM 350  O "O5'" . DT  B 2 4   ? -9.52814  7.82195   7.77940   1.000 119.32504 ?  4   DT  C "O5'" 1 
ATOM 351  C "C5'" . DT  B 2 4   ? -10.22788 8.91649   7.19034   1.000 121.34618 ?  4   DT  C "C5'" 1 
ATOM 352  C "C4'" . DT  B 2 4   ? -11.71814 8.79835   7.43172   1.000 119.52407 ?  4   DT  C "C4'" 1 
ATOM 353  O "O4'" . DT  B 2 4   ? -12.43727 9.52164   6.39638   1.000 110.72033 ?  4   DT  C "O4'" 1 
ATOM 354  C "C3'" . DT  B 2 4   ? -12.25910 7.38007   7.39141   1.000 140.53444 ?  4   DT  C "C3'" 1 
ATOM 355  O "O3'" . DT  B 2 4   ? -13.38011 7.28367   8.23053   1.000 146.18052 ?  4   DT  C "O3'" 1 
ATOM 356  C "C2'" . DT  B 2 4   ? -12.64085 7.21551   5.92544   1.000 144.00740 ?  4   DT  C "C2'" 1 
ATOM 357  C "C1'" . DT  B 2 4   ? -13.13705 8.61400   5.56741   1.000 130.68166 ?  4   DT  C "C1'" 1 
ATOM 358  N N1    . DT  B 2 4   ? -12.88487 8.97258   4.14073   1.000 115.88185 ?  4   DT  C N1    1 
ATOM 359  C C2    . DT  B 2 4   ? -13.79340 9.76142   3.46503   1.000 132.09892 ?  4   DT  C C2    1 
ATOM 360  O O2    . DT  B 2 4   ? -14.80367 10.21220  3.97790   1.000 150.56088 ?  4   DT  C O2    1 
ATOM 361  N N3    . DT  B 2 4   ? -13.47132 10.01300  2.15593   1.000 124.58878 ?  4   DT  C N3    1 
ATOM 362  C C4    . DT  B 2 4   ? -12.36049 9.56141   1.46585   1.000 119.28745 ?  4   DT  C C4    1 
ATOM 363  O O4    . DT  B 2 4   ? -12.15702 9.84372   0.28535   1.000 127.60979 ?  4   DT  C O4    1 
ATOM 364  C C5    . DT  B 2 4   ? -11.45388 8.73653   2.23024   1.000 103.46047 ?  4   DT  C C5    1 
ATOM 365  C C7    . DT  B 2 4   ? -10.21636 8.18709   1.58645   1.000 101.53955 ?  4   DT  C C7    1 
ATOM 366  C C6    . DT  B 2 4   ? -11.75721 8.48331   3.51478   1.000 101.41010 ?  4   DT  C C6    1 
ATOM 367  P P     . DA  B 2 5   ? -14.00426 5.85125   8.59887   1.000 154.69119 ?  5   DA  C P     1 
ATOM 368  O OP1   . DA  B 2 5   ? -13.99069 5.77314   10.07750  1.000 151.53355 ?  5   DA  C OP1   1 
ATOM 369  O OP2   . DA  B 2 5   ? -13.34184 4.78876   7.80147   1.000 121.03965 ?  5   DA  C OP2   1 
ATOM 370  O "O5'" . DA  B 2 5   ? -15.50732 5.97249   8.07678   1.000 131.02651 ?  5   DA  C "O5'" 1 
ATOM 371  C "C5'" . DA  B 2 5   ? -16.18238 7.22669   8.15786   1.000 132.72889 ?  5   DA  C "C5'" 1 
ATOM 372  C "C4'" . DA  B 2 5   ? -17.22874 7.33507   7.06870   1.000 141.76241 ?  5   DA  C "C4'" 1 
ATOM 373  O "O4'" . DA  B 2 5   ? -16.59279 7.70209   5.82368   1.000 119.93365 ?  5   DA  C "O4'" 1 
ATOM 374  C "C3'" . DA  B 2 5   ? -17.98966 6.03452   6.79355   1.000 159.41447 ?  5   DA  C "C3'" 1 
ATOM 375  O "O3'" . DA  B 2 5   ? -19.34880 6.16115   7.17186   1.000 160.62350 ?  5   DA  C "O3'" 1 
ATOM 376  C "C2'" . DA  B 2 5   ? -17.84445 5.79717   5.28366   1.000 145.59174 ?  5   DA  C "C2'" 1 
ATOM 377  C "C1'" . DA  B 2 5   ? -17.31001 7.12432   4.76589   1.000 144.17155 ?  5   DA  C "C1'" 1 
ATOM 378  N N9    . DA  B 2 5   ? -16.42039 6.95822   3.63137   1.000 142.96325 ?  5   DA  C N9    1 
ATOM 379  C C8    . DA  B 2 5   ? -15.23306 6.27827   3.60122   1.000 135.87738 ?  5   DA  C C8    1 
ATOM 380  N N7    . DA  B 2 5   ? -14.65295 6.28496   2.42244   1.000 125.24663 ?  5   DA  C N7    1 
ATOM 381  C C5    . DA  B 2 5   ? -15.52449 7.01263   1.62835   1.000 134.36384 ?  5   DA  C C5    1 
ATOM 382  C C6    . DA  B 2 5   ? -15.48804 7.38253   0.26788   1.000 131.41750 ?  5   DA  C C6    1 
ATOM 383  N N6    . DA  B 2 5   ? -14.48847 7.05204   -0.55962  1.000 126.88537 ?  5   DA  C N6    1 
ATOM 384  N N1    . DA  B 2 5   ? -16.52196 8.11178   -0.20945  1.000 134.40379 ?  5   DA  C N1    1 
ATOM 385  C C2    . DA  B 2 5   ? -17.51778 8.44360   0.62371   1.000 146.34460 ?  5   DA  C C2    1 
ATOM 386  N N3    . DA  B 2 5   ? -17.65930 8.15590   1.91756   1.000 149.91445 ?  5   DA  C N3    1 
ATOM 387  C C4    . DA  B 2 5   ? -16.61944 7.43185   2.36082   1.000 144.15231 ?  5   DA  C C4    1 
ATOM 388  P P     . DA  B 2 6   ? -20.31558 4.87917   7.09743   1.000 129.56559 ?  6   DA  C P     1 
ATOM 389  O OP1   . DA  B 2 6   ? -21.44043 5.08919   8.04042   1.000 116.62951 ?  6   DA  C OP1   1 
ATOM 390  O OP2   . DA  B 2 6   ? -19.45753 3.67332   7.21629   1.000 138.16701 ?  6   DA  C OP2   1 
ATOM 391  O "O5'" . DA  B 2 6   ? -20.89534 4.94059   5.61045   1.000 117.76218 ?  6   DA  C "O5'" 1 
ATOM 392  C "C5'" . DA  B 2 6   ? -21.44584 6.15884   5.12582   1.000 133.66460 ?  6   DA  C "C5'" 1 
ATOM 393  C "C4'" . DA  B 2 6   ? -21.79788 6.03601   3.65714   1.000 141.40033 ?  6   DA  C "C4'" 1 
ATOM 394  O "O4'" . DA  B 2 6   ? -20.59563 6.13806   2.84066   1.000 145.12130 ?  6   DA  C "O4'" 1 
ATOM 395  C "C3'" . DA  B 2 6   ? -22.46131 4.71024   3.26294   1.000 153.36861 ?  6   DA  C "C3'" 1 
ATOM 396  O "O3'" . DA  B 2 6   ? -23.63738 4.96081   2.53471   1.000 154.46557 ?  6   DA  C "O3'" 1 
ATOM 397  C "C2'" . DA  B 2 6   ? -21.40526 4.03023   2.38906   1.000 144.35640 ?  6   DA  C "C2'" 1 
ATOM 398  C "C1'" . DA  B 2 6   ? -20.72750 5.23606   1.77446   1.000 132.53686 ?  6   DA  C "C1'" 1 
ATOM 399  N N9    . DA  B 2 6   ? -19.41672 4.93833   1.21390   1.000 131.68898 ?  6   DA  C N9    1 
ATOM 400  C C8    . DA  B 2 6   ? -18.38802 4.27867   1.82754   1.000 136.53161 ?  6   DA  C C8    1 
ATOM 401  N N7    . DA  B 2 6   ? -17.32380 4.13303   1.06798   1.000 133.48789 ?  6   DA  C N7    1 
ATOM 402  C C5    . DA  B 2 6   ? -17.68372 4.73434   -0.12861  1.000 132.98393 ?  6   DA  C C5    1 
ATOM 403  C C6    . DA  B 2 6   ? -16.99382 4.91338   -1.34522  1.000 126.53151 ?  6   DA  C C6    1 
ATOM 404  N N6    . DA  B 2 6   ? -15.74385 4.47863   -1.54765  1.000 129.98408 ?  6   DA  C N6    1 
ATOM 405  N N1    . DA  B 2 6   ? -17.64063 5.55659   -2.34796  1.000 108.17018 ?  6   DA  C N1    1 
ATOM 406  C C2    . DA  B 2 6   ? -18.89271 5.98734   -2.13697  1.000 109.72946 ?  6   DA  C C2    1 
ATOM 407  N N3    . DA  B 2 6   ? -19.64345 5.87665   -1.03698  1.000 121.82453 ?  6   DA  C N3    1 
ATOM 408  C C4    . DA  B 2 6   ? -18.97273 5.23241   -0.05983  1.000 130.51262 ?  6   DA  C C4    1 
ATOM 409  P P     . DA  B 2 7   ? -24.75706 3.81725   2.41116   1.000 153.17727 ?  7   DA  C P     1 
ATOM 410  O OP1   . DA  B 2 7   ? -25.47158 3.79010   3.71002   1.000 135.62837 ?  7   DA  C OP1   1 
ATOM 411  O OP2   . DA  B 2 7   ? -24.11556 2.57783   1.90641   1.000 146.25788 ?  7   DA  C OP2   1 
ATOM 412  O "O5'" . DA  B 2 7   ? -25.71960 4.36261   1.25490   1.000 167.40977 ?  7   DA  C "O5'" 1 
ATOM 413  C "C5'" . DA  B 2 7   ? -25.38795 5.57539   0.56081   1.000 149.42893 ?  7   DA  C "C5'" 1 
ATOM 414  C "C4'" . DA  B 2 7   ? -25.27118 5.33028   -0.93640  1.000 150.37268 ?  7   DA  C "C4'" 1 
ATOM 415  O "O4'" . DA  B 2 7   ? -23.86810 5.18334   -1.30456  1.000 138.65449 ?  7   DA  C "O4'" 1 
ATOM 416  C "C3'" . DA  B 2 7   ? -25.97824 4.06344   -1.44771  1.000 167.04677 ?  7   DA  C "C3'" 1 
ATOM 417  O "O3'" . DA  B 2 7   ? -26.67272 4.33843   -2.65791  1.000 174.15643 ?  7   DA  C "O3'" 1 
ATOM 418  C "C2'" . DA  B 2 7   ? -24.81946 3.10293   -1.68651  1.000 164.16151 ?  7   DA  C "C2'" 1 
ATOM 419  C "C1'" . DA  B 2 7   ? -23.74300 4.06163   -2.14801  1.000 146.83853 ?  7   DA  C "C1'" 1 
ATOM 420  N N9    . DA  B 2 7   ? -22.40611 3.49817   -2.02754  1.000 134.81328 ?  7   DA  C N9    1 
ATOM 421  C C8    . DA  B 2 7   ? -21.87341 2.86094   -0.93931  1.000 136.05842 ?  7   DA  C C8    1 
ATOM 422  N N7    . DA  B 2 7   ? -20.64636 2.43090   -1.12670  1.000 132.17860 ?  7   DA  C N7    1 
ATOM 423  C C5    . DA  B 2 7   ? -20.36193 2.79730   -2.43251  1.000 129.04257 ?  7   DA  C C5    1 
ATOM 424  C C6    . DA  B 2 7   ? -19.21821 2.62679   -3.23925  1.000 129.42330 ?  7   DA  C C6    1 
ATOM 425  N N6    . DA  B 2 7   ? -18.10223 2.01322   -2.81829  1.000 121.23629 ?  7   DA  C N6    1 
ATOM 426  N N1    . DA  B 2 7   ? -19.26652 3.11276   -4.50170  1.000 137.62115 ?  7   DA  C N1    1 
ATOM 427  C C2    . DA  B 2 7   ? -20.38552 3.72685   -4.91966  1.000 136.74138 ?  7   DA  C C2    1 
ATOM 428  N N3    . DA  B 2 7   ? -21.51955 3.94381   -4.25406  1.000 136.25843 ?  7   DA  C N3    1 
ATOM 429  C C4    . DA  B 2 7   ? -21.44084 3.44996   -3.00494  1.000 132.10744 ?  7   DA  C C4    1 
ATOM 430  P P     . DC  B 2 8   ? -27.60137 3.21310   -3.33518  1.000 162.61699 ?  8   DC  C P     1 
ATOM 431  O OP1   . DC  B 2 8   ? -28.95866 3.79052   -3.43527  1.000 167.81341 ?  8   DC  C OP1   1 
ATOM 432  O OP2   . DC  B 2 8   ? -27.41863 1.93274   -2.61155  1.000 139.25433 ?  8   DC  C OP2   1 
ATOM 433  O "O5'" . DC  B 2 8   ? -26.98783 3.03420   -4.80713  1.000 125.24155 ?  8   DC  C "O5'" 1 
ATOM 434  C "C5'" . DC  B 2 8   ? -25.83154 3.77196   -5.20214  1.000 148.82519 ?  8   DC  C "C5'" 1 
ATOM 435  C "C4'" . DC  B 2 8   ? -25.09068 3.05793   -6.32063  1.000 154.06758 ?  8   DC  C "C4'" 1 
ATOM 436  O "O4'" . DC  B 2 8   ? -23.74145 2.71099   -5.88316  1.000 170.66920 ?  8   DC  C "O4'" 1 
ATOM 437  C "C3'" . DC  B 2 8   ? -25.73936 1.75007   -6.78601  1.000 170.57265 ?  8   DC  C "C3'" 1 
ATOM 438  O "O3'" . DC  B 2 8   ? -25.76928 1.70362   -8.20428  1.000 180.83773 ?  8   DC  C "O3'" 1 
ATOM 439  C "C2'" . DC  B 2 8   ? -24.82077 0.67417   -6.20274  1.000 166.16746 ?  8   DC  C "C2'" 1 
ATOM 440  C "C1'" . DC  B 2 8   ? -23.47332 1.37029   -6.24230  1.000 165.34550 ?  8   DC  C "C1'" 1 
ATOM 441  N N1    . DC  B 2 8   ? -22.47209 0.76604   -5.28569  1.000 159.90892 ?  8   DC  C N1    1 
ATOM 442  C C2    . DC  B 2 8   ? -21.13899 0.57495   -5.69277  1.000 156.28173 ?  8   DC  C C2    1 
ATOM 443  O O2    . DC  B 2 8   ? -20.79167 0.93632   -6.82728  1.000 162.48044 ?  8   DC  C O2    1 
ATOM 444  N N3    . DC  B 2 8   ? -20.26115 0.00855   -4.82226  1.000 148.01966 ?  8   DC  C N3    1 
ATOM 445  C C4    . DC  B 2 8   ? -20.66973 -0.37109  -3.60806  1.000 136.15230 ?  8   DC  C C4    1 
ATOM 446  N N4    . DC  B 2 8   ? -19.76715 -0.92440  -2.78821  1.000 132.38075 ?  8   DC  C N4    1 
ATOM 447  C C5    . DC  B 2 8   ? -22.02115 -0.19783  -3.17957  1.000 130.92683 ?  8   DC  C C5    1 
ATOM 448  C C6    . DC  B 2 8   ? -22.88166 0.36055   -4.04245  1.000 144.20011 ?  8   DC  C C6    1 
ATOM 449  P P     . DA  B 2 9   ? -26.37327 0.42633   -8.97794  1.000 183.33182 ?  9   DA  C P     1 
ATOM 450  O OP1   . DA  B 2 9   ? -27.39001 0.94655   -9.91973  1.000 158.68887 ?  9   DA  C OP1   1 
ATOM 451  O OP2   . DA  B 2 9   ? -26.76882 -0.62662  -8.01166  1.000 151.88597 ?  9   DA  C OP2   1 
ATOM 452  O "O5'" . DA  B 2 9   ? -25.13639 -0.09046  -9.84323  1.000 167.39184 ?  9   DA  C "O5'" 1 
ATOM 453  C "C5'" . DA  B 2 9   ? -24.45246 0.83699   -10.68251 1.000 180.05039 ?  9   DA  C "C5'" 1 
ATOM 454  C "C4'" . DA  B 2 9   ? -23.05629 0.35107   -11.01929 1.000 173.68633 ?  9   DA  C "C4'" 1 
ATOM 455  O "O4'" . DA  B 2 9   ? -22.30753 0.09450   -9.79703  1.000 169.28057 ?  9   DA  C "O4'" 1 
ATOM 456  C "C3'" . DA  B 2 9   ? -23.00373 -0.94359  -11.83043 1.000 168.03611 ?  9   DA  C "C3'" 1 
ATOM 457  O "O3'" . DA  B 2 9   ? -22.02486 -0.82440  -12.85491 1.000 173.90818 ?  9   DA  C "O3'" 1 
ATOM 458  C "C2'" . DA  B 2 9   ? -22.60433 -1.98641  -10.78727 1.000 161.08583 ?  9   DA  C "C2'" 1 
ATOM 459  C "C1'" . DA  B 2 9   ? -21.69002 -1.16711  -9.89452  1.000 161.79635 ?  9   DA  C "C1'" 1 
ATOM 460  N N9    . DA  B 2 9   ? -21.52836 -1.71920  -8.54959  1.000 160.31124 ?  9   DA  C N9    1 
ATOM 461  C C8    . DA  B 2 9   ? -22.46399 -1.74726  -7.55133  1.000 159.18413 ?  9   DA  C C8    1 
ATOM 462  N N7    . DA  B 2 9   ? -22.03893 -2.30739  -6.44011  1.000 151.52018 ?  9   DA  C N7    1 
ATOM 463  C C5    . DA  B 2 9   ? -20.73332 -2.67533  -6.72924  1.000 146.55060 ?  9   DA  C C5    1 
ATOM 464  C C6    . DA  B 2 9   ? -19.73659 -3.31907  -5.96549  1.000 138.17435 ?  9   DA  C C6    1 
ATOM 465  N N6    . DA  B 2 9   ? -19.92188 -3.71690  -4.69820  1.000 124.30118 ?  9   DA  C N6    1 
ATOM 466  N N1    . DA  B 2 9   ? -18.53883 -3.53738  -6.55653  1.000 139.90182 ?  9   DA  C N1    1 
ATOM 467  C C2    . DA  B 2 9   ? -18.36022 -3.13882  -7.82450  1.000 143.29375 ?  9   DA  C C2    1 
ATOM 468  N N3    . DA  B 2 9   ? -19.21955 -2.52568  -8.64084  1.000 149.07964 ?  9   DA  C N3    1 
ATOM 469  C C4    . DA  B 2 9   ? -20.39996 -2.32069  -8.02612  1.000 153.22733 ?  9   DA  C C4    1 
ATOM 470  P P     . DA  B 2 10  ? -22.09103 -1.76963  -14.15364 1.000 173.10192 ?  10  DA  C P     1 
ATOM 471  O OP1   . DA  B 2 10  ? -22.43134 -0.92352  -15.31795 1.000 170.11680 ?  10  DA  C OP1   1 
ATOM 472  O OP2   . DA  B 2 10  ? -22.91055 -2.95463  -13.81399 1.000 153.34563 ?  10  DA  C OP2   1 
ATOM 473  O "O5'" . DA  B 2 10  ? -20.59199 -2.27264  -14.32457 1.000 154.32102 ?  10  DA  C "O5'" 1 
ATOM 474  C "C5'" . DA  B 2 10  ? -19.88491 -2.70527  -13.19002 1.000 151.84864 ?  10  DA  C "C5'" 1 
ATOM 475  C "C4'" . DA  B 2 10  ? -18.51133 -3.20698  -13.56352 1.000 147.20685 ?  10  DA  C "C4'" 1 
ATOM 476  O "O4'" . DA  B 2 10  ? -17.86444 -3.70499  -12.37781 1.000 142.44241 ?  10  DA  C "O4'" 1 
ATOM 477  C "C3'" . DA  B 2 10  ? -18.49637 -4.38151  -14.52541 1.000 140.59879 ?  10  DA  C "C3'" 1 
ATOM 478  O "O3'" . DA  B 2 10  ? -17.22832 -4.44245  -15.19058 1.000 137.71263 ?  10  DA  C "O3'" 1 
ATOM 479  C "C2'" . DA  B 2 10  ? -18.71692 -5.57431  -13.58834 1.000 133.35923 ?  10  DA  C "C2'" 1 
ATOM 480  C "C1'" . DA  B 2 10  ? -18.11468 -5.09170  -12.25841 1.000 132.82455 ?  10  DA  C "C1'" 1 
ATOM 481  N N9    . DA  B 2 10  ? -18.98467 -5.31242  -11.10330 1.000 140.35600 ?  10  DA  C N9    1 
ATOM 482  C C8    . DA  B 2 10  ? -20.34643 -5.14049  -11.03336 1.000 140.47069 ?  10  DA  C C8    1 
ATOM 483  N N7    . DA  B 2 10  ? -20.85538 -5.41953  -9.85414  1.000 140.23609 ?  10  DA  C N7    1 
ATOM 484  C C5    . DA  B 2 10  ? -19.75478 -5.80513  -9.10290  1.000 141.22048 ?  10  DA  C C5    1 
ATOM 485  C C6    . DA  B 2 10  ? -19.61792 -6.22632  -7.76440  1.000 132.71058 ?  10  DA  C C6    1 
ATOM 486  N N6    . DA  B 2 10  ? -20.64853 -6.33224  -6.91656  1.000 135.55253 ?  10  DA  C N6    1 
ATOM 487  N N1    . DA  B 2 10  ? -18.37443 -6.53500  -7.32964  1.000 128.62017 ?  10  DA  C N1    1 
ATOM 488  C C2    . DA  B 2 10  ? -17.34307 -6.42578  -8.18119  1.000 130.97675 ?  10  DA  C C2    1 
ATOM 489  N N3    . DA  B 2 10  ? -17.34749 -6.04044  -9.45664  1.000 123.41740 ?  10  DA  C N3    1 
ATOM 490  C C4    . DA  B 2 10  ? -18.59556 -5.74135  -9.85920  1.000 137.62657 ?  10  DA  C C4    1 
ATOM 491  P P     . DA  B 2 11  ? -16.81116 -5.71093  -16.09238 1.000 145.69805 ?  11  DA  C P     1 
ATOM 492  O OP1   . DA  B 2 11  ? -15.84581 -5.21650  -17.10303 1.000 123.68892 ?  11  DA  C OP1   1 
ATOM 493  O OP2   . DA  B 2 11  ? -18.01459 -6.46342  -16.51164 1.000 162.67530 ?  11  DA  C OP2   1 
ATOM 494  O "O5'" . DA  B 2 11  ? -16.01076 -6.63777  -15.07862 1.000 136.91529 ?  11  DA  C "O5'" 1 
ATOM 495  C "C5'" . DA  B 2 11  ? -14.89955 -6.11068  -14.39531 1.000 140.99904 ?  11  DA  C "C5'" 1 
ATOM 496  C "C4'" . DA  B 2 11  ? -14.28486 -7.16080  -13.49639 1.000 143.34894 ?  11  DA  C "C4'" 1 
ATOM 497  O "O4'" . DA  B 2 11  ? -15.10729 -7.34007  -12.31909 1.000 138.35771 ?  11  DA  C "O4'" 1 
ATOM 498  C "C3'" . DA  B 2 11  ? -14.11133 -8.53938  -14.12818 1.000 121.89658 ?  11  DA  C "C3'" 1 
ATOM 499  O "O3'" . DA  B 2 11  ? -12.78175 -8.98517  -13.88974 1.000 124.99995 ?  11  DA  C "O3'" 1 
ATOM 500  C "C2'" . DA  B 2 11  ? -15.17147 -9.41007  -13.42181 1.000 121.10892 ?  11  DA  C "C2'" 1 
ATOM 501  C "C1'" . DA  B 2 11  ? -15.33012 -8.71031  -12.07774 1.000 124.72610 ?  11  DA  C "C1'" 1 
ATOM 502  N N9    . DA  B 2 11  ? -16.66240 -8.81348  -11.49272 1.000 131.27710 ?  11  DA  C N9    1 
ATOM 503  C C8    . DA  B 2 11  ? -17.85247 -8.48933  -12.09032 1.000 125.60097 ?  11  DA  C C8    1 
ATOM 504  N N7    . DA  B 2 11  ? -18.89690 -8.63094  -11.30664 1.000 100.59919 ?  11  DA  C N7    1 
ATOM 505  C C5    . DA  B 2 11  ? -18.35326 -9.06111  -10.10671 1.000 111.76833 ?  11  DA  C C5    1 
ATOM 506  C C6    . DA  B 2 11  ? -18.93610 -9.39508  -8.86874  1.000 114.20981 ?  11  DA  C C6    1 
ATOM 507  N N6    . DA  B 2 11  ? -20.25276 -9.33764  -8.64017  1.000 123.57152 ?  11  DA  C N6    1 
ATOM 508  N N1    . DA  B 2 11  ? -18.11207 -9.79876  -7.87430  1.000 115.14111 ?  11  DA  C N1    1 
ATOM 509  C C2    . DA  B 2 11  ? -16.79473 -9.84883  -8.10856  1.000 125.44162 ?  11  DA  C C2    1 
ATOM 510  N N3    . DA  B 2 11  ? -16.12923 -9.55973  -9.22849  1.000 130.25476 ?  11  DA  C N3    1 
ATOM 511  C C4    . DA  B 2 11  ? -16.97554 -9.16817  -10.19921 1.000 126.42254 ?  11  DA  C C4    1 
ATOM 512  P P     . DT  B 2 12  ? -12.30404 -10.44701 -14.34961 1.000 132.96473 ?  12  DT  C P     1 
ATOM 513  O OP1   . DT  B 2 12  ? -10.88997 -10.32730 -14.79248 1.000 128.55538 ?  12  DT  C OP1   1 
ATOM 514  O OP2   . DT  B 2 12  ? -13.31630 -10.97479 -15.29911 1.000 147.62765 ?  12  DT  C OP2   1 
ATOM 515  O "O5'" . DT  B 2 12  ? -12.37636 -11.28628 -12.98871 1.000 107.09953 ?  12  DT  C "O5'" 1 
ATOM 516  C "C5'" . DT  B 2 12  ? -11.94356 -10.69171 -11.76281 1.000 83.73966  ?  12  DT  C "C5'" 1 
ATOM 517  C "C4'" . DT  B 2 12  ? -12.27858 -11.59660 -10.59242 1.000 120.35384 ?  12  DT  C "C4'" 1 
ATOM 518  O "O4'" . DT  B 2 12  ? -13.67617 -11.45501 -10.25286 1.000 129.01229 ?  12  DT  C "O4'" 1 
ATOM 519  C "C3'" . DT  B 2 12  ? -12.03899 -13.10460 -10.83055 1.000 105.74434 ?  12  DT  C "C3'" 1 
ATOM 520  O "O3'" . DT  B 2 12  ? -11.08040 -13.59126 -9.87936  1.000 94.88066  ?  12  DT  C "O3'" 1 
ATOM 521  C "C2'" . DT  B 2 12  ? -13.42428 -13.74830 -10.65105 1.000 119.52414 ?  12  DT  C "C2'" 1 
ATOM 522  C "C1'" . DT  B 2 12  ? -14.16714 -12.70722 -9.82783  1.000 124.96953 ?  12  DT  C "C1'" 1 
ATOM 523  N N1    . DT  B 2 12  ? -15.64531 -12.72912 -10.02861 1.000 127.62442 ?  12  DT  C N1    1 
ATOM 524  C C2    . DT  B 2 12  ? -16.46762 -12.91930 -8.93784  1.000 128.46098 ?  12  DT  C C2    1 
ATOM 525  O O2    . DT  B 2 12  ? -16.04860 -13.07366 -7.79746  1.000 120.21263 ?  12  DT  C O2    1 
ATOM 526  N N3    . DT  B 2 12  ? -17.80579 -12.91125 -9.22432  1.000 137.03322 ?  12  DT  C N3    1 
ATOM 527  C C4    . DT  B 2 12  ? -18.39296 -12.74089 -10.46398 1.000 134.49496 ?  12  DT  C C4    1 
ATOM 528  O O4    . DT  B 2 12  ? -19.61418 -12.75090 -10.62124 1.000 114.89798 ?  12  DT  C O4    1 
ATOM 529  C C5    . DT  B 2 12  ? -17.47267 -12.55121 -11.56364 1.000 135.77886 ?  12  DT  C C5    1 
ATOM 530  C C7    . DT  B 2 12  ? -17.99404 -12.36031 -12.95415 1.000 137.48195 ?  12  DT  C C7    1 
ATOM 531  C C6    . DT  B 2 12  ? -16.16013 -12.55363 -11.29765 1.000 127.41506 ?  12  DT  C C6    1 
ATOM 532  P P     . DT  B 2 13  ? -10.82958 -15.16438 -9.64964  1.000 133.26671 ?  13  DT  C P     1 
ATOM 533  O OP1   . DT  B 2 13  ? -9.41483  -15.32682 -9.24348  1.000 124.60651 ?  13  DT  C OP1   1 
ATOM 534  O OP2   . DT  B 2 13  ? -11.33243 -15.95728 -10.79770 1.000 138.41167 ?  13  DT  C OP2   1 
ATOM 535  O "O5'" . DT  B 2 13  ? -11.72870 -15.49115 -8.37756  1.000 118.91621 ?  13  DT  C "O5'" 1 
ATOM 536  C "C5'" . DT  B 2 13  ? -11.57396 -16.73746 -7.74883  1.000 129.08439 ?  13  DT  C "C5'" 1 
ATOM 537  C "C4'" . DT  B 2 13  ? -12.53022 -16.88361 -6.59316  1.000 138.42030 ?  13  DT  C "C4'" 1 
ATOM 538  O "O4'" . DT  B 2 13  ? -13.80264 -16.26693 -6.93921  1.000 144.15819 ?  13  DT  C "O4'" 1 
ATOM 539  C "C3'" . DT  B 2 13  ? -12.86067 -18.33481 -6.23866  1.000 150.14065 ?  13  DT  C "C3'" 1 
ATOM 540  O "O3'" . DT  B 2 13  ? -13.15351 -18.44554 -4.85206  1.000 141.13492 ?  13  DT  C "O3'" 1 
ATOM 541  C "C2'" . DT  B 2 13  ? -14.10583 -18.58578 -7.07202  1.000 150.81111 ?  13  DT  C "C2'" 1 
ATOM 542  C "C1'" . DT  B 2 13  ? -14.81794 -17.25727 -6.87401  1.000 153.59033 ?  13  DT  C "C1'" 1 
ATOM 543  N N1    . DT  B 2 13  ? -15.86216 -16.98381 -7.89779  1.000 140.71043 ?  13  DT  C N1    1 
ATOM 544  C C2    . DT  B 2 13  ? -17.16670 -16.82290 -7.48371  1.000 131.67811 ?  13  DT  C C2    1 
ATOM 545  O O2    . DT  B 2 13  ? -17.50631 -16.86493 -6.31117  1.000 131.05377 ?  13  DT  C O2    1 
ATOM 546  N N3    . DT  B 2 13  ? -18.06247 -16.59350 -8.49127  1.000 118.08242 ?  13  DT  C N3    1 
ATOM 547  C C4    . DT  B 2 13  ? -17.79247 -16.52048 -9.84582  1.000 129.94455 ?  13  DT  C C4    1 
ATOM 548  O O4    . DT  B 2 13  ? -18.67019 -16.30876 -10.67793 1.000 141.56202 ?  13  DT  C O4    1 
ATOM 549  C C5    . DT  B 2 13  ? -16.40596 -16.71488 -10.21573 1.000 130.18079 ?  13  DT  C C5    1 
ATOM 550  C C7    . DT  B 2 13  ? -15.99847 -16.66076 -11.65523 1.000 133.77133 ?  13  DT  C C7    1 
ATOM 551  C C6    . DT  B 2 13  ? -15.51712 -16.94282 -9.23778  1.000 125.17392 ?  13  DT  C C6    1 
ATOM 552  P P     . DT  B 2 14  ? -12.04646 -18.95767 -3.80303  1.000 139.31146 ?  14  DT  C P     1 
ATOM 553  O OP1   . DT  B 2 14  ? -12.04811 -17.50472 -3.48606  1.000 171.49730 ?  14  DT  C OP1   1 
ATOM 554  O OP2   . DT  B 2 14  ? -11.45818 -19.70840 -4.94945  1.000 105.31597 ?  14  DT  C OP2   1 
ATOM 555  O "O5'" . DT  B 2 14  ? -13.00636 -19.83179 -2.86001  1.000 147.32612 ?  14  DT  C "O5'" 1 
ATOM 556  C "C5'" . DT  B 2 14  ? -13.99140 -20.68212 -3.44045  1.000 162.89736 ?  14  DT  C "C5'" 1 
ATOM 557  C "C4'" . DT  B 2 14  ? -15.36371 -20.38434 -2.86852  1.000 154.25802 ?  14  DT  C "C4'" 1 
ATOM 558  O "O4'" . DT  B 2 14  ? -16.19526 -19.76908 -3.89012  1.000 147.45165 ?  14  DT  C "O4'" 1 
ATOM 559  C "C3'" . DT  B 2 14  ? -16.12978 -21.60772 -2.36964  1.000 152.54691 ?  14  DT  C "C3'" 1 
ATOM 560  O "O3'" . DT  B 2 14  ? -16.77571 -21.30105 -1.12632  1.000 132.96786 ?  14  DT  C "O3'" 1 
ATOM 561  C "C2'" . DT  B 2 14  ? -17.13117 -21.88305 -3.50351  1.000 157.49871 ?  14  DT  C "C2'" 1 
ATOM 562  C "C1'" . DT  B 2 14  ? -17.41514 -20.47207 -4.00452  1.000 147.22584 ?  14  DT  C "C1'" 1 
ATOM 563  N N1    . DT  B 2 14  ? -17.89227 -20.37278 -5.44553  1.000 124.88970 ?  14  DT  C N1    1 
ATOM 564  C C2    . DT  B 2 14  ? -19.21280 -20.05427 -5.70073  1.000 119.60185 ?  14  DT  C C2    1 
ATOM 565  O O2    . DT  B 2 14  ? -20.04304 -19.87645 -4.82134  1.000 106.98366 ?  14  DT  C O2    1 
ATOM 566  N N3    . DT  B 2 14  ? -19.53456 -19.95911 -7.03235  1.000 118.19617 ?  14  DT  C N3    1 
ATOM 567  C C4    . DT  B 2 14  ? -18.68890 -20.13455 -8.11522  1.000 120.23261 ?  14  DT  C C4    1 
ATOM 568  O O4    . DT  B 2 14  ? -19.07875 -20.03973 -9.28578  1.000 109.14229 ?  14  DT  C O4    1 
ATOM 569  C C5    . DT  B 2 14  ? -17.32146 -20.46050 -7.78015  1.000 121.33952 ?  14  DT  C C5    1 
ATOM 570  C C7    . DT  B 2 14  ? -16.31757 -20.67619 -8.87473  1.000 135.56302 ?  14  DT  C C7    1 
ATOM 571  C C6    . DT  B 2 14  ? -16.99038 -20.55683 -6.47715  1.000 118.06009 ?  14  DT  C C6    1 
ATOM 572  N N     . PRO C 3 81  ? -1.62713  8.39663   18.89289  1.000 164.93440 ?  322 PRO A N     1 
ATOM 573  C CA    . PRO C 3 81  ? -1.37988  9.48569   17.94256  1.000 155.95287 ?  322 PRO A CA    1 
ATOM 574  C C     . PRO C 3 81  ? -0.55103  9.04164   16.73441  1.000 155.77457 ?  322 PRO A C     1 
ATOM 575  O O     . PRO C 3 81  ? -0.76081  7.93567   16.23170  1.000 138.26125 ?  322 PRO A O     1 
ATOM 576  C CB    . PRO C 3 81  ? -0.62946  10.51859  18.79226  1.000 146.73550 ?  322 PRO A CB    1 
ATOM 577  C CG    . PRO C 3 81  ? 0.09660   9.70741   19.80614  1.000 138.50279 ?  322 PRO A CG    1 
ATOM 578  C CD    . PRO C 3 81  ? -0.74535  8.47737   20.07135  1.000 147.96073 ?  322 PRO A CD    1 
ATOM 579  N N     . GLU C 3 82  ? 0.37901   9.88050   16.28257  1.000 161.38412 ?  323 GLU A N     1 
ATOM 580  C CA    . GLU C 3 82  ? 1.22278   9.58202   15.12771  1.000 152.11985 ?  323 GLU A CA    1 
ATOM 581  C C     . GLU C 3 82  ? 2.69427   9.57492   15.55645  1.000 147.27191 ?  323 GLU A C     1 
ATOM 582  O O     . GLU C 3 82  ? 3.02647   9.83153   16.72358  1.000 101.34095 ?  323 GLU A O     1 
ATOM 583  C CB    . GLU C 3 82  ? 0.96856   10.59291  14.00367  1.000 142.75621 ?  323 GLU A CB    1 
ATOM 584  C CG    . GLU C 3 82  ? -0.37502  10.41661  13.28558  1.000 141.62539 ?  323 GLU A CG    1 
ATOM 585  C CD    . GLU C 3 82  ? -0.34388  10.88947  11.84071  1.000 149.96879 ?  323 GLU A CD    1 
ATOM 586  O OE1   . GLU C 3 82  ? 0.76710   11.11019  11.31061  1.000 139.32059 ?  323 GLU A OE1   1 
ATOM 587  O OE2   . GLU C 3 82  ? -1.42811  11.04045  11.23558  1.000 160.64025 ?  323 GLU A OE2   1 
ATOM 588  N N     . PHE C 3 83  ? 3.57804   9.32334   14.58443  1.000 144.73775 ?  324 PHE A N     1 
ATOM 589  C CA    . PHE C 3 83  ? 4.95229   8.93408   14.88776  1.000 123.08248 ?  324 PHE A CA    1 
ATOM 590  C C     . PHE C 3 83  ? 5.63863   9.96320   15.77294  1.000 141.55021 ?  324 PHE A C     1 
ATOM 591  O O     . PHE C 3 83  ? 5.58763   11.16829  15.50635  1.000 171.62058 ?  324 PHE A O     1 
ATOM 592  C CB    . PHE C 3 83  ? 5.74291   8.75133   13.59571  1.000 95.38818  ?  324 PHE A CB    1 
ATOM 593  N N     . PHE C 3 84  ? 6.29052   9.46903   16.82867  1.000 131.34951 ?  325 PHE A N     1 
ATOM 594  C CA    . PHE C 3 84  ? 6.78786   10.32544  17.89491  1.000 154.03373 ?  325 PHE A CA    1 
ATOM 595  C C     . PHE C 3 84  ? 8.05513   11.07464  17.51298  1.000 164.84281 ?  325 PHE A C     1 
ATOM 596  O O     . PHE C 3 84  ? 8.37920   12.08223  18.15110  1.000 150.33361 ?  325 PHE A O     1 
ATOM 597  C CB    . PHE C 3 84  ? 7.02946   9.47757   19.13940  1.000 123.79172 ?  325 PHE A CB    1 
ATOM 598  C CG    . PHE C 3 84  ? 8.25390   8.62537   19.05293  1.000 111.39494 ?  325 PHE A CG    1 
ATOM 599  C CD1   . PHE C 3 84  ? 8.31515   7.56959   18.15955  1.000 121.70208 ?  325 PHE A CD1   1 
ATOM 600  C CD2   . PHE C 3 84  ? 9.32510   8.84507   19.89960  1.000 118.57220 ?  325 PHE A CD2   1 
ATOM 601  C CE1   . PHE C 3 84  ? 9.43842   6.77609   18.07865  1.000 132.89462 ?  325 PHE A CE1   1 
ATOM 602  C CE2   . PHE C 3 84  ? 10.45012  8.04986   19.83183  1.000 127.98605 ?  325 PHE A CE2   1 
ATOM 603  C CZ    . PHE C 3 84  ? 10.50730  7.01058   18.91670  1.000 130.94028 ?  325 PHE A CZ    1 
ATOM 604  N N     . HIS C 3 85  ? 8.77589   10.61071  16.49421  1.000 162.81965 ?  326 HIS A N     1 
ATOM 605  C CA    . HIS C 3 85  ? 10.04053  11.22382  16.10749  1.000 156.65210 ?  326 HIS A CA    1 
ATOM 606  C C     . HIS C 3 85  ? 10.33523  11.03847  14.62925  1.000 150.82161 ?  326 HIS A C     1 
ATOM 607  O O     . HIS C 3 85  ? 9.46564   11.23864  13.77805  1.000 128.66469 ?  326 HIS A O     1 
ATOM 608  C CB    . HIS C 3 85  ? 11.19060  10.63511  16.92936  1.000 166.58752 ?  326 HIS A CB    1 
ATOM 609  C CG    . HIS C 3 85  ? 11.48261  11.37578  18.19634  1.000 170.66251 ?  326 HIS A CG    1 
ATOM 610  N ND1   . HIS C 3 85  ? 10.53089  11.60661  19.16890  1.000 173.29471 ?  326 HIS A ND1   1 
ATOM 611  C CD2   . HIS C 3 85  ? 12.62896  11.93312  18.65572  1.000 148.91293 ?  326 HIS A CD2   1 
ATOM 612  C CE1   . HIS C 3 85  ? 11.07820  12.27403  20.16694  1.000 162.64211 ?  326 HIS A CE1   1 
ATOM 613  N NE2   . HIS C 3 85  ? 12.35202  12.48591  19.88099  1.000 138.20159 ?  326 HIS A NE2   1 
ATOM 614  N N     . ASN C 3 86  ? 11.57634  10.67000  14.32670  1.000 145.03865 ?  327 ASN A N     1 
ATOM 615  C CA    . ASN C 3 86  ? 12.02902  10.45160  12.96328  1.000 143.68996 ?  327 ASN A CA    1 
ATOM 616  C C     . ASN C 3 86  ? 12.27448  8.98677   12.66329  1.000 154.17721 ?  327 ASN A C     1 
ATOM 617  O O     . ASN C 3 86  ? 12.89044  8.68488   11.63500  1.000 154.12708 ?  327 ASN A O     1 
ATOM 618  C CB    . ASN C 3 86  ? 13.32342  11.21110  12.68785  1.000 159.80728 ?  327 ASN A CB    1 
ATOM 619  C CG    . ASN C 3 86  ? 13.08492  12.63186  12.29467  1.000 183.21987 ?  327 ASN A CG    1 
ATOM 620  O OD1   . ASN C 3 86  ? 12.95255  12.95937  11.11723  1.000 200.24278 ?  327 ASN A OD1   1 
ATOM 621  N ND2   . ASN C 3 86  ? 13.08683  13.51062  13.29119  1.000 168.14700 ?  327 ASN A ND2   1 
ATOM 622  N N     . MET C 3 87  ? 11.82286  8.07935   13.53365  1.000 156.65320 ?  328 MET A N     1 
ATOM 623  C CA    . MET C 3 87  ? 12.26985  6.69667   13.47349  1.000 131.99285 ?  328 MET A CA    1 
ATOM 624  C C     . MET C 3 87  ? 11.92729  6.13385   12.10449  1.000 116.65833 ?  328 MET A C     1 
ATOM 625  O O     . MET C 3 87  ? 10.93479  6.53017   11.49236  1.000 141.19075 ?  328 MET A O     1 
ATOM 626  C CB    . MET C 3 87  ? 11.62837  5.88087   14.60357  1.000 101.82368 ?  328 MET A CB    1 
ATOM 627  C CG    . MET C 3 87  ? 12.61841  5.47835   15.71128  1.000 82.82392  ?  328 MET A CG    1 
ATOM 628  N N     . ASP C 3 88  ? 12.81319  5.28829   11.58122  1.000 112.20125 ?  329 ASP A N     1 
ATOM 629  C CA    . ASP C 3 88  ? 12.62713  4.68086   10.26291  1.000 159.93723 ?  329 ASP A CA    1 
ATOM 630  C C     . ASP C 3 88  ? 11.72261  3.44417   10.29305  1.000 165.43339 ?  329 ASP A C     1 
ATOM 631  O O     . ASP C 3 88  ? 10.83907  3.33136   11.15048  1.000 168.10465 ?  329 ASP A O     1 
ATOM 632  C CB    . ASP C 3 88  ? 13.99395  4.34771   9.65649   1.000 166.68348 ?  329 ASP A CB    1 
ATOM 633  C CG    . ASP C 3 88  ? 14.71858  3.27104   10.43662  1.000 180.11694 ?  329 ASP A CG    1 
ATOM 634  O OD1   . ASP C 3 88  ? 14.38334  3.10147   11.63333  1.000 185.45340 ?  329 ASP A OD1   1 
ATOM 635  O OD2   . ASP C 3 88  ? 15.56577  2.56307   9.85032   1.000 183.35233 ?  329 ASP A OD2   1 
ATOM 636  N N     . TYR C 3 89  ? 11.91137  2.50873   9.35928   1.000 134.20517 ?  330 TYR A N     1 
ATOM 637  C CA    . TYR C 3 89  ? 10.92487  1.44955   9.16401   1.000 138.29741 ?  330 TYR A CA    1 
ATOM 638  C C     . TYR C 3 89  ? 10.82394  0.44698   10.30809  1.000 131.17591 ?  330 TYR A C     1 
ATOM 639  O O     . TYR C 3 89  ? 11.04384  -0.75613  10.10969  1.000 90.24042  ?  330 TYR A O     1 
ATOM 640  C CB    . TYR C 3 89  ? 11.19801  0.70250   7.85366   1.000 127.22682 ?  330 TYR A CB    1 
ATOM 641  C CG    . TYR C 3 89  ? 10.50039  1.32804   6.67454   1.000 144.12950 ?  330 TYR A CG    1 
ATOM 642  C CD1   . TYR C 3 89  ? 9.69816   2.45912   6.84114   1.000 125.55368 ?  330 TYR A CD1   1 
ATOM 643  C CD2   . TYR C 3 89  ? 10.57124  0.74559   5.41134   1.000 141.63918 ?  330 TYR A CD2   1 
ATOM 644  C CE1   . TYR C 3 89  ? 9.03490   3.02011   5.76555   1.000 122.67453 ?  330 TYR A CE1   1 
ATOM 645  C CE2   . TYR C 3 89  ? 9.90446   1.29207   4.33176   1.000 148.00073 ?  330 TYR A CE2   1 
ATOM 646  C CZ    . TYR C 3 89  ? 9.13857   2.42447   4.51337   1.000 169.16818 ?  330 TYR A CZ    1 
ATOM 647  O OH    . TYR C 3 89  ? 8.47961   2.95520   3.42657   1.000 201.08000 ?  330 TYR A OH    1 
ATOM 648  N N     . PHE C 3 90  ? 10.45802  0.93155   11.50030  1.000 129.32875 ?  331 PHE A N     1 
ATOM 649  C CA    . PHE C 3 90  ? 10.02492  0.06174   12.58766  1.000 115.35351 ?  331 PHE A CA    1 
ATOM 650  C C     . PHE C 3 90  ? 8.50456   -0.05848  12.51620  1.000 126.75744 ?  331 PHE A C     1 
ATOM 651  O O     . PHE C 3 90  ? 7.77255   0.92001   12.68488  1.000 128.60362 ?  331 PHE A O     1 
ATOM 652  C CB    . PHE C 3 90  ? 10.58199  0.52915   13.94535  1.000 123.26681 ?  331 PHE A CB    1 
ATOM 653  C CG    . PHE C 3 90  ? 9.74141   1.53167   14.73199  1.000 138.32495 ?  331 PHE A CG    1 
ATOM 654  C CD1   . PHE C 3 90  ? 9.60467   2.85260   14.31725  1.000 136.32306 ?  331 PHE A CD1   1 
ATOM 655  C CD2   . PHE C 3 90  ? 9.20555   1.17511   15.96486  1.000 136.95987 ?  331 PHE A CD2   1 
ATOM 656  C CE1   . PHE C 3 90  ? 8.88468   3.77317   15.08566  1.000 122.08026 ?  331 PHE A CE1   1 
ATOM 657  C CE2   . PHE C 3 90  ? 8.48830   2.08670   16.72974  1.000 135.87266 ?  331 PHE A CE2   1 
ATOM 658  C CZ    . PHE C 3 90  ? 8.33014   3.39260   16.28718  1.000 108.69697 ?  331 PHE A CZ    1 
ATOM 659  N N     . LYS C 3 91  ? 8.05267   -1.26921  12.19567  1.000 147.59250 ?  332 LYS A N     1 
ATOM 660  C CA    . LYS C 3 91  ? 6.65492   -1.63985  12.02423  1.000 128.75258 ?  332 LYS A CA    1 
ATOM 661  C C     . LYS C 3 91  ? 6.12342   -2.38687  13.23567  1.000 121.45241 ?  332 LYS A C     1 
ATOM 662  O O     . LYS C 3 91  ? 5.15244   -3.13966  13.13006  1.000 110.19205 ?  332 LYS A O     1 
ATOM 663  C CB    . LYS C 3 91  ? 6.49972   -2.51577  10.78170  1.000 79.85845  ?  332 LYS A CB    1 
ATOM 664  N N     . TYR C 3 92  ? 6.78516   -2.25412  14.36986  1.000 139.20768 ?  333 TYR A N     1 
ATOM 665  C CA    . TYR C 3 92  ? 6.56902   -3.16919  15.47134  1.000 126.47144 ?  333 TYR A CA    1 
ATOM 666  C C     . TYR C 3 92  ? 5.80831   -2.49992  16.60436  1.000 148.69798 ?  333 TYR A C     1 
ATOM 667  O O     . TYR C 3 92  ? 5.44103   -3.16698  17.57921  1.000 140.49328 ?  333 TYR A O     1 
ATOM 668  C CB    . TYR C 3 92  ? 7.91326   -3.69061  15.98757  1.000 114.13771 ?  333 TYR A CB    1 
ATOM 669  C CG    . TYR C 3 92  ? 8.71571   -4.54486  15.00400  1.000 129.30336 ?  333 TYR A CG    1 
ATOM 670  C CD1   . TYR C 3 92  ? 8.60262   -4.36978  13.62010  1.000 118.42873 ?  333 TYR A CD1   1 
ATOM 671  C CD2   . TYR C 3 92  ? 9.63078   -5.49477  15.46661  1.000 148.25676 ?  333 TYR A CD2   1 
ATOM 672  C CE1   . TYR C 3 92  ? 9.35794   -5.11765  12.73550  1.000 137.17012 ?  333 TYR A CE1   1 
ATOM 673  C CE2   . TYR C 3 92  ? 10.39508  -6.25478  14.58196  1.000 133.43817 ?  333 TYR A CE2   1 
ATOM 674  C CZ    . TYR C 3 92  ? 10.25090  -6.06074  13.22233  1.000 144.38540 ?  333 TYR A CZ    1 
ATOM 675  O OH    . TYR C 3 92  ? 10.99900  -6.80879  12.34227  1.000 152.14963 ?  333 TYR A OH    1 
ATOM 676  N N     . HIS C 3 93  ? 5.59937   -1.18644  16.50960  1.000 143.15516 ?  334 HIS A N     1 
ATOM 677  C CA    . HIS C 3 93  ? 4.76485   -0.45235  17.44449  1.000 145.55909 ?  334 HIS A CA    1 
ATOM 678  C C     . HIS C 3 93  ? 3.56909   0.07512   16.66892  1.000 137.63577 ?  334 HIS A C     1 
ATOM 679  O O     . HIS C 3 93  ? 3.72797   0.61394   15.56414  1.000 102.23467 ?  334 HIS A O     1 
ATOM 680  C CB    . HIS C 3 93  ? 5.52678   0.69058   18.11635  1.000 150.53114 ?  334 HIS A CB    1 
ATOM 681  C CG    . HIS C 3 93  ? 5.05160   0.98387   19.50467  1.000 165.64091 ?  334 HIS A CG    1 
ATOM 682  N ND1   . HIS C 3 93  ? 3.71667   1.08133   19.83983  1.000 155.61765 ?  334 HIS A ND1   1 
ATOM 683  C CD2   . HIS C 3 93  ? 5.74185   1.16939   20.65330  1.000 164.26332 ?  334 HIS A CD2   1 
ATOM 684  C CE1   . HIS C 3 93  ? 3.60757   1.32969   21.13352  1.000 159.55603 ?  334 HIS A CE1   1 
ATOM 685  N NE2   . HIS C 3 93  ? 4.82197   1.38726   21.64993  1.000 166.86103 ?  334 HIS A NE2   1 
ATOM 686  N N     . ASN C 3 94  ? 2.37631   -0.11126  17.23293  1.000 141.28699 ?  335 ASN A N     1 
ATOM 687  C CA    . ASN C 3 94  ? 1.15915   0.30872   16.55588  1.000 134.57219 ?  335 ASN A CA    1 
ATOM 688  C C     . ASN C 3 94  ? 1.10723   1.83128   16.48286  1.000 124.86131 ?  335 ASN A C     1 
ATOM 689  O O     . ASN C 3 94  ? 0.47758   2.47012   17.33026  1.000 125.64025 ?  335 ASN A O     1 
ATOM 690  C CB    . ASN C 3 94  ? -0.06970  -0.25598  17.27621  1.000 86.84764  ?  335 ASN A CB    1 
ATOM 691  N N     . MET C 3 95  ? 1.77771   2.42093   15.48592  1.000 116.15892 ?  336 MET A N     1 
ATOM 692  C CA    . MET C 3 95  ? 1.81759   3.87435   15.32257  1.000 137.82793 ?  336 MET A CA    1 
ATOM 693  C C     . MET C 3 95  ? 1.49397   4.21487   13.87164  1.000 133.65742 ?  336 MET A C     1 
ATOM 694  O O     . MET C 3 95  ? 1.95983   3.52644   12.96097  1.000 137.65613 ?  336 MET A O     1 
ATOM 695  C CB    . MET C 3 95  ? 3.20248   4.44122   15.67883  1.000 147.46747 ?  336 MET A CB    1 
ATOM 696  C CG    . MET C 3 95  ? 3.39610   4.85164   17.13706  1.000 130.88083 ?  336 MET A CG    1 
ATOM 697  S SD    . MET C 3 95  ? 1.91274   5.44543   17.97992  1.000 156.46290 ?  336 MET A SD    1 
ATOM 698  C CE    . MET C 3 95  ? 2.10017   7.22079   17.95172  1.000 133.90506 ?  336 MET A CE    1 
ATOM 699  N N     . ARG C 3 96  ? 0.73473   5.30004   13.65238  1.000 132.07261 ?  337 ARG A N     1 
ATOM 700  C CA    . ARG C 3 96  ? 0.32287   5.65034   12.28507  1.000 125.92211 ?  337 ARG A CA    1 
ATOM 701  C C     . ARG C 3 96  ? 1.51815   6.08130   11.44619  1.000 139.21074 ?  337 ARG A C     1 
ATOM 702  O O     . ARG C 3 96  ? 2.26927   6.98010   11.85455  1.000 155.63054 ?  337 ARG A O     1 
ATOM 703  C CB    . ARG C 3 96  ? -0.71621  6.77984   12.23808  1.000 126.17650 ?  337 ARG A CB    1 
ATOM 704  C CG    . ARG C 3 96  ? -2.16443  6.33945   12.35945  1.000 146.26552 ?  337 ARG A CG    1 
ATOM 705  C CD    . ARG C 3 96  ? -3.08840  7.04449   11.34500  1.000 142.27606 ?  337 ARG A CD    1 
ATOM 706  N NE    . ARG C 3 96  ? -2.58088  6.93578   9.97719   1.000 144.69393 ?  337 ARG A NE    1 
ATOM 707  C CZ    . ARG C 3 96  ? -3.25981  7.26994   8.88462   1.000 143.35074 ?  337 ARG A CZ    1 
ATOM 708  N NH1   . ARG C 3 96  ? -4.49323  7.74821   8.95390   1.000 153.64824 ?  337 ARG A NH1   1 
ATOM 709  N NH2   . ARG C 3 96  ? -2.69424  7.10054   7.69006   1.000 111.76519 ?  337 ARG A NH2   1 
ATOM 710  N N     . PRO C 3 97  ? 1.72667   5.48879   10.27835  1.000 116.77889 ?  338 PRO A N     1 
ATOM 711  C CA    . PRO C 3 97  ? 2.75333   5.98502   9.35979   1.000 142.83469 ?  338 PRO A CA    1 
ATOM 712  C C     . PRO C 3 97  ? 2.42152   7.39402   8.88910   1.000 149.52721 ?  338 PRO A C     1 
ATOM 713  O O     . PRO C 3 97  ? 1.26890   7.68621   8.54647   1.000 149.47306 ?  338 PRO A O     1 
ATOM 714  C CB    . PRO C 3 97  ? 2.69243   5.00392   8.18753   1.000 120.54437 ?  338 PRO A CB    1 
ATOM 715  C CG    . PRO C 3 97  ? 2.06404   3.76800   8.76251   1.000 138.15174 ?  338 PRO A CG    1 
ATOM 716  C CD    . PRO C 3 97  ? 1.07723   4.26873   9.77346   1.000 130.53586 ?  338 PRO A CD    1 
ATOM 717  N N     . PRO C 3 98  ? 3.40943   8.25464   8.79850   1.000 139.87904 ?  339 PRO A N     1 
ATOM 718  C CA    . PRO C 3 98  ? 3.19936   9.62030   8.32996   1.000 148.53492 ?  339 PRO A CA    1 
ATOM 719  C C     . PRO C 3 98  ? 3.24282   9.74615   6.80250   1.000 152.82957 ?  339 PRO A C     1 
ATOM 720  O O     . PRO C 3 98  ? 3.94227   10.60103  6.24707   1.000 143.73725 ?  339 PRO A O     1 
ATOM 721  C CB    . PRO C 3 98  ? 4.34800   10.38571  8.98287   1.000 162.84872 ?  339 PRO A CB    1 
ATOM 722  C CG    . PRO C 3 98  ? 5.44630   9.37454   9.05060   1.000 164.47499 ?  339 PRO A CG    1 
ATOM 723  C CD    . PRO C 3 98  ? 4.76116   8.06370   9.35823   1.000 132.19951 ?  339 PRO A CD    1 
ATOM 724  N N     . PHE C 3 99  ? 2.49876   8.88121   6.11257   1.000 136.70232 ?  340 PHE A N     1 
ATOM 725  C CA    . PHE C 3 99  ? 2.54940   8.86058   4.65943   1.000 127.35826 ?  340 PHE A CA    1 
ATOM 726  C C     . PHE C 3 99  ? 1.15045   8.71345   4.08242   1.000 113.63938 ?  340 PHE A C     1 
ATOM 727  O O     . PHE C 3 99  ? 0.24351   8.16922   4.72099   1.000 107.24367 ?  340 PHE A O     1 
ATOM 728  C CB    . PHE C 3 99  ? 3.46456   7.73592   4.16688   1.000 113.20948 ?  340 PHE A CB    1 
ATOM 729  C CG    . PHE C 3 99  ? 4.85330   7.83062   4.71245   1.000 129.09522 ?  340 PHE A CG    1 
ATOM 730  C CD1   . PHE C 3 99  ? 5.66179   8.90518   4.37464   1.000 152.21260 ?  340 PHE A CD1   1 
ATOM 731  C CD2   . PHE C 3 99  ? 5.33631   6.87356   5.59603   1.000 128.26743 ?  340 PHE A CD2   1 
ATOM 732  C CE1   . PHE C 3 99  ? 6.93360   9.02085   4.88445   1.000 161.60577 ?  340 PHE A CE1   1 
ATOM 733  C CE2   . PHE C 3 99  ? 6.61343   6.97681   6.11082   1.000 143.86427 ?  340 PHE A CE2   1 
ATOM 734  C CZ    . PHE C 3 99  ? 7.41480   8.05351   5.75366   1.000 167.45091 ?  340 PHE A CZ    1 
ATOM 735  N N     . THR C 3 100 ? 0.98942   9.22514   2.86484   1.000 103.33655 ?  341 THR A N     1 
ATOM 736  C CA    . THR C 3 100 ? -0.28586  9.15716   2.17234   1.000 117.96952 ?  341 THR A CA    1 
ATOM 737  C C     . THR C 3 100 ? -0.55276  7.74375   1.66926   1.000 130.84608 ?  341 THR A C     1 
ATOM 738  O O     . THR C 3 100 ? 0.36899   6.96360   1.41482   1.000 133.33437 ?  341 THR A O     1 
ATOM 739  C CB    . THR C 3 100 ? -0.31773  10.14702  1.00671   1.000 119.11324 ?  341 THR A CB    1 
ATOM 740  O OG1   . THR C 3 100 ? 0.79615   9.90480   0.13953   1.000 112.93665 ?  341 THR A OG1   1 
ATOM 741  C CG2   . THR C 3 100 ? -0.23487  11.57690  1.51898   1.000 144.89795 ?  341 THR A CG2   1 
ATOM 742  N N     . TYR C 3 101 ? -1.84096  7.41826   1.51819   1.000 126.54718 ?  342 TYR A N     1 
ATOM 743  C CA    . TYR C 3 101 ? -2.19367  6.14586   0.89703   1.000 117.63744 ?  342 TYR A CA    1 
ATOM 744  C C     . TYR C 3 101 ? -1.65145  6.09610   -0.51547  1.000 113.05021 ?  342 TYR A C     1 
ATOM 745  O O     . TYR C 3 101 ? -1.16855  5.05388   -0.96727  1.000 124.16823 ?  342 TYR A O     1 
ATOM 746  C CB    . TYR C 3 101 ? -3.70384  5.94911   0.86297   1.000 95.82430  ?  342 TYR A CB    1 
ATOM 747  C CG    . TYR C 3 101 ? -4.28441  5.67869   2.20784   1.000 87.35626  ?  342 TYR A CG    1 
ATOM 748  C CD1   . TYR C 3 101 ? -3.95074  4.53791   2.92184   1.000 93.18061  ?  342 TYR A CD1   1 
ATOM 749  C CD2   . TYR C 3 101 ? -5.17142  6.57732   2.77417   1.000 104.88209 ?  342 TYR A CD2   1 
ATOM 750  C CE1   . TYR C 3 101 ? -4.49043  4.30765   4.17117   1.000 99.74748  ?  342 TYR A CE1   1 
ATOM 751  C CE2   . TYR C 3 101 ? -5.71978  6.35357   4.01031   1.000 100.44927 ?  342 TYR A CE2   1 
ATOM 752  C CZ    . TYR C 3 101 ? -5.37989  5.22302   4.70785   1.000 82.26750  ?  342 TYR A CZ    1 
ATOM 753  O OH    . TYR C 3 101 ? -5.93114  5.01752   5.95036   1.000 104.54028 ?  342 TYR A OH    1 
ATOM 754  N N     . ALA C 3 102 ? -1.70745  7.23088   -1.21939  1.000 100.71018 ?  343 ALA A N     1 
ATOM 755  C CA    . ALA C 3 102 ? -1.19295  7.29157   -2.57750  1.000 109.08916 ?  343 ALA A CA    1 
ATOM 756  C C     . ALA C 3 102 ? 0.25637   6.84275   -2.62741  1.000 114.42240 ?  343 ALA A C     1 
ATOM 757  O O     . ALA C 3 102 ? 0.64512   6.07940   -3.51718  1.000 116.91882 ?  343 ALA A O     1 
ATOM 758  C CB    . ALA C 3 102 ? -1.33000  8.71190   -3.12118  1.000 131.89968 ?  343 ALA A CB    1 
ATOM 759  N N     . THR C 3 103 ? 1.06117   7.28089   -1.66246  1.000 127.32605 ?  344 THR A N     1 
ATOM 760  C CA    . THR C 3 103 ? 2.48936   7.01351   -1.70098  1.000 127.44930 ?  344 THR A CA    1 
ATOM 761  C C     . THR C 3 103 ? 2.85722   5.65348   -1.11016  1.000 127.49893 ?  344 THR A C     1 
ATOM 762  O O     . THR C 3 103 ? 3.78614   5.00787   -1.61085  1.000 135.80184 ?  344 THR A O     1 
ATOM 763  C CB    . THR C 3 103 ? 3.23514   8.13122   -0.97990  1.000 119.74538 ?  344 THR A CB    1 
ATOM 764  O OG1   . THR C 3 103 ? 2.67778   9.38783   -1.38031  1.000 119.53516 ?  344 THR A OG1   1 
ATOM 765  C CG2   . THR C 3 103 ? 4.67245   8.12528   -1.41699  1.000 124.25818 ?  344 THR A CG2   1 
ATOM 766  N N     . LEU C 3 104 ? 2.14178   5.18313   -0.08071  1.000 127.31826 ?  345 LEU A N     1 
ATOM 767  C CA    . LEU C 3 104 ? 2.40149   3.84139   0.44029   1.000 123.91135 ?  345 LEU A CA    1 
ATOM 768  C C     . LEU C 3 104 ? 2.18110   2.78467   -0.63292  1.000 122.08638 ?  345 LEU A C     1 
ATOM 769  O O     . LEU C 3 104 ? 3.00923   1.88281   -0.81411  1.000 109.84534 ?  345 LEU A O     1 
ATOM 770  C CB    . LEU C 3 104 ? 1.50394   3.56960   1.64928   1.000 100.26725 ?  345 LEU A CB    1 
ATOM 771  C CG    . LEU C 3 104 ? 1.78805   4.42599   2.87539   1.000 99.80722  ?  345 LEU A CG    1 
ATOM 772  C CD1   . LEU C 3 104 ? 0.84197   4.11054   4.01984   1.000 79.89336  ?  345 LEU A CD1   1 
ATOM 773  C CD2   . LEU C 3 104 ? 3.20179   4.10473   3.26982   1.000 114.08588 ?  345 LEU A CD2   1 
ATOM 774  N N     . ILE C 3 105 ? 1.07887   2.91065   -1.37600  1.000 119.99142 ?  346 ILE A N     1 
ATOM 775  C CA    . ILE C 3 105 ? 0.75410   1.99403   -2.46415  1.000 99.80970  ?  346 ILE A CA    1 
ATOM 776  C C     . ILE C 3 105 ? 1.82583   2.03869   -3.54238  1.000 114.47800 ?  346 ILE A C     1 
ATOM 777  O O     . ILE C 3 105 ? 2.27639   0.99713   -4.03944  1.000 120.49753 ?  346 ILE A O     1 
ATOM 778  C CB    . ILE C 3 105 ? -0.63358  2.34754   -3.03093  1.000 91.62323  ?  346 ILE A CB    1 
ATOM 779  C CG1   . ILE C 3 105 ? -1.71601  2.06924   -1.98523  1.000 83.71563  ?  346 ILE A CG1   1 
ATOM 780  C CG2   . ILE C 3 105 ? -0.88025  1.63676   -4.35523  1.000 118.50659 ?  346 ILE A CG2   1 
ATOM 781  C CD1   . ILE C 3 105 ? -3.02927  2.77849   -2.28535  1.000 106.31635 ?  346 ILE A CD1   1 
ATOM 782  N N     . ARG C 3 106 ? 2.25705   3.25024   -3.91327  1.000 127.40654 ?  347 ARG A N     1 
ATOM 783  C CA    . ARG C 3 106 ? 3.31857   3.40845   -4.90239  1.000 122.03618 ?  347 ARG A CA    1 
ATOM 784  C C     . ARG C 3 106 ? 4.56268   2.64105   -4.47635  1.000 123.00806 ?  347 ARG A C     1 
ATOM 785  O O     . ARG C 3 106 ? 5.18580   1.94421   -5.28852  1.000 121.58313 ?  347 ARG A O     1 
ATOM 786  C CB    . ARG C 3 106 ? 3.61402   4.90522   -5.08848  1.000 143.07518 ?  347 ARG A CB    1 
ATOM 787  C CG    . ARG C 3 106 ? 4.82635   5.31176   -5.95825  1.000 170.59859 ?  347 ARG A CG    1 
ATOM 788  C CD    . ARG C 3 106 ? 4.87355   6.85279   -6.13645  1.000 161.14900 ?  347 ARG A CD    1 
ATOM 789  N NE    . ARG C 3 106 ? 6.03922   7.34668   -6.87022  1.000 178.14123 ?  347 ARG A NE    1 
ATOM 790  C CZ    . ARG C 3 106 ? 7.25250   7.52933   -6.35951  1.000 168.83456 ?  347 ARG A CZ    1 
ATOM 791  N NH1   . ARG C 3 106 ? 7.49575   7.36337   -5.06558  1.000 135.27757 ?  347 ARG A NH1   1 
ATOM 792  N NH2   . ARG C 3 106 ? 8.24411   7.91110   -7.16356  1.000 159.67994 ?  347 ARG A NH2   1 
ATOM 793  N N     . TRP C 3 107 ? 4.91324   2.73143   -3.19138  1.000 121.26918 ?  348 TRP A N     1 
ATOM 794  C CA    . TRP C 3 107 ? 6.06677   2.00428   -2.67096  1.000 133.20975 ?  348 TRP A CA    1 
ATOM 795  C C     . TRP C 3 107 ? 5.85027   0.49203   -2.68364  1.000 126.13001 ?  348 TRP A C     1 
ATOM 796  O O     . TRP C 3 107 ? 6.77722   -0.26749  -2.99492  1.000 125.20172 ?  348 TRP A O     1 
ATOM 797  C CB    . TRP C 3 107 ? 6.40163   2.49549   -1.26238  1.000 159.41093 ?  348 TRP A CB    1 
ATOM 798  C CG    . TRP C 3 107 ? 6.81961   3.97055   -1.19786  1.000 153.89453 ?  348 TRP A CG    1 
ATOM 799  C CD1   . TRP C 3 107 ? 7.44146   4.70636   -2.18974  1.000 141.35128 ?  348 TRP A CD1   1 
ATOM 800  C CD2   . TRP C 3 107 ? 6.70927   4.84674   -0.06924  1.000 150.31680 ?  348 TRP A CD2   1 
ATOM 801  N NE1   . TRP C 3 107 ? 7.68361   5.98648   -1.74909  1.000 138.10441 ?  348 TRP A NE1   1 
ATOM 802  C CE2   . TRP C 3 107 ? 7.24893   6.09783   -0.45290  1.000 150.64291 ?  348 TRP A CE2   1 
ATOM 803  C CE3   . TRP C 3 107 ? 6.19212   4.70223   1.22235   1.000 157.69851 ?  348 TRP A CE3   1 
ATOM 804  C CZ2   . TRP C 3 107 ? 7.28895   7.18993   0.41541   1.000 147.03948 ?  348 TRP A CZ2   1 
ATOM 805  C CZ3   . TRP C 3 107 ? 6.23061   5.79423   2.08017   1.000 160.48815 ?  348 TRP A CZ3   1 
ATOM 806  C CH2   . TRP C 3 107 ? 6.77192   7.01973   1.66977   1.000 146.93918 ?  348 TRP A CH2   1 
ATOM 807  N N     . ALA C 3 108 ? 4.64118   0.03245   -2.33561  1.000 132.15409 ?  349 ALA A N     1 
ATOM 808  C CA    . ALA C 3 108 ? 4.36035   -1.40386  -2.33944  1.000 128.84738 ?  349 ALA A CA    1 
ATOM 809  C C     . ALA C 3 108 ? 4.46393   -1.99327  -3.74240  1.000 124.09445 ?  349 ALA A C     1 
ATOM 810  O O     . ALA C 3 108 ? 4.95502   -3.11308  -3.91566  1.000 136.75316 ?  349 ALA A O     1 
ATOM 811  C CB    . ALA C 3 108 ? 2.97853   -1.67952  -1.74951  1.000 110.36003 ?  349 ALA A CB    1 
ATOM 812  N N     . ILE C 3 109 ? 3.96389   -1.27383  -4.75116  1.000 114.63101 ?  350 ILE A N     1 
ATOM 813  C CA    . ILE C 3 109 ? 4.04455   -1.76580  -6.12775  1.000 121.19170 ?  350 ILE A CA    1 
ATOM 814  C C     . ILE C 3 109 ? 5.49875   -1.88264  -6.57150  1.000 133.41475 ?  350 ILE A C     1 
ATOM 815  O O     . ILE C 3 109 ? 5.91885   -2.90939  -7.12733  1.000 131.29575 ?  350 ILE A O     1 
ATOM 816  C CB    . ILE C 3 109 ? 3.23335   -0.85593  -7.07277  1.000 114.44577 ?  350 ILE A CB    1 
ATOM 817  C CG1   . ILE C 3 109 ? 1.74514   -0.93211  -6.73990  1.000 108.22986 ?  350 ILE A CG1   1 
ATOM 818  C CG2   . ILE C 3 109 ? 3.48249   -1.23509  -8.52381  1.000 119.07329 ?  350 ILE A CG2   1 
ATOM 819  C CD1   . ILE C 3 109 ? 0.89527   0.07405   -7.48516  1.000 106.05462 ?  350 ILE A CD1   1 
ATOM 820  N N     . LEU C 3 110 ? 6.30505   -0.84797  -6.30938  1.000 127.64847 ?  351 LEU A N     1 
ATOM 821  C CA    . LEU C 3 110 ? 7.68588   -0.85196  -6.77568  1.000 124.24974 ?  351 LEU A CA    1 
ATOM 822  C C     . LEU C 3 110 ? 8.59172   -1.77493  -5.96982  1.000 130.48067 ?  351 LEU A C     1 
ATOM 823  O O     . LEU C 3 110 ? 9.73135   -2.01032  -6.39018  1.000 111.72212 ?  351 LEU A O     1 
ATOM 824  C CB    . LEU C 3 110 ? 8.23583   0.57284   -6.77608  1.000 142.90780 ?  351 LEU A CB    1 
ATOM 825  C CG    . LEU C 3 110 ? 7.61846   1.51608   -7.81299  1.000 148.16438 ?  351 LEU A CG    1 
ATOM 826  C CD1   . LEU C 3 110 ? 8.14519   2.93055   -7.64549  1.000 139.13708 ?  351 LEU A CD1   1 
ATOM 827  C CD2   . LEU C 3 110 ? 7.92360   1.00022   -9.21607  1.000 157.35729 ?  351 LEU A CD2   1 
ATOM 828  N N     . GLU C 3 111 ? 8.12435   -2.28288  -4.82461  1.000 144.30051 ?  352 GLU A N     1 
ATOM 829  C CA    . GLU C 3 111 ? 8.88867   -3.28559  -4.08354  1.000 161.85497 ?  352 GLU A CA    1 
ATOM 830  C C     . GLU C 3 111 ? 8.95912   -4.61725  -4.82898  1.000 152.96701 ?  352 GLU A C     1 
ATOM 831  O O     . GLU C 3 111 ? 9.99067   -5.30130  -4.78715  1.000 144.76452 ?  352 GLU A O     1 
ATOM 832  C CB    . GLU C 3 111 ? 8.29303   -3.48996  -2.68743  1.000 176.30228 ?  352 GLU A CB    1 
ATOM 833  C CG    . GLU C 3 111 ? 9.08183   -4.48030  -1.81759  1.000 182.65900 ?  352 GLU A CG    1 
ATOM 834  C CD    . GLU C 3 111 ? 8.47740   -4.70592  -0.43608  1.000 183.97563 ?  352 GLU A CD    1 
ATOM 835  O OE1   . GLU C 3 111 ? 8.27508   -3.70841  0.29385   1.000 183.69131 ?  352 GLU A OE1   1 
ATOM 836  O OE2   . GLU C 3 111 ? 8.21143   -5.88048  -0.08197  1.000 181.61555 -1 352 GLU A OE2   1 
ATOM 837  N N     . ALA C 3 112 ? 7.87252   -5.01631  -5.48578  1.000 135.97934 ?  353 ALA A N     1 
ATOM 838  C CA    . ALA C 3 112 ? 7.86871   -6.28531  -6.19640  1.000 144.83127 ?  353 ALA A CA    1 
ATOM 839  C C     . ALA C 3 112 ? 8.88052   -6.24434  -7.34399  1.000 140.07425 ?  353 ALA A C     1 
ATOM 840  O O     . ALA C 3 112 ? 8.98963   -5.22942  -8.03560  1.000 144.39320 ?  353 ALA A O     1 
ATOM 841  C CB    . ALA C 3 112 ? 6.47553   -6.60752  -6.73694  1.000 155.85453 ?  353 ALA A CB    1 
ATOM 842  N N     . PRO C 3 113 ? 9.62759   -7.32722  -7.56400  1.000 139.59395 ?  354 PRO A N     1 
ATOM 843  C CA    . PRO C 3 113 ? 10.66278  -7.30343  -8.61797  1.000 149.61165 ?  354 PRO A CA    1 
ATOM 844  C C     . PRO C 3 113 ? 10.11628  -7.02953  -10.00974 1.000 147.76164 ?  354 PRO A C     1 
ATOM 845  O O     . PRO C 3 113 ? 10.84659  -6.49207  -10.85655 1.000 130.28391 ?  354 PRO A O     1 
ATOM 846  C CB    . PRO C 3 113 ? 11.30088  -8.69926  -8.51435  1.000 143.19724 ?  354 PRO A CB    1 
ATOM 847  C CG    . PRO C 3 113 ? 10.32766  -9.53444  -7.76070  1.000 126.94126 ?  354 PRO A CG    1 
ATOM 848  C CD    . PRO C 3 113 ? 9.56209   -8.61870  -6.86255  1.000 122.60300 ?  354 PRO A CD    1 
ATOM 849  N N     . GLU C 3 114 ? 8.85633   -7.38882  -10.26804 1.000 144.15611 ?  355 GLU A N     1 
ATOM 850  C CA    . GLU C 3 114 ? 8.19735   -7.15445  -11.54746 1.000 144.26941 ?  355 GLU A CA    1 
ATOM 851  C C     . GLU C 3 114 ? 7.45685   -5.82366  -11.59207 1.000 137.54134 ?  355 GLU A C     1 
ATOM 852  O O     . GLU C 3 114 ? 6.78628   -5.53833  -12.59147 1.000 137.06631 ?  355 GLU A O     1 
ATOM 853  C CB    . GLU C 3 114 ? 7.22399   -8.29606  -11.86249 1.000 161.90420 ?  355 GLU A CB    1 
ATOM 854  C CG    . GLU C 3 114 ? 6.03771   -8.41220  -10.90464 1.000 158.00392 ?  355 GLU A CG    1 
ATOM 855  C CD    . GLU C 3 114 ? 6.32150   -9.25103  -9.67387  1.000 166.64804 ?  355 GLU A CD    1 
ATOM 856  O OE1   . GLU C 3 114 ? 7.50513   -9.38777  -9.30471  1.000 172.65119 ?  355 GLU A OE1   1 
ATOM 857  O OE2   . GLU C 3 114 ? 5.35421   -9.78053  -9.08065  1.000 188.49598 -1 355 GLU A OE2   1 
ATOM 858  N N     . ARG C 3 115 ? 7.54885   -5.02042  -10.52714 1.000 128.95180 ?  356 ARG A N     1 
ATOM 859  C CA    . ARG C 3 115 ? 6.90792   -3.70267  -10.44576 1.000 147.71919 ?  356 ARG A CA    1 
ATOM 860  C C     . ARG C 3 115 ? 5.39157   -3.79076  -10.62713 1.000 137.80586 ?  356 ARG A C     1 
ATOM 861  O O     . ARG C 3 115 ? 4.77034   -2.90034  -11.21238 1.000 144.10714 ?  356 ARG A O     1 
ATOM 862  C CB    . ARG C 3 115 ? 7.51724   -2.71759  -11.45848 1.000 163.30034 ?  356 ARG A CB    1 
ATOM 863  C CG    . ARG C 3 115 ? 9.04025   -2.48600  -11.33745 1.000 154.62622 ?  356 ARG A CG    1 
ATOM 864  C CD    . ARG C 3 115 ? 9.52740   -1.49295  -12.40168 1.000 164.91423 ?  356 ARG A CD    1 
ATOM 865  N NE    . ARG C 3 115 ? 10.96142  -1.20632  -12.36002 1.000 183.70020 ?  356 ARG A NE    1 
ATOM 866  C CZ    . ARG C 3 115 ? 11.54758  -0.31453  -11.57068 1.000 168.08580 ?  356 ARG A CZ    1 
ATOM 867  N NH1   . ARG C 3 115 ? 10.84839  0.43963   -10.73755 1.000 150.64401 ?  356 ARG A NH1   1 
ATOM 868  N NH2   . ARG C 3 115 ? 12.86851  -0.15919  -11.63570 1.000 158.89819 ?  356 ARG A NH2   1 
ATOM 869  N N     . GLN C 3 116 ? 4.78259   -4.86620  -10.13281 1.000 139.12369 ?  357 GLN A N     1 
ATOM 870  C CA    . GLN C 3 116 ? 3.32931   -4.96456  -10.08600 1.000 132.05332 ?  357 GLN A CA    1 
ATOM 871  C C     . GLN C 3 116 ? 2.93792   -5.94711  -8.98905  1.000 116.69063 ?  357 GLN A C     1 
ATOM 872  O O     . GLN C 3 116 ? 3.71294   -6.84438  -8.63867  1.000 108.07785 ?  357 GLN A O     1 
ATOM 873  C CB    . GLN C 3 116 ? 2.75057   -5.39530  -11.43925 1.000 136.22402 ?  357 GLN A CB    1 
ATOM 874  C CG    . GLN C 3 116 ? 3.21738   -6.76558  -11.87250 1.000 146.98267 ?  357 GLN A CG    1 
ATOM 875  C CD    . GLN C 3 116 ? 2.67692   -7.18966  -13.21815 1.000 155.57122 ?  357 GLN A CD    1 
ATOM 876  O OE1   . GLN C 3 116 ? 2.36164   -6.35869  -14.06915 1.000 179.73212 ?  357 GLN A OE1   1 
ATOM 877  N NE2   . GLN C 3 116 ? 2.59455   -8.49594  -13.42919 1.000 155.42038 ?  357 GLN A NE2   1 
ATOM 878  N N     . ARG C 3 117 ? 1.73125   -5.75764  -8.44682  1.000 101.12439 ?  358 ARG A N     1 
ATOM 879  C CA    . ARG C 3 117 ? 1.20312   -6.61506  -7.39292  1.000 116.99514 ?  358 ARG A CA    1 
ATOM 880  C C     . ARG C 3 117 ? -0.31079  -6.69788  -7.53523  1.000 123.55071 ?  358 ARG A C     1 
ATOM 881  O O     . ARG C 3 117 ? -0.95287  -5.77372  -8.04489  1.000 115.95181 ?  358 ARG A O     1 
ATOM 882  C CB    . ARG C 3 117 ? 1.57196   -6.09076  -5.98897  1.000 119.98956 ?  358 ARG A CB    1 
ATOM 883  C CG    . ARG C 3 117 ? 3.00390   -6.40505  -5.52246  1.000 127.08264 ?  358 ARG A CG    1 
ATOM 884  C CD    . ARG C 3 117 ? 3.14778   -6.20621  -4.00905  1.000 141.34147 ?  358 ARG A CD    1 
ATOM 885  N NE    . ARG C 3 117 ? 4.51846   -6.34433  -3.52152  1.000 139.42503 ?  358 ARG A NE    1 
ATOM 886  C CZ    . ARG C 3 117 ? 4.95859   -7.37338  -2.80650  1.000 154.72461 ?  358 ARG A CZ    1 
ATOM 887  N NH1   . ARG C 3 117 ? 4.17174   -8.39962  -2.51249  1.000 174.24760 ?  358 ARG A NH1   1 
ATOM 888  N NH2   . ARG C 3 117 ? 6.21979   -7.37641  -2.37894  1.000 131.96483 ?  358 ARG A NH2   1 
ATOM 889  N N     . THR C 3 118 ? -0.87342  -7.81827  -7.08858  1.000 134.92499 ?  359 THR A N     1 
ATOM 890  C CA    . THR C 3 118 ? -2.31686  -7.92676  -6.96452  1.000 123.42596 ?  359 THR A CA    1 
ATOM 891  C C     . THR C 3 118 ? -2.79360  -7.12545  -5.76129  1.000 114.18977 ?  359 THR A C     1 
ATOM 892  O O     . THR C 3 118 ? -2.02907  -6.82729  -4.84270  1.000 108.10085 ?  359 THR A O     1 
ATOM 893  C CB    . THR C 3 118 ? -2.75233  -9.37985  -6.79970  1.000 126.24336 ?  359 THR A CB    1 
ATOM 894  O OG1   . THR C 3 118 ? -2.26430  -9.87809  -5.54901  1.000 133.96936 ?  359 THR A OG1   1 
ATOM 895  C CG2   . THR C 3 118 ? -2.19292  -10.23336 -7.91865  1.000 121.57378 ?  359 THR A CG2   1 
ATOM 896  N N     . LEU C 3 119 ? -4.09411  -6.82515  -5.74527  1.000 115.00665 ?  360 LEU A N     1 
ATOM 897  C CA    . LEU C 3 119 ? -4.65779  -6.09272  -4.61742  1.000 112.28270 ?  360 LEU A CA    1 
ATOM 898  C C     . LEU C 3 119 ? -4.42062  -6.83676  -3.30843  1.000 120.52322 ?  360 LEU A C     1 
ATOM 899  O O     . LEU C 3 119 ? -4.02333  -6.22441  -2.31002  1.000 105.11203 ?  360 LEU A O     1 
ATOM 900  C CB    . LEU C 3 119 ? -6.15126  -5.83458  -4.84023  1.000 118.05090 ?  360 LEU A CB    1 
ATOM 901  C CG    . LEU C 3 119 ? -6.89129  -5.08699  -3.71790  1.000 109.34482 ?  360 LEU A CG    1 
ATOM 902  C CD1   . LEU C 3 119 ? -6.30209  -3.72017  -3.49099  1.000 105.96375 ?  360 LEU A CD1   1 
ATOM 903  C CD2   . LEU C 3 119 ? -8.37288  -4.95784  -4.03226  1.000 115.62480 ?  360 LEU A CD2   1 
ATOM 904  N N     . ASN C 3 120 ? -4.60786  -8.16126  -3.29968  1.000 115.60238 ?  361 ASN A N     1 
ATOM 905  C CA    . ASN C 3 120 ? -4.33031  -8.91526  -2.08034  1.000 124.41574 ?  361 ASN A CA    1 
ATOM 906  C C     . ASN C 3 120 ? -2.87260  -8.79314  -1.65905  1.000 138.26038 ?  361 ASN A C     1 
ATOM 907  O O     . ASN C 3 120 ? -2.58897  -8.61885  -0.46936  1.000 146.98085 ?  361 ASN A O     1 
ATOM 908  C CB    . ASN C 3 120 ? -4.72188  -10.38478 -2.23672  1.000 122.12474 ?  361 ASN A CB    1 
ATOM 909  C CG    . ASN C 3 120 ? -4.98890  -11.06163 -0.89172  1.000 119.33524 ?  361 ASN A CG    1 
ATOM 910  O OD1   . ASN C 3 120 ? -5.63380  -10.49147 -0.00372  1.000 98.86328  ?  361 ASN A OD1   1 
ATOM 911  N ND2   . ASN C 3 120 ? -4.50342  -12.29285 -0.74616  1.000 129.27028 ?  361 ASN A ND2   1 
ATOM 912  N N     . GLU C 3 121 ? -1.92874  -8.87539  -2.60119  1.000 119.45183 ?  362 GLU A N     1 
ATOM 913  C CA    . GLU C 3 121 ? -0.53896  -8.72516  -2.19038  1.000 128.73587 ?  362 GLU A CA    1 
ATOM 914  C C     . GLU C 3 121 ? -0.29069  -7.35270  -1.58881  1.000 131.92364 ?  362 GLU A C     1 
ATOM 915  O O     . GLU C 3 121 ? 0.53716   -7.21454  -0.68080  1.000 137.76888 ?  362 GLU A O     1 
ATOM 916  C CB    . GLU C 3 121 ? 0.39528   -8.97404  -3.35989  1.000 134.92291 ?  362 GLU A CB    1 
ATOM 917  C CG    . GLU C 3 121 ? 0.41198   -10.40095 -3.79277  1.000 132.36987 ?  362 GLU A CG    1 
ATOM 918  C CD    . GLU C 3 121 ? 0.94004   -10.53106 -5.18879  1.000 150.29829 ?  362 GLU A CD    1 
ATOM 919  O OE1   . GLU C 3 121 ? 0.48415   -9.76547  -6.06032  1.000 133.52868 ?  362 GLU A OE1   1 
ATOM 920  O OE2   . GLU C 3 121 ? 1.81011   -11.40082 -5.41021  1.000 180.48086 -1 362 GLU A OE2   1 
ATOM 921  N N     . ILE C 3 122 ? -0.99653  -6.32923  -2.07641  1.000 131.80497 ?  363 ILE A N     1 
ATOM 922  C CA    . ILE C 3 122 ? -0.93697  -5.02407  -1.42771  1.000 115.04235 ?  363 ILE A CA    1 
ATOM 923  C C     . ILE C 3 122 ? -1.48875  -5.09699  -0.00687  1.000 117.30683 ?  363 ILE A C     1 
ATOM 924  O O     . ILE C 3 122 ? -0.92021  -4.50796  0.92089   1.000 98.42177  ?  363 ILE A O     1 
ATOM 925  C CB    . ILE C 3 122 ? -1.66010  -3.95878  -2.27076  1.000 90.87094  ?  363 ILE A CB    1 
ATOM 926  C CG1   . ILE C 3 122 ? -0.90924  -3.71633  -3.58837  1.000 87.37645  ?  363 ILE A CG1   1 
ATOM 927  C CG2   . ILE C 3 122 ? -1.81684  -2.66441  -1.48475  1.000 72.67562  ?  363 ILE A CG2   1 
ATOM 928  C CD1   . ILE C 3 122 ? -1.69349  -2.88695  -4.60178  1.000 84.83512  ?  363 ILE A CD1   1 
ATOM 929  N N     . TYR C 3 123 ? -2.60555  -5.80665  0.19060   1.000 123.78186 ?  364 TYR A N     1 
ATOM 930  C CA    . TYR C 3 123 ? -3.11408  -5.97337  1.55182   1.000 122.80490 ?  364 TYR A CA    1 
ATOM 931  C C     . TYR C 3 123 ? -2.09047  -6.68404  2.43045   1.000 126.25973 ?  364 TYR A C     1 
ATOM 932  O O     . TYR C 3 123 ? -1.80543  -6.23863  3.55131   1.000 121.43553 ?  364 TYR A O     1 
ATOM 933  C CB    . TYR C 3 123 ? -4.43795  -6.74893  1.55586   1.000 127.95118 ?  364 TYR A CB    1 
ATOM 934  C CG    . TYR C 3 123 ? -5.59669  -6.02871  0.90231   1.000 126.34861 ?  364 TYR A CG    1 
ATOM 935  C CD1   . TYR C 3 123 ? -5.62614  -4.64846  0.82864   1.000 119.15709 ?  364 TYR A CD1   1 
ATOM 936  C CD2   . TYR C 3 123 ? -6.66975  -6.73232  0.37184   1.000 139.03863 ?  364 TYR A CD2   1 
ATOM 937  C CE1   . TYR C 3 123 ? -6.68480  -3.98841  0.23606   1.000 112.29374 ?  364 TYR A CE1   1 
ATOM 938  C CE2   . TYR C 3 123 ? -7.73427  -6.07363  -0.22356  1.000 143.97070 ?  364 TYR A CE2   1 
ATOM 939  C CZ    . TYR C 3 123 ? -7.73369  -4.69888  -0.28532  1.000 123.78045 ?  364 TYR A CZ    1 
ATOM 940  O OH    . TYR C 3 123 ? -8.78332  -4.02512  -0.87422  1.000 134.71553 ?  364 TYR A OH    1 
ATOM 941  N N     . HIS C 3 124 ? -1.48075  -7.75643  1.91174   1.000 130.23246 ?  365 HIS A N     1 
ATOM 942  C CA    . HIS C 3 124 ? -0.45619  -8.46631  2.67402   1.000 143.05951 ?  365 HIS A CA    1 
ATOM 943  C C     . HIS C 3 124 ? 0.73295   -7.56200  2.97318   1.000 143.10468 ?  365 HIS A C     1 
ATOM 944  O O     . HIS C 3 124 ? 1.29183   -7.59892  4.07584   1.000 152.40466 ?  365 HIS A O     1 
ATOM 945  C CB    . HIS C 3 124 ? 0.00388   -9.72843  1.92932   1.000 168.03014 ?  365 HIS A CB    1 
ATOM 946  C CG    . HIS C 3 124 ? -1.03039  -10.81339 1.85228   1.000 155.05089 ?  365 HIS A CG    1 
ATOM 947  N ND1   . HIS C 3 124 ? -1.80708  -11.18114 2.93061   1.000 133.56538 ?  365 HIS A ND1   1 
ATOM 948  C CD2   . HIS C 3 124 ? -1.37852  -11.64214 0.83794   1.000 121.07428 ?  365 HIS A CD2   1 
ATOM 949  C CE1   . HIS C 3 124 ? -2.60681  -12.17175 2.57574   1.000 141.09062 ?  365 HIS A CE1   1 
ATOM 950  N NE2   . HIS C 3 124 ? -2.36573  -12.47056 1.31177   1.000 151.65449 ?  365 HIS A NE2   1 
ATOM 951  N N     . TRP C 3 125 ? 1.14615   -6.75487  1.99743   1.000 146.95157 ?  366 TRP A N     1 
ATOM 952  C CA    . TRP C 3 125 ? 2.26439   -5.84674  2.22196   1.000 130.66420 ?  366 TRP A CA    1 
ATOM 953  C C     . TRP C 3 125 ? 1.97186   -4.86903  3.36007   1.000 120.50691 ?  366 TRP A C     1 
ATOM 954  O O     . TRP C 3 125 ? 2.79519   -4.70583  4.26752   1.000 132.65027 ?  366 TRP A O     1 
ATOM 955  C CB    . TRP C 3 125 ? 2.58016   -5.10112  0.92245   1.000 129.13372 ?  366 TRP A CB    1 
ATOM 956  C CG    . TRP C 3 125 ? 3.81323   -4.23173  0.95302   1.000 158.63029 ?  366 TRP A CG    1 
ATOM 957  C CD1   . TRP C 3 125 ? 5.06871   -4.56027  0.52353   1.000 164.83663 ?  366 TRP A CD1   1 
ATOM 958  C CD2   . TRP C 3 125 ? 3.89031   -2.86480  1.38868   1.000 154.30692 ?  366 TRP A CD2   1 
ATOM 959  N NE1   . TRP C 3 125 ? 5.92566   -3.49320  0.68977   1.000 144.35046 ?  366 TRP A NE1   1 
ATOM 960  C CE2   . TRP C 3 125 ? 5.22482   -2.44227  1.21577   1.000 134.17027 ?  366 TRP A CE2   1 
ATOM 961  C CE3   . TRP C 3 125 ? 2.96291   -1.96001  1.91816   1.000 146.10049 ?  366 TRP A CE3   1 
ATOM 962  C CZ2   . TRP C 3 125 ? 5.65078   -1.16468  1.55088   1.000 121.28131 ?  366 TRP A CZ2   1 
ATOM 963  C CZ3   . TRP C 3 125 ? 3.39501   -0.68568  2.24920   1.000 140.52669 ?  366 TRP A CZ3   1 
ATOM 964  C CH2   . TRP C 3 125 ? 4.72409   -0.30344  2.06563   1.000 123.26499 ?  366 TRP A CH2   1 
ATOM 965  N N     . PHE C 3 126 ? 0.78193   -4.25181  3.35955   1.000 118.83163 ?  367 PHE A N     1 
ATOM 966  C CA    . PHE C 3 126 ? 0.44747   -3.25396  4.37765   1.000 117.26026 ?  367 PHE A CA    1 
ATOM 967  C C     . PHE C 3 126 ? 0.46080   -3.85561  5.77706   1.000 125.88502 ?  367 PHE A C     1 
ATOM 968  O O     . PHE C 3 126 ? 1.03414   -3.27610  6.70688   1.000 121.73101 ?  367 PHE A O     1 
ATOM 969  C CB    . PHE C 3 126 ? -0.93478  -2.65334  4.10793   1.000 117.18003 ?  367 PHE A CB    1 
ATOM 970  C CG    . PHE C 3 126 ? -0.92178  -1.38766  3.30418   1.000 103.08011 ?  367 PHE A CG    1 
ATOM 971  C CD1   . PHE C 3 126 ? -0.66849  -1.42414  1.94545   1.000 106.99515 ?  367 PHE A CD1   1 
ATOM 972  C CD2   . PHE C 3 126 ? -1.18614  -0.16182  3.90781   1.000 117.31915 ?  367 PHE A CD2   1 
ATOM 973  C CE1   . PHE C 3 126 ? -0.67657  -0.26793  1.18913   1.000 78.10219  ?  367 PHE A CE1   1 
ATOM 974  C CE2   . PHE C 3 126 ? -1.18441  1.01017   3.16309   1.000 115.55737 ?  367 PHE A CE2   1 
ATOM 975  C CZ    . PHE C 3 126 ? -0.91989  0.95485   1.80075   1.000 114.28673 ?  367 PHE A CZ    1 
ATOM 976  N N     . THR C 3 127 ? -0.20441  -5.00425  5.95605   1.000 127.18255 ?  368 THR A N     1 
ATOM 977  C CA    . THR C 3 127 ? -0.23817  -5.63766  7.27084   1.000 124.57460 ?  368 THR A CA    1 
ATOM 978  C C     . THR C 3 127 ? 1.15263   -6.07387  7.69310   1.000 122.18605 ?  368 THR A C     1 
ATOM 979  O O     . THR C 3 127 ? 1.57124   -5.84008  8.83362   1.000 103.14928 ?  368 THR A O     1 
ATOM 980  C CB    . THR C 3 127 ? -1.17082  -6.84615  7.25833   1.000 123.97719 ?  368 THR A CB    1 
ATOM 981  O OG1   . THR C 3 127 ? -0.80733  -7.71384  6.17514   1.000 119.63628 ?  368 THR A OG1   1 
ATOM 982  C CG2   . THR C 3 127 ? -2.60417  -6.39548  7.05950   1.000 119.01040 ?  368 THR A CG2   1 
ATOM 983  N N     . ARG C 3 128 ? 1.89732   -6.67746  6.76595   1.000 123.94242 ?  369 ARG A N     1 
ATOM 984  C CA    . ARG C 3 128 ? 3.24973   -7.11616  7.07698   1.000 128.45655 ?  369 ARG A CA    1 
ATOM 985  C C     . ARG C 3 128 ? 4.13102   -5.93475  7.44891   1.000 127.15049 ?  369 ARG A C     1 
ATOM 986  O O     . ARG C 3 128 ? 4.95970   -6.03980  8.35933   1.000 122.04934 ?  369 ARG A O     1 
ATOM 987  C CB    . ARG C 3 128 ? 3.83396   -7.89728  5.89409   1.000 135.92299 ?  369 ARG A CB    1 
ATOM 988  C CG    . ARG C 3 128 ? 5.31315   -8.24431  6.01356   1.000 144.59075 ?  369 ARG A CG    1 
ATOM 989  C CD    . ARG C 3 128 ? 5.77510   -9.20511  4.91043   1.000 153.51460 ?  369 ARG A CD    1 
ATOM 990  N NE    . ARG C 3 128 ? 5.48429   -8.75948  3.54965   1.000 159.56531 ?  369 ARG A NE    1 
ATOM 991  C CZ    . ARG C 3 128 ? 6.38122   -8.23074  2.72615   1.000 159.98917 ?  369 ARG A CZ    1 
ATOM 992  N NH1   . ARG C 3 128 ? 7.63974   -8.05094  3.09828   1.000 131.78538 ?  369 ARG A NH1   1 
ATOM 993  N NH2   . ARG C 3 128 ? 6.00733   -7.87837  1.49761   1.000 158.10558 ?  369 ARG A NH2   1 
ATOM 994  N N     . MET C 3 129 ? 3.95860   -4.80251  6.77150   1.000 136.02851 ?  370 MET A N     1 
ATOM 995  C CA    . MET C 3 129 ? 4.90434   -3.70255  6.87350   1.000 117.44561 ?  370 MET A CA    1 
ATOM 996  C C     . MET C 3 129 ? 4.52497   -2.65480  7.92542   1.000 102.72436 ?  370 MET A C     1 
ATOM 997  O O     . MET C 3 129 ? 5.30848   -1.72547  8.14028   1.000 106.00090 ?  370 MET A O     1 
ATOM 998  C CB    . MET C 3 129 ? 5.06181   -3.04519  5.49831   1.000 87.61699  ?  370 MET A CB    1 
ATOM 999  C CG    . MET C 3 129 ? 6.44765   -2.52867  5.20974   1.000 117.86207 ?  370 MET A CG    1 
ATOM 1000 S SD    . MET C 3 129 ? 7.56849   -3.93596  5.16519   1.000 134.87281 ?  370 MET A SD    1 
ATOM 1001 C CE    . MET C 3 129 ? 7.49154   -4.42103  3.44175   1.000 136.80119 ?  370 MET A CE    1 
ATOM 1002 N N     . PHE C 3 130 ? 3.35716   -2.76937  8.57817   1.000 112.69314 ?  371 PHE A N     1 
ATOM 1003 C CA    . PHE C 3 130 ? 2.92276   -1.84010  9.62720   1.000 89.36012  ?  371 PHE A CA    1 
ATOM 1004 C C     . PHE C 3 130 ? 2.03545   -2.54393  10.63899  1.000 105.94349 ?  371 PHE A C     1 
ATOM 1005 O O     . PHE C 3 130 ? 1.05774   -3.19888  10.25944  1.000 141.40272 ?  371 PHE A O     1 
ATOM 1006 C CB    . PHE C 3 130 ? 2.13201   -0.66097  9.05025   1.000 107.36266 ?  371 PHE A CB    1 
ATOM 1007 C CG    . PHE C 3 130 ? 2.84839   0.08088   7.98348   1.000 94.99027  ?  371 PHE A CG    1 
ATOM 1008 C CD1   . PHE C 3 130 ? 3.97408   0.81807   8.26993   1.000 104.67803 ?  371 PHE A CD1   1 
ATOM 1009 C CD2   . PHE C 3 130 ? 2.39627   0.02543   6.68031   1.000 115.92902 ?  371 PHE A CD2   1 
ATOM 1010 C CE1   . PHE C 3 130 ? 4.63714   1.49102   7.26004   1.000 118.46888 ?  371 PHE A CE1   1 
ATOM 1011 C CE2   . PHE C 3 130 ? 3.04506   0.69849   5.67142   1.000 103.67348 ?  371 PHE A CE2   1 
ATOM 1012 C CZ    . PHE C 3 130 ? 4.16163   1.42559   5.95178   1.000 93.01359  ?  371 PHE A CZ    1 
ATOM 1013 N N     . ALA C 3 131 ? 2.33911   -2.35429  11.92234  1.000 76.17146  ?  372 ALA A N     1 
ATOM 1014 C CA    . ALA C 3 131 ? 1.49840   -2.93935  12.96608  1.000 103.28471 ?  372 ALA A CA    1 
ATOM 1015 C C     . ALA C 3 131 ? 0.15920   -2.21830  13.10323  1.000 106.74167 ?  372 ALA A C     1 
ATOM 1016 O O     . ALA C 3 131 ? -0.84181  -2.83605  13.49229  1.000 130.14282 ?  372 ALA A O     1 
ATOM 1017 C CB    . ALA C 3 131 ? 2.22772   -2.93143  14.30981  1.000 102.18349 ?  372 ALA A CB    1 
ATOM 1018 N N     . TYR C 3 132 ? 0.11617   -0.92556  12.77979  1.000 99.48272  ?  373 TYR A N     1 
ATOM 1019 C CA    . TYR C 3 132 ? -1.11546  -0.15733  12.95083  1.000 128.03414 ?  373 TYR A CA    1 
ATOM 1020 C C     . TYR C 3 132 ? -2.24174  -0.71464  12.08887  1.000 124.54642 ?  373 TYR A C     1 
ATOM 1021 O O     . TYR C 3 132 ? -3.39407  -0.79763  12.53676  1.000 144.18845 ?  373 TYR A O     1 
ATOM 1022 C CB    . TYR C 3 132 ? -0.86247  1.32118   12.62807  1.000 136.37547 ?  373 TYR A CB    1 
ATOM 1023 C CG    . TYR C 3 132 ? -2.08696  2.20837   12.68581  1.000 127.67162 ?  373 TYR A CG    1 
ATOM 1024 C CD1   . TYR C 3 132 ? -2.57234  2.67855   13.90281  1.000 131.90594 ?  373 TYR A CD1   1 
ATOM 1025 C CD2   . TYR C 3 132 ? -2.73519  2.60575   11.51895  1.000 116.63449 ?  373 TYR A CD2   1 
ATOM 1026 C CE1   . TYR C 3 132 ? -3.68484  3.49663   13.95756  1.000 137.03433 ?  373 TYR A CE1   1 
ATOM 1027 C CE2   . TYR C 3 132 ? -3.84901  3.42529   11.56471  1.000 122.93660 ?  373 TYR A CE2   1 
ATOM 1028 C CZ    . TYR C 3 132 ? -4.31925  3.86574   12.78678  1.000 140.92780 ?  373 TYR A CZ    1 
ATOM 1029 O OH    . TYR C 3 132 ? -5.42202  4.68647   12.84878  1.000 153.31300 ?  373 TYR A OH    1 
ATOM 1030 N N     . PHE C 3 133 ? -1.92991  -1.10428  10.85202  1.000 109.14144 ?  374 PHE A N     1 
ATOM 1031 C CA    . PHE C 3 133 ? -2.92150  -1.65578  9.93510   1.000 129.64829 ?  374 PHE A CA    1 
ATOM 1032 C C     . PHE C 3 133 ? -3.32440  -3.09639  10.24512  1.000 128.41600 ?  374 PHE A C     1 
ATOM 1033 O O     . PHE C 3 133 ? -4.01444  -3.71571  9.42835   1.000 122.38469 ?  374 PHE A O     1 
ATOM 1034 C CB    . PHE C 3 133 ? -2.41367  -1.58424  8.49764   1.000 114.50476 ?  374 PHE A CB    1 
ATOM 1035 C CG    . PHE C 3 133 ? -2.25623  -0.19379  7.98521   1.000 108.67959 ?  374 PHE A CG    1 
ATOM 1036 C CD1   . PHE C 3 133 ? -3.33928  0.66495   7.95255   1.000 114.65801 ?  374 PHE A CD1   1 
ATOM 1037 C CD2   . PHE C 3 133 ? -1.04047  0.25358   7.51552   1.000 122.18711 ?  374 PHE A CD2   1 
ATOM 1038 C CE1   . PHE C 3 133 ? -3.21251  1.95493   7.47499   1.000 116.46710 ?  374 PHE A CE1   1 
ATOM 1039 C CE2   . PHE C 3 133 ? -0.90616  1.54430   7.03646   1.000 113.75167 ?  374 PHE A CE2   1 
ATOM 1040 C CZ    . PHE C 3 133 ? -1.99463  2.39385   7.01681   1.000 123.54562 ?  374 PHE A CZ    1 
ATOM 1041 N N     . ARG C 3 134 ? -2.90906  -3.65879  11.37112  1.000 117.95083 ?  375 ARG A N     1 
ATOM 1042 C CA    . ARG C 3 134 ? -3.33157  -5.00093  11.72569  1.000 111.47976 ?  375 ARG A CA    1 
ATOM 1043 C C     . ARG C 3 134 ? -4.56210  -5.00972  12.61258  1.000 146.64422 ?  375 ARG A C     1 
ATOM 1044 O O     . ARG C 3 134 ? -4.97208  -6.08260  13.06380  1.000 163.28803 ?  375 ARG A O     1 
ATOM 1045 C CB    . ARG C 3 134 ? -2.19230  -5.74042  12.41254  1.000 107.03945 ?  375 ARG A CB    1 
ATOM 1046 C CG    . ARG C 3 134 ? -1.00199  -5.93271  11.51522  1.000 110.13211 ?  375 ARG A CG    1 
ATOM 1047 C CD    . ARG C 3 134 ? 0.10005   -6.61530  12.27359  1.000 128.36758 ?  375 ARG A CD    1 
ATOM 1048 N NE    . ARG C 3 134 ? 1.34534   -6.64162  11.51882  1.000 132.64434 ?  375 ARG A NE    1 
ATOM 1049 C CZ    . ARG C 3 134 ? 2.54056   -6.50132  12.07860  1.000 132.63781 ?  375 ARG A CZ    1 
ATOM 1050 N NH1   . ARG C 3 134 ? 2.67138   -6.27500  13.37851  1.000 133.73182 ?  375 ARG A NH1   1 
ATOM 1051 N NH2   . ARG C 3 134 ? 3.63089   -6.58032  11.31825  1.000 122.87598 ?  375 ARG A NH2   1 
ATOM 1052 N N     . ASN C 3 135 ? -5.15788  -3.85271  12.87837  1.000 142.14626 ?  376 ASN A N     1 
ATOM 1053 C CA    . ASN C 3 135 ? -6.25468  -3.77928  13.83178  1.000 162.73136 ?  376 ASN A CA    1 
ATOM 1054 C C     . ASN C 3 135 ? -7.61931  -3.51520  13.21531  1.000 182.58129 ?  376 ASN A C     1 
ATOM 1055 O O     . ASN C 3 135 ? -8.60698  -4.08791  13.67517  1.000 184.54869 ?  376 ASN A O     1 
ATOM 1056 C CB    . ASN C 3 135 ? -5.94172  -2.71180  14.88240  1.000 143.11580 ?  376 ASN A CB    1 
ATOM 1057 C CG    . ASN C 3 135 ? -4.66064  -3.01737  15.64016  1.000 162.32597 ?  376 ASN A CG    1 
ATOM 1058 O OD1   . ASN C 3 135 ? -3.99199  -4.02019  15.36323  1.000 144.55256 ?  376 ASN A OD1   1 
ATOM 1059 N ND2   . ASN C 3 135 ? -4.30485  -2.15527  16.58904  1.000 171.49115 ?  376 ASN A ND2   1 
ATOM 1060 N N     . HIS C 3 136 ? -7.71997  -2.68006  12.18634  1.000 175.44255 ?  377 HIS A N     1 
ATOM 1061 C CA    . HIS C 3 136 ? -9.01326  -2.27466  11.63287  1.000 176.44943 ?  377 HIS A CA    1 
ATOM 1062 C C     . HIS C 3 136 ? -9.02133  -2.43445  10.11853  1.000 165.66416 ?  377 HIS A C     1 
ATOM 1063 O O     . HIS C 3 136 ? -9.03695  -1.44543  9.37224   1.000 157.15637 ?  377 HIS A O     1 
ATOM 1064 C CB    . HIS C 3 136 ? -9.33794  -0.84370  12.05524  1.000 169.80955 ?  377 HIS A CB    1 
ATOM 1065 C CG    . HIS C 3 136 ? -9.33883  -0.65700  13.53965  1.000 187.28568 ?  377 HIS A CG    1 
ATOM 1066 N ND1   . HIS C 3 136 ? -10.09833 -1.44100  14.38380  1.000 185.47358 ?  377 HIS A ND1   1 
ATOM 1067 C CD2   . HIS C 3 136 ? -8.65234  0.19385   14.33694  1.000 200.50381 ?  377 HIS A CD2   1 
ATOM 1068 C CE1   . HIS C 3 136 ? -9.89666  -1.06560  15.63335  1.000 186.18714 ?  377 HIS A CE1   1 
ATOM 1069 N NE2   . HIS C 3 136 ? -9.02186  -0.07531  15.63353  1.000 204.57737 ?  377 HIS A NE2   1 
ATOM 1070 N N     . PRO C 3 137 ? -9.04229  -3.68187  9.62982   1.000 168.04359 ?  378 PRO A N     1 
ATOM 1071 C CA    . PRO C 3 137 ? -8.86697  -3.91106  8.18261   1.000 175.81694 ?  378 PRO A CA    1 
ATOM 1072 C C     . PRO C 3 137 ? -9.87996  -3.20708  7.29007   1.000 175.21582 ?  378 PRO A C     1 
ATOM 1073 O O     . PRO C 3 137 ? -9.49811  -2.70910  6.22326   1.000 166.15888 ?  378 PRO A O     1 
ATOM 1074 C CB    . PRO C 3 137 ? -8.97966  -5.43861  8.05617   1.000 186.27990 ?  378 PRO A CB    1 
ATOM 1075 C CG    . PRO C 3 137 ? -9.72503  -5.87574  9.27064   1.000 202.28473 ?  378 PRO A CG    1 
ATOM 1076 C CD    . PRO C 3 137 ? -9.30631  -4.93258  10.36181  1.000 187.22099 ?  378 PRO A CD    1 
ATOM 1077 N N     . ALA C 3 138 ? -11.15306 -3.12819  7.68939   1.000 204.14022 ?  379 ALA A N     1 
ATOM 1078 C CA    . ALA C 3 138 ? -12.15480 -2.55672  6.78970   1.000 205.13022 ?  379 ALA A CA    1 
ATOM 1079 C C     . ALA C 3 138 ? -11.93539 -1.06405  6.56343   1.000 202.05022 ?  379 ALA A C     1 
ATOM 1080 O O     . ALA C 3 138 ? -12.26002 -0.54613  5.48717   1.000 201.84022 ?  379 ALA A O     1 
ATOM 1081 C CB    . ALA C 3 138 ? -13.56050 -2.81714  7.32720   1.000 212.69022 ?  379 ALA A CB    1 
ATOM 1082 N N     . THR C 3 139 ? -11.38301 -0.36378  7.55744   1.000 143.21291 ?  380 THR A N     1 
ATOM 1083 C CA    . THR C 3 139 ? -11.21054 1.08461   7.45801   1.000 144.04329 ?  380 THR A CA    1 
ATOM 1084 C C     . THR C 3 139 ? -10.25166 1.46498   6.33248   1.000 143.71809 ?  380 THR A C     1 
ATOM 1085 O O     . THR C 3 139 ? -10.46927 2.45596   5.62064   1.000 138.65549 ?  380 THR A O     1 
ATOM 1086 C CB    . THR C 3 139 ? -10.70152 1.65208   8.78791   1.000 154.67448 ?  380 THR A CB    1 
ATOM 1087 O OG1   . THR C 3 139 ? -11.52390 1.18173   9.86373   1.000 143.70159 ?  380 THR A OG1   1 
ATOM 1088 C CG2   . THR C 3 139 ? -10.70347 3.17908   8.76054   1.000 119.77006 ?  380 THR A CG2   1 
ATOM 1089 N N     . TRP C 3 140 ? -9.15798  0.71748   6.18501   1.000 125.14512 ?  381 TRP A N     1 
ATOM 1090 C CA    . TRP C 3 140 ? -8.09985  1.10978   5.26470   1.000 120.60820 ?  381 TRP A CA    1 
ATOM 1091 C C     . TRP C 3 140 ? -8.10868  0.32332   3.96069   1.000 130.11370 ?  381 TRP A C     1 
ATOM 1092 O O     . TRP C 3 140 ? -7.68006  0.86149   2.93113   1.000 116.74526 ?  381 TRP A O     1 
ATOM 1093 C CB    . TRP C 3 140 ? -6.74469  0.98133   5.96572   1.000 123.45247 ?  381 TRP A CB    1 
ATOM 1094 C CG    . TRP C 3 140 ? -6.42791  -0.39976  6.41594   1.000 105.60587 ?  381 TRP A CG    1 
ATOM 1095 C CD1   . TRP C 3 140 ? -6.62275  -0.90985  7.66440   1.000 111.68911 ?  381 TRP A CD1   1 
ATOM 1096 C CD2   . TRP C 3 140 ? -5.74758  -1.41321  5.66863   1.000 102.83323 ?  381 TRP A CD2   1 
ATOM 1097 N NE1   . TRP C 3 140 ? -6.16609  -2.20393  7.72576   1.000 118.94537 ?  381 TRP A NE1   1 
ATOM 1098 C CE2   . TRP C 3 140 ? -5.61744  -2.53825  6.51504   1.000 108.97110 ?  381 TRP A CE2   1 
ATOM 1099 C CE3   . TRP C 3 140 ? -5.25953  -1.49044  4.35807   1.000 97.62855  ?  381 TRP A CE3   1 
ATOM 1100 C CZ2   . TRP C 3 140 ? -5.01716  -3.73248  6.09133   1.000 93.99255  ?  381 TRP A CZ2   1 
ATOM 1101 C CZ3   . TRP C 3 140 ? -4.66471  -2.67508  3.93818   1.000 109.19514 ?  381 TRP A CZ3   1 
ATOM 1102 C CH2   . TRP C 3 140 ? -4.54737  -3.77903  4.80489   1.000 105.65253 ?  381 TRP A CH2   1 
ATOM 1103 N N     . LYS C 3 141 ? -8.61222  -0.91810  3.96750   1.000 139.05010 ?  382 LYS A N     1 
ATOM 1104 C CA    . LYS C 3 141 ? -8.83106  -1.61953  2.70695   1.000 127.45385 ?  382 LYS A CA    1 
ATOM 1105 C C     . LYS C 3 141 ? -9.75045  -0.81382  1.80891   1.000 125.69772 ?  382 LYS A C     1 
ATOM 1106 O O     . LYS C 3 141 ? -9.51889  -0.71442  0.59806   1.000 117.47720 ?  382 LYS A O     1 
ATOM 1107 C CB    . LYS C 3 141 ? -9.40209  -3.02423  2.94422   1.000 134.51503 ?  382 LYS A CB    1 
ATOM 1108 C CG    . LYS C 3 141 ? -8.39736  -4.04738  3.46645   1.000 131.79069 ?  382 LYS A CG    1 
ATOM 1109 C CD    . LYS C 3 141 ? -9.00045  -5.45046  3.65696   1.000 121.23631 ?  382 LYS A CD    1 
ATOM 1110 C CE    . LYS C 3 141 ? -7.91197  -6.42104  4.13066   1.000 126.37438 ?  382 LYS A CE    1 
ATOM 1111 N NZ    . LYS C 3 141 ? -8.30308  -7.84717  4.29723   1.000 114.84118 ?  382 LYS A NZ    1 
ATOM 1112 N N     . ASN C 3 142 ? -10.77955 -0.19475  2.39368   1.000 124.02097 ?  383 ASN A N     1 
ATOM 1113 C CA    . ASN C 3 142 ? -11.61257 0.71087   1.61856   1.000 123.12304 ?  383 ASN A CA    1 
ATOM 1114 C C     . ASN C 3 142 ? -10.78499 1.86161   1.07535   1.000 120.87921 ?  383 ASN A C     1 
ATOM 1115 O O     . ASN C 3 142 ? -10.91077 2.23289   -0.09806  1.000 110.02458 ?  383 ASN A O     1 
ATOM 1116 C CB    . ASN C 3 142 ? -12.75952 1.24572   2.47065   1.000 130.56299 ?  383 ASN A CB    1 
ATOM 1117 C CG    . ASN C 3 142 ? -13.86094 1.86283   1.62476   1.000 142.77390 ?  383 ASN A CG    1 
ATOM 1118 O OD1   . ASN C 3 142 ? -14.27086 1.29900   0.60623   1.000 136.67913 ?  383 ASN A OD1   1 
ATOM 1119 N ND2   . ASN C 3 142 ? -14.32453 3.04241   2.02671   1.000 135.31996 ?  383 ASN A ND2   1 
ATOM 1120 N N     . ALA C 3 143 ? -9.90562  2.41404   1.91065   1.000 128.46899 ?  384 ALA A N     1 
ATOM 1121 C CA    . ALA C 3 143 ? -9.06804  3.51907   1.46913   1.000 106.40762 ?  384 ALA A CA    1 
ATOM 1122 C C     . ALA C 3 143 ? -8.15869  3.09572   0.31704   1.000 105.18001 ?  384 ALA A C     1 
ATOM 1123 O O     . ALA C 3 143 ? -7.97762  3.84740   -0.64853  1.000 109.20553 ?  384 ALA A O     1 
ATOM 1124 C CB    . ALA C 3 143 ? -8.24332  4.05030   2.64302   1.000 122.49333 ?  384 ALA A CB    1 
ATOM 1125 N N     . ILE C 3 144 ? -7.57663  1.89223   0.39640   1.000 102.37036 ?  385 ILE A N     1 
ATOM 1126 C CA    . ILE C 3 144 ? -6.63076  1.46374   -0.63949  1.000 101.19041 ?  385 ILE A CA    1 
ATOM 1127 C C     . ILE C 3 144 ? -7.33991  1.35596   -1.98524  1.000 118.03419 ?  385 ILE A C     1 
ATOM 1128 O O     . ILE C 3 144 ? -6.81985  1.78225   -3.02805  1.000 109.64873 ?  385 ILE A O     1 
ATOM 1129 C CB    . ILE C 3 144 ? -5.96109  0.12695   -0.25963  1.000 96.69630  ?  385 ILE A CB    1 
ATOM 1130 C CG1   . ILE C 3 144 ? -5.16307  0.25961   1.02562   1.000 97.45439  ?  385 ILE A CG1   1 
ATOM 1131 C CG2   . ILE C 3 144 ? -4.98195  -0.27110  -1.36500  1.000 89.83267  ?  385 ILE A CG2   1 
ATOM 1132 C CD1   . ILE C 3 144 ? -4.10555  1.31558   0.94426   1.000 130.56995 ?  385 ILE A CD1   1 
ATOM 1133 N N     . ARG C 3 145 ? -8.53650  0.76267   -1.98682  1.000 118.03157 ?  386 ARG A N     1 
ATOM 1134 C CA    . ARG C 3 145 ? -9.31540  0.67975   -3.21375  1.000 131.24599 ?  386 ARG A CA    1 
ATOM 1135 C C     . ARG C 3 145 ? -9.63226  2.07569   -3.73572  1.000 120.50118 ?  386 ARG A C     1 
ATOM 1136 O O     . ARG C 3 145 ? -9.41579  2.36938   -4.91645  1.000 114.00387 ?  386 ARG A O     1 
ATOM 1137 C CB    . ARG C 3 145 ? -10.59111 -0.13978  -2.95631  1.000 131.43193 ?  386 ARG A CB    1 
ATOM 1138 C CG    . ARG C 3 145 ? -10.31782 -1.62867  -2.68295  1.000 119.22671 ?  386 ARG A CG    1 
ATOM 1139 C CD    . ARG C 3 145 ? -11.57303 -2.51068  -2.57322  1.000 110.13976 ?  386 ARG A CD    1 
ATOM 1140 N NE    . ARG C 3 145 ? -12.49956 -2.02585  -1.55081  1.000 109.89604 ?  386 ARG A NE    1 
ATOM 1141 C CZ    . ARG C 3 145 ? -12.58213 -2.50310  -0.30971  1.000 104.17263 ?  386 ARG A CZ    1 
ATOM 1142 N NH1   . ARG C 3 145 ? -11.78064 -3.46928  0.11996   1.000 91.84279  ?  386 ARG A NH1   1 
ATOM 1143 N NH2   . ARG C 3 145 ? -13.47787 -1.98068  0.53053   1.000 102.43885 ?  386 ARG A NH2   1 
ATOM 1144 N N     . HIS C 3 146 ? -10.05005 2.97513   -2.83988  1.000 92.19453  ?  387 HIS A N     1 
ATOM 1145 C CA    . HIS C 3 146 ? -10.37914 4.34851   -3.22617  1.000 122.49735 ?  387 HIS A CA    1 
ATOM 1146 C C     . HIS C 3 146 ? -9.20748  5.03117   -3.92474  1.000 129.72271 ?  387 HIS A C     1 
ATOM 1147 O O     . HIS C 3 146 ? -9.35752  5.57433   -5.02841  1.000 98.39148  ?  387 HIS A O     1 
ATOM 1148 C CB    . HIS C 3 146 ? -10.79944 5.15038   -1.98360  1.000 141.46069 ?  387 HIS A CB    1 
ATOM 1149 C CG    . HIS C 3 146 ? -10.97237 6.62157   -2.22690  1.000 142.64649 ?  387 HIS A CG    1 
ATOM 1150 N ND1   . HIS C 3 146 ? -12.06281 7.14903   -2.88821  1.000 149.30996 ?  387 HIS A ND1   1 
ATOM 1151 C CD2   . HIS C 3 146 ? -10.20757 7.68090   -1.86634  1.000 115.39216 ?  387 HIS A CD2   1 
ATOM 1152 C CE1   . HIS C 3 146 ? -11.95137 8.46457   -2.94297  1.000 136.00732 ?  387 HIS A CE1   1 
ATOM 1153 N NE2   . HIS C 3 146 ? -10.83429 8.81301   -2.32806  1.000 128.97419 ?  387 HIS A NE2   1 
ATOM 1154 N N     . ASN C 3 147 ? -8.02065  4.97894   -3.31082  1.000 134.75268 ?  388 ASN A N     1 
ATOM 1155 C CA    . ASN C 3 147 ? -6.86714  5.67512   -3.86759  1.000 141.33658 ?  388 ASN A CA    1 
ATOM 1156 C C     . ASN C 3 147 ? -6.44236  5.08099   -5.20632  1.000 122.56559 ?  388 ASN A C     1 
ATOM 1157 O O     . ASN C 3 147 ? -6.03316  5.82089   -6.10872  1.000 144.17027 ?  388 ASN A O     1 
ATOM 1158 C CB    . ASN C 3 147 ? -5.69695  5.65648   -2.88125  1.000 132.63292 ?  388 ASN A CB    1 
ATOM 1159 C CG    . ASN C 3 147 ? -5.76049  6.80055   -1.88046  1.000 121.86818 ?  388 ASN A CG    1 
ATOM 1160 O OD1   . ASN C 3 147 ? -5.00806  7.77286   -1.97567  1.000 137.90195 ?  388 ASN A OD1   1 
ATOM 1161 N ND2   . ASN C 3 147 ? -6.62828  6.66290   -0.88248  1.000 120.36727 ?  388 ASN A ND2   1 
ATOM 1162 N N     . LEU C 3 148 ? -6.53309  3.75733   -5.35456  1.000 117.42135 ?  389 LEU A N     1 
ATOM 1163 C CA    . LEU C 3 148 ? -6.08354  3.11851   -6.58633  1.000 128.32199 ?  389 LEU A CA    1 
ATOM 1164 C C     . LEU C 3 148 ? -6.83696  3.64947   -7.79376  1.000 135.77291 ?  389 LEU A C     1 
ATOM 1165 O O     . LEU C 3 148 ? -6.22846  3.99534   -8.81471  1.000 124.70269 ?  389 LEU A O     1 
ATOM 1166 C CB    . LEU C 3 148 ? -6.26241  1.60666   -6.47616  1.000 120.46824 ?  389 LEU A CB    1 
ATOM 1167 C CG    . LEU C 3 148 ? -5.24097  0.91908   -5.58234  1.000 107.59005 ?  389 LEU A CG    1 
ATOM 1168 C CD1   . LEU C 3 148 ? -5.64605  -0.51819  -5.31611  1.000 139.93855 ?  389 LEU A CD1   1 
ATOM 1169 C CD2   . LEU C 3 148 ? -3.90601  0.96561   -6.29638  1.000 88.95022  ?  389 LEU A CD2   1 
ATOM 1170 N N     . SER C 3 149 ? -8.15458  3.76330   -7.67867  1.000 147.41817 ?  390 SER A N     1 
ATOM 1171 C CA    . SER C 3 149 ? -9.00023  4.17126   -8.78739  1.000 142.75251 ?  390 SER A CA    1 
ATOM 1172 C C     . SER C 3 149 ? -9.21934  5.68253   -8.86593  1.000 143.15240 ?  390 SER A C     1 
ATOM 1173 O O     . SER C 3 149 ? -9.91065  6.13644   -9.78536  1.000 139.83105 ?  390 SER A O     1 
ATOM 1174 C CB    . SER C 3 149 ? -10.34326 3.43281   -8.70056  1.000 143.90801 ?  390 SER A CB    1 
ATOM 1175 O OG    . SER C 3 149 ? -10.99386 3.71139   -7.47352  1.000 159.11017 ?  390 SER A OG    1 
ATOM 1176 N N     . LEU C 3 150 ? -8.64085  6.47590   -7.95053  1.000 132.56260 ?  391 LEU A N     1 
ATOM 1177 C CA    . LEU C 3 150 ? -8.75057  7.93259   -8.03536  1.000 140.14549 ?  391 LEU A CA    1 
ATOM 1178 C C     . LEU C 3 150 ? -7.52256  8.61084   -8.64418  1.000 128.75336 ?  391 LEU A C     1 
ATOM 1179 O O     . LEU C 3 150 ? -7.65981  9.70108   -9.21054  1.000 137.78357 ?  391 LEU A O     1 
ATOM 1180 C CB    . LEU C 3 150 ? -9.03566  8.54270   -6.64763  1.000 142.23333 ?  391 LEU A CB    1 
ATOM 1181 C CG    . LEU C 3 150 ? -9.49616  10.01444  -6.58540  1.000 87.51948  ?  391 LEU A CG    1 
ATOM 1182 C CD1   . LEU C 3 150 ? -10.58421 10.21707  -5.52917  1.000 111.29224 ?  391 LEU A CD1   1 
ATOM 1183 C CD2   . LEU C 3 150 ? -8.34705  10.97182  -6.31868  1.000 151.80512 ?  391 LEU A CD2   1 
ATOM 1184 N N     . HIS C 3 151 ? -6.34315  7.99660   -8.57870  1.000 133.88475 ?  392 HIS A N     1 
ATOM 1185 C CA    . HIS C 3 151 ? -5.10644  8.61983   -9.04369  1.000 137.94631 ?  392 HIS A CA    1 
ATOM 1186 C C     . HIS C 3 151 ? -4.69046  8.04048   -10.38550 1.000 120.91663 ?  392 HIS A C     1 
ATOM 1187 O O     . HIS C 3 151 ? -4.58834  6.82116   -10.53451 1.000 142.32291 ?  392 HIS A O     1 
ATOM 1188 C CB    . HIS C 3 151 ? -3.98899  8.42772   -8.02130  1.000 127.12855 ?  392 HIS A CB    1 
ATOM 1189 C CG    . HIS C 3 151 ? -4.23602  9.13721   -6.72869  1.000 138.54784 ?  392 HIS A CG    1 
ATOM 1190 N ND1   . HIS C 3 151 ? -5.26801  10.03434  -6.55783  1.000 144.52507 ?  392 HIS A ND1   1 
ATOM 1191 C CD2   . HIS C 3 151 ? -3.60720  9.05568   -5.53334  1.000 156.47631 ?  392 HIS A CD2   1 
ATOM 1192 C CE1   . HIS C 3 151 ? -5.24387  10.49795  -5.32043  1.000 149.04999 ?  392 HIS A CE1   1 
ATOM 1193 N NE2   . HIS C 3 151 ? -4.24902  9.91637   -4.67640  1.000 163.84869 ?  392 HIS A NE2   1 
ATOM 1194 N N     . LYS C 3 152 ? -4.44270  8.91869   -11.35612 1.000 132.62122 ?  393 LYS A N     1 
ATOM 1195 C CA    . LYS C 3 152 ? -4.12246  8.46738   -12.70475 1.000 143.74265 ?  393 LYS A CA    1 
ATOM 1196 C C     . LYS C 3 152 ? -2.80256  7.71325   -12.77936 1.000 135.51559 ?  393 LYS A C     1 
ATOM 1197 O O     . LYS C 3 152 ? -2.57591  6.98831   -13.75735 1.000 106.09042 ?  393 LYS A O     1 
ATOM 1198 C CB    . LYS C 3 152 ? -4.10457  9.65543   -13.67215 1.000 160.79125 ?  393 LYS A CB    1 
ATOM 1199 C CG    . LYS C 3 152 ? -5.47134  10.29391  -13.87610 1.000 148.81288 ?  393 LYS A CG    1 
ATOM 1200 C CD    . LYS C 3 152 ? -5.44989  11.31405  -14.99832 1.000 143.05552 ?  393 LYS A CD    1 
ATOM 1201 C CE    . LYS C 3 152 ? -6.84151  11.87008  -15.26397 1.000 128.91634 ?  393 LYS A CE    1 
ATOM 1202 N NZ    . LYS C 3 152 ? -6.85137  12.74056  -16.47772 1.000 130.59578 ?  393 LYS A NZ    1 
ATOM 1203 N N     . CYS C 3 153 ? -1.94259  7.84587   -11.77232 1.000 150.82993 ?  394 CYS A N     1 
ATOM 1204 C CA    . CYS C 3 153 ? -0.65410  7.17049   -11.79022 1.000 153.15174 ?  394 CYS A CA    1 
ATOM 1205 C C     . CYS C 3 153 ? -0.73955  5.70243   -11.35304 1.000 142.17080 ?  394 CYS A C     1 
ATOM 1206 O O     . CYS C 3 153 ? 0.26612   4.98992   -11.45135 1.000 139.74309 ?  394 CYS A O     1 
ATOM 1207 C CB    . CYS C 3 153 ? 0.36182   8.00379   -10.97884 1.000 141.40541 ?  394 CYS A CB    1 
ATOM 1208 S SG    . CYS C 3 153 ? 0.01930   8.33507   -9.23159  1.000 126.26798 ?  394 CYS A SG    1 
ATOM 1209 N N     . PHE C 3 154 ? -1.91815  5.21759   -10.94569 1.000 136.36512 ?  395 PHE A N     1 
ATOM 1210 C CA    . PHE C 3 154 ? -2.17378  3.79222   -10.72953 1.000 113.08449 ?  395 PHE A CA    1 
ATOM 1211 C C     . PHE C 3 154 ? -2.97359  3.22019   -11.89269 1.000 134.19226 ?  395 PHE A C     1 
ATOM 1212 O O     . PHE C 3 154 ? -4.04097  3.74079   -12.22941 1.000 140.78593 ?  395 PHE A O     1 
ATOM 1213 C CB    . PHE C 3 154 ? -2.95290  3.54143   -9.43778  1.000 116.80024 ?  395 PHE A CB    1 
ATOM 1214 C CG    . PHE C 3 154 ? -2.25304  4.00578   -8.20925  1.000 115.70330 ?  395 PHE A CG    1 
ATOM 1215 C CD1   . PHE C 3 154 ? -0.94987  3.61747   -7.95569  1.000 112.51042 ?  395 PHE A CD1   1 
ATOM 1216 C CD2   . PHE C 3 154 ? -2.90316  4.81860   -7.29383  1.000 121.43005 ?  395 PHE A CD2   1 
ATOM 1217 C CE1   . PHE C 3 154 ? -0.29914  4.04237   -6.81719  1.000 115.05627 ?  395 PHE A CE1   1 
ATOM 1218 C CE2   . PHE C 3 154 ? -2.26235  5.24469   -6.15036  1.000 128.07603 ?  395 PHE A CE2   1 
ATOM 1219 C CZ    . PHE C 3 154 ? -0.95674  4.85693   -5.91068  1.000 133.56624 ?  395 PHE A CZ    1 
ATOM 1220 N N     . VAL C 3 155 ? -2.47847  2.13045   -12.47769 1.000 145.32976 ?  396 VAL A N     1 
ATOM 1221 C CA    . VAL C 3 155 ? -3.08068  1.51803   -13.65825 1.000 147.13046 ?  396 VAL A CA    1 
ATOM 1222 C C     . VAL C 3 155 ? -3.30840  0.03252   -13.38821 1.000 145.46653 ?  396 VAL A C     1 
ATOM 1223 O O     . VAL C 3 155 ? -2.43581  -0.64290  -12.83008 1.000 139.47608 ?  396 VAL A O     1 
ATOM 1224 C CB    . VAL C 3 155 ? -2.19897  1.72061   -14.90781 1.000 145.62066 ?  396 VAL A CB    1 
ATOM 1225 C CG1   . VAL C 3 155 ? -2.87663  1.14883   -16.14814 1.000 152.02200 ?  396 VAL A CG1   1 
ATOM 1226 C CG2   . VAL C 3 155 ? -1.87431  3.19748   -15.09552 1.000 134.86929 ?  396 VAL A CG2   1 
ATOM 1227 N N     . ARG C 3 156 ? -4.48323  -0.47023  -13.77146 1.000 152.32362 ?  397 ARG A N     1 
ATOM 1228 C CA    . ARG C 3 156 ? -4.79151  -1.89487  -13.67437 1.000 138.66443 ?  397 ARG A CA    1 
ATOM 1229 C C     . ARG C 3 156 ? -4.46252  -2.58802  -14.99172 1.000 133.84443 ?  397 ARG A C     1 
ATOM 1230 O O     . ARG C 3 156 ? -4.87415  -2.12701  -16.06030 1.000 131.87294 ?  397 ARG A O     1 
ATOM 1231 C CB    . ARG C 3 156 ? -6.26599  -2.11869  -13.32499 1.000 125.40743 ?  397 ARG A CB    1 
ATOM 1232 C CG    . ARG C 3 156 ? -6.67378  -3.58846  -13.29918 1.000 149.60725 ?  397 ARG A CG    1 
ATOM 1233 C CD    . ARG C 3 156 ? -8.15925  -3.77691  -13.00678 1.000 131.48223 ?  397 ARG A CD    1 
ATOM 1234 N NE    . ARG C 3 156 ? -8.61970  -5.08572  -13.46281 1.000 146.30776 ?  397 ARG A NE    1 
ATOM 1235 C CZ    . ARG C 3 156 ? -9.75693  -5.66179  -13.09374 1.000 161.22236 ?  397 ARG A CZ    1 
ATOM 1236 N NH1   . ARG C 3 156 ? -10.57666 -5.08162  -12.23200 1.000 165.32500 ?  397 ARG A NH1   1 
ATOM 1237 N NH2   . ARG C 3 156 ? -10.07984 -6.85083  -13.60337 1.000 146.72389 ?  397 ARG A NH2   1 
ATOM 1238 N N     . VAL C 3 157 ? -3.71660  -3.68912  -14.91140 1.000 145.25908 ?  398 VAL A N     1 
ATOM 1239 C CA    . VAL C 3 157 ? -3.30478  -4.46710  -16.07548 1.000 154.31013 ?  398 VAL A CA    1 
ATOM 1240 C C     . VAL C 3 157 ? -3.74635  -5.91041  -15.87686 1.000 156.80460 ?  398 VAL A C     1 
ATOM 1241 O O     . VAL C 3 157 ? -3.52213  -6.49294  -14.80863 1.000 157.93750 ?  398 VAL A O     1 
ATOM 1242 C CB    . VAL C 3 157 ? -1.78390  -4.39217  -16.30165 1.000 152.76156 ?  398 VAL A CB    1 
ATOM 1243 C CG1   . VAL C 3 157 ? -1.38502  -5.23446  -17.50431 1.000 145.34541 ?  398 VAL A CG1   1 
ATOM 1244 C CG2   . VAL C 3 157 ? -1.34686  -2.94803  -16.49897 1.000 144.80911 ?  398 VAL A CG2   1 
ATOM 1245 N N     . GLU C 3 158 ? -4.38314  -6.47998  -16.89810 1.000 158.51078 ?  399 GLU A N     1 
ATOM 1246 C CA    . GLU C 3 158 ? -4.77305  -7.88324  -16.85714 1.000 159.25123 ?  399 GLU A CA    1 
ATOM 1247 C C     . GLU C 3 158 ? -3.58535  -8.76515  -17.21588 1.000 152.29542 ?  399 GLU A C     1 
ATOM 1248 O O     . GLU C 3 158 ? -2.90408  -8.52933  -18.21998 1.000 142.43659 ?  399 GLU A O     1 
ATOM 1249 C CB    . GLU C 3 158 ? -5.93623  -8.15462  -17.81224 1.000 155.53772 ?  399 GLU A CB    1 
ATOM 1250 C CG    . GLU C 3 158 ? -6.80158  -9.35535  -17.42088 1.000 165.00149 ?  399 GLU A CG    1 
ATOM 1251 C CD    . GLU C 3 158 ? -7.50122  -9.17867  -16.08263 1.000 155.10902 ?  399 GLU A CD    1 
ATOM 1252 O OE1   . GLU C 3 158 ? -8.15717  -8.13446  -15.88356 1.000 155.50208 ?  399 GLU A OE1   1 
ATOM 1253 O OE2   . GLU C 3 158 ? -7.38766  -10.08174 -15.22560 1.000 152.08947 -1 399 GLU A OE2   1 
ATOM 1254 N N     . SER C 3 159 ? -3.34436  -9.78150  -16.39770 1.000 155.84493 ?  400 SER A N     1 
ATOM 1255 C CA    . SER C 3 159 ? -2.25699  -10.72178 -16.60514 1.000 162.64479 ?  400 SER A CA    1 
ATOM 1256 C C     . SER C 3 159 ? -2.82555  -12.11432 -16.84161 1.000 176.57876 ?  400 SER A C     1 
ATOM 1257 O O     . SER C 3 159 ? -4.04224  -12.32753 -16.85459 1.000 167.63435 ?  400 SER A O     1 
ATOM 1258 C CB    . SER C 3 159 ? -1.29656  -10.72326 -15.41271 1.000 154.01615 ?  400 SER A CB    1 
ATOM 1259 O OG    . SER C 3 159 ? -0.63301  -9.48340  -15.28822 1.000 162.85408 ?  400 SER A OG    1 
ATOM 1260 N N     . GLU C 3 160 ? -1.91459  -13.06556 -17.03758 1.000 180.49833 ?  401 GLU A N     1 
ATOM 1261 C CA    . GLU C 3 160 ? -2.31648  -14.45812 -17.17103 1.000 184.75235 ?  401 GLU A CA    1 
ATOM 1262 C C     . GLU C 3 160 ? -2.98148  -14.95797 -15.89726 1.000 183.09040 ?  401 GLU A C     1 
ATOM 1263 O O     . GLU C 3 160 ? -4.00248  -15.65396 -15.94961 1.000 180.51878 ?  401 GLU A O     1 
ATOM 1264 C CB    . GLU C 3 160 ? -1.09168  -15.29694 -17.51103 1.000 196.04379 ?  401 GLU A CB    1 
ATOM 1265 C CG    . GLU C 3 160 ? -0.40821  -14.83195 -18.77775 1.000 208.05556 ?  401 GLU A CG    1 
ATOM 1266 C CD    . GLU C 3 160 ? 0.85573   -15.59990 -19.06550 1.000 231.42013 ?  401 GLU A CD    1 
ATOM 1267 O OE1   . GLU C 3 160 ? 1.39565   -16.21857 -18.12405 1.000 240.26218 ?  401 GLU A OE1   1 
ATOM 1268 O OE2   . GLU C 3 160 ? 1.31038   -15.57954 -20.22804 1.000 239.95448 -1 401 GLU A OE2   1 
ATOM 1269 N N     . LYS C 3 161 ? -2.42306  -14.60285 -14.74413 1.000 180.76739 ?  402 LYS A N     1 
ATOM 1270 C CA    . LYS C 3 161 ? -2.90151  -15.08461 -13.45792 1.000 186.79203 ?  402 LYS A CA    1 
ATOM 1271 C C     . LYS C 3 161 ? -3.94078  -14.17012 -12.81650 1.000 185.90949 ?  402 LYS A C     1 
ATOM 1272 O O     . LYS C 3 161 ? -4.46140  -14.50866 -11.74691 1.000 189.64126 ?  402 LYS A O     1 
ATOM 1273 C CB    . LYS C 3 161 ? -1.71593  -15.27349 -12.51056 1.000 197.82624 ?  402 LYS A CB    1 
ATOM 1274 C CG    . LYS C 3 161 ? -0.67802  -16.26169 -13.02780 1.000 195.25003 ?  402 LYS A CG    1 
ATOM 1275 C CD    . LYS C 3 161 ? 0.50293   -16.37830 -12.07755 1.000 213.22406 ?  402 LYS A CD    1 
ATOM 1276 C CE    . LYS C 3 161 ? 1.56913   -17.31024 -12.63216 1.000 194.29586 ?  402 LYS A CE    1 
ATOM 1277 N NZ    . LYS C 3 161 ? 2.78479   -17.33044 -11.77188 1.000 166.22707 ?  402 LYS A NZ    1 
ATOM 1278 N N     . GLY C 3 162 ? -4.25475  -13.03049 -13.42813 1.000 172.44687 ?  403 GLY A N     1 
ATOM 1279 C CA    . GLY C 3 162 ? -5.31451  -12.16482 -12.95478 1.000 167.20706 ?  403 GLY A CA    1 
ATOM 1280 C C     . GLY C 3 162 ? -4.91423  -10.70829 -12.97639 1.000 162.83867 ?  403 GLY A C     1 
ATOM 1281 O O     . GLY C 3 162 ? -3.81901  -10.33622 -13.39607 1.000 159.08428 ?  403 GLY A O     1 
ATOM 1282 N N     . ALA C 3 163 ? -5.83541  -9.87140  -12.50409 1.000 162.00568 ?  404 ALA A N     1 
ATOM 1283 C CA    . ALA C 3 163 ? -5.62686  -8.43041  -12.50021 1.000 157.74653 ?  404 ALA A CA    1 
ATOM 1284 C C     . ALA C 3 163 ? -4.54068  -8.03139  -11.50778 1.000 158.62536 ?  404 ALA A C     1 
ATOM 1285 O O     . ALA C 3 163 ? -4.48360  -8.54097  -10.38392 1.000 159.89521 ?  404 ALA A O     1 
ATOM 1286 C CB    . ALA C 3 163 ? -6.93203  -7.71212  -12.16284 1.000 162.09806 ?  404 ALA A CB    1 
ATOM 1287 N N     . VAL C 3 164 ? -3.67720  -7.10511  -11.93583 1.000 162.24198 ?  405 VAL A N     1 
ATOM 1288 C CA    . VAL C 3 164 ? -2.60467  -6.55723  -11.11463 1.000 152.83996 ?  405 VAL A CA    1 
ATOM 1289 C C     . VAL C 3 164 ? -2.60410  -5.04336  -11.29485 1.000 152.80522 ?  405 VAL A C     1 
ATOM 1290 O O     . VAL C 3 164 ? -3.18170  -4.50901  -12.24353 1.000 154.97695 ?  405 VAL A O     1 
ATOM 1291 C CB    . VAL C 3 164 ? -1.21645  -7.12645  -11.48117 1.000 146.24630 ?  405 VAL A CB    1 
ATOM 1292 C CG1   . VAL C 3 164 ? -1.15809  -8.63076  -11.22104 1.000 149.31889 ?  405 VAL A CG1   1 
ATOM 1293 C CG2   . VAL C 3 164 ? -0.85553  -6.77925  -12.92114 1.000 119.48992 ?  405 VAL A CG2   1 
ATOM 1294 N N     . TRP C 3 165 ? -1.93433  -4.35344  -10.37330 1.000 147.11117 ?  406 TRP A N     1 
ATOM 1295 C CA    . TRP C 3 165 ? -1.82683  -2.89716  -10.39114 1.000 129.75459 ?  406 TRP A CA    1 
ATOM 1296 C C     . TRP C 3 165 ? -0.38410  -2.47480  -10.65141 1.000 133.12428 ?  406 TRP A C     1 
ATOM 1297 O O     . TRP C 3 165 ? 0.54572   -3.04142  -10.06738 1.000 138.03498 ?  406 TRP A O     1 
ATOM 1298 C CB    . TRP C 3 165 ? -2.31263  -2.29910  -9.06926  1.000 120.73834 ?  406 TRP A CB    1 
ATOM 1299 C CG    . TRP C 3 165 ? -3.77993  -2.37596  -8.87994  1.000 120.34376 ?  406 TRP A CG    1 
ATOM 1300 C CD1   . TRP C 3 165 ? -4.48051  -3.37890  -8.27407  1.000 146.26615 ?  406 TRP A CD1   1 
ATOM 1301 C CD2   . TRP C 3 165 ? -4.74297  -1.41102  -9.30537  1.000 134.84893 ?  406 TRP A CD2   1 
ATOM 1302 N NE1   . TRP C 3 165 ? -5.82722  -3.09493  -8.29097  1.000 150.13998 ?  406 TRP A NE1   1 
ATOM 1303 C CE2   . TRP C 3 165 ? -6.01485  -1.89049  -8.91915  1.000 136.76048 ?  406 TRP A CE2   1 
ATOM 1304 C CE3   . TRP C 3 165 ? -4.65582  -0.18547  -9.97505  1.000 126.15193 ?  406 TRP A CE3   1 
ATOM 1305 C CZ2   . TRP C 3 165 ? -7.19026  -1.18509  -9.18144  1.000 121.58947 ?  406 TRP A CZ2   1 
ATOM 1306 C CZ3   . TRP C 3 165 ? -5.82069  0.51357   -10.23401 1.000 136.22090 ?  406 TRP A CZ3   1 
ATOM 1307 C CH2   . TRP C 3 165 ? -7.07228  0.01244   -9.83773  1.000 131.37178 ?  406 TRP A CH2   1 
ATOM 1308 N N     . THR C 3 166 ? -0.19965  -1.48548  -11.52528 1.000 135.04931 ?  407 THR A N     1 
ATOM 1309 C CA    . THR C 3 166 ? 1.10955   -0.92129  -11.82918 1.000 138.98299 ?  407 THR A CA    1 
ATOM 1310 C C     . THR C 3 166 ? 1.10186   0.57540   -11.53568 1.000 123.79685 ?  407 THR A C     1 
ATOM 1311 O O     . THR C 3 166 ? 0.06630   1.16760   -11.21278 1.000 119.13282 ?  407 THR A O     1 
ATOM 1312 C CB    . THR C 3 166 ? 1.49662   -1.15971  -13.29321 1.000 147.18359 ?  407 THR A CB    1 
ATOM 1313 O OG1   . THR C 3 166 ? 0.72324   -0.29979  -14.13902 1.000 140.20050 ?  407 THR A OG1   1 
ATOM 1314 C CG2   . THR C 3 166 ? 1.22257   -2.60851  -13.68088 1.000 120.41362 ?  407 THR A CG2   1 
ATOM 1315 N N     . VAL C 3 167 ? 2.27219   1.19861   -11.64866 1.000 133.09317 ?  408 VAL A N     1 
ATOM 1316 C CA    . VAL C 3 167 ? 2.40596   2.62104   -11.36026 1.000 132.19003 ?  408 VAL A CA    1 
ATOM 1317 C C     . VAL C 3 167 ? 3.05461   3.31956   -12.55214 1.000 118.82934 ?  408 VAL A C     1 
ATOM 1318 O O     . VAL C 3 167 ? 4.08232   2.86488   -13.07264 1.000 94.99354  ?  408 VAL A O     1 
ATOM 1319 C CB    . VAL C 3 167 ? 3.20370   2.87508   -10.06330 1.000 111.60238 ?  408 VAL A CB    1 
ATOM 1320 C CG1   . VAL C 3 167 ? 4.64700   2.37845   -10.17496 1.000 117.97580 ?  408 VAL A CG1   1 
ATOM 1321 C CG2   . VAL C 3 167 ? 3.12766   4.33801   -9.66914  1.000 137.62586 ?  408 VAL A CG2   1 
ATOM 1322 N N     . ASP C 3 168 ? 2.44121   4.41756   -12.98778 1.000 123.18780 ?  409 ASP A N     1 
ATOM 1323 C CA    . ASP C 3 168 ? 3.00854   5.28882   -14.01042 1.000 155.16715 ?  409 ASP A CA    1 
ATOM 1324 C C     . ASP C 3 168 ? 3.87673   6.33968   -13.32366 1.000 172.29597 ?  409 ASP A C     1 
ATOM 1325 O O     . ASP C 3 168 ? 3.35485   7.27377   -12.70418 1.000 173.23340 ?  409 ASP A O     1 
ATOM 1326 C CB    . ASP C 3 168 ? 1.89914   5.94921   -14.82552 1.000 156.00225 ?  409 ASP A CB    1 
ATOM 1327 C CG    . ASP C 3 168 ? 2.43907   6.87693   -15.90348 1.000 177.13184 ?  409 ASP A CG    1 
ATOM 1328 O OD1   . ASP C 3 168 ? 3.66875   6.88265   -16.12805 1.000 178.19881 ?  409 ASP A OD1   1 
ATOM 1329 O OD2   . ASP C 3 168 ? 1.63958   7.62657   -16.50671 1.000 180.59303 -1 409 ASP A OD2   1 
ATOM 1330 N N     . GLU C 3 169 ? 5.20219   6.20579   -13.46273 1.000 170.77645 ?  410 GLU A N     1 
ATOM 1331 C CA    . GLU C 3 169 ? 6.11972   7.16463   -12.84592 1.000 186.58424 ?  410 GLU A CA    1 
ATOM 1332 C C     . GLU C 3 169 ? 5.91668   8.57275   -13.39507 1.000 201.94832 ?  410 GLU A C     1 
ATOM 1333 O O     . GLU C 3 169 ? 6.18489   9.56114   -12.69795 1.000 203.39975 ?  410 GLU A O     1 
ATOM 1334 C CB    . GLU C 3 169 ? 7.56923   6.72048   -13.06061 1.000 197.28884 ?  410 GLU A CB    1 
ATOM 1335 C CG    . GLU C 3 169 ? 8.64618   7.50020   -12.27001 1.000 225.68045 ?  410 GLU A CG    1 
ATOM 1336 C CD    . GLU C 3 169 ? 8.50728   7.42948   -10.75040 1.000 212.52798 ?  410 GLU A CD    1 
ATOM 1337 O OE1   . GLU C 3 169 ? 7.99196   6.40875   -10.24222 1.000 201.42313 ?  410 GLU A OE1   1 
ATOM 1338 O OE2   . GLU C 3 169 ? 8.94489   8.38666   -10.06502 1.000 205.13149 -1 410 GLU A OE2   1 
ATOM 1339 N N     . PHE C 3 170 ? 5.44619   8.68609   -14.63130 1.000 196.77570 ?  411 PHE A N     1 
ATOM 1340 C CA    . PHE C 3 170 ? 5.22390   9.98691   -15.24081 1.000 198.20621 ?  411 PHE A CA    1 
ATOM 1341 C C     . PHE C 3 170 ? 3.96842   10.65711  -14.69134 1.000 187.11294 ?  411 PHE A C     1 
ATOM 1342 O O     . PHE C 3 170 ? 4.00822   11.29819  -13.63761 1.000 163.53726 ?  411 PHE A O     1 
ATOM 1343 C CB    . PHE C 3 170 ? 5.13577   9.84218   -16.75834 1.000 192.39788 ?  411 PHE A CB    1 
ATOM 1344 C CG    . PHE C 3 170 ? 5.04660   11.14572  -17.48423 1.000 205.35011 ?  411 PHE A CG    1 
ATOM 1345 C CD1   . PHE C 3 170 ? 6.18932   11.89200  -17.72974 1.000 211.02263 ?  411 PHE A CD1   1 
ATOM 1346 C CD2   . PHE C 3 170 ? 3.82920   11.60688  -17.95746 1.000 195.57593 ?  411 PHE A CD2   1 
ATOM 1347 C CE1   . PHE C 3 170 ? 6.11850   13.09293  -18.40522 1.000 201.44559 ?  411 PHE A CE1   1 
ATOM 1348 C CE2   . PHE C 3 170 ? 3.74929   12.80196  -18.63901 1.000 209.62851 ?  411 PHE A CE2   1 
ATOM 1349 C CZ    . PHE C 3 170 ? 4.89731   13.54859  -18.86488 1.000 208.29144 ?  411 PHE A CZ    1 
# 
loop_
_pdbx_poly_seq_scheme.asym_id 
_pdbx_poly_seq_scheme.entity_id 
_pdbx_poly_seq_scheme.seq_id 
_pdbx_poly_seq_scheme.mon_id 
_pdbx_poly_seq_scheme.ndb_seq_num 
_pdbx_poly_seq_scheme.pdb_seq_num 
_pdbx_poly_seq_scheme.auth_seq_num 
_pdbx_poly_seq_scheme.pdb_mon_id 
_pdbx_poly_seq_scheme.auth_mon_id 
_pdbx_poly_seq_scheme.pdb_strand_id 
_pdbx_poly_seq_scheme.pdb_ins_code 
_pdbx_poly_seq_scheme.hetero 
A 1 1   DA  1   1   1   DA  DA  B . n 
A 1 2   DA  2   2   2   DA  DA  B . n 
A 1 3   DA  3   3   3   DA  DA  B . n 
A 1 4   DT  4   4   4   DT  DT  B . n 
A 1 5   DT  5   5   5   DT  DT  B . n 
A 1 6   DT  6   6   6   DT  DT  B . n 
A 1 7   DG  7   7   7   DG  DG  B . n 
A 1 8   DT  8   8   8   DT  DT  B . n 
A 1 9   DT  9   9   9   DT  DT  B . n 
A 1 10  DT  10  10  10  DT  DT  B . n 
A 1 11  DA  11  11  11  DA  DA  B . n 
A 1 12  DC  12  12  12  DC  DC  B . n 
A 1 13  DT  13  13  13  DT  DT  B . n 
A 1 14  DC  14  14  14  DC  DC  B . n 
B 2 1   DG  1   1   1   DG  DG  C . n 
B 2 2   DA  2   2   2   DA  DA  C . n 
B 2 3   DG  3   3   3   DG  DG  C . n 
B 2 4   DT  4   4   4   DT  DT  C . n 
B 2 5   DA  5   5   5   DA  DA  C . n 
B 2 6   DA  6   6   6   DA  DA  C . n 
B 2 7   DA  7   7   7   DA  DA  C . n 
B 2 8   DC  8   8   8   DC  DC  C . n 
B 2 9   DA  9   9   9   DA  DA  C . n 
B 2 10  DA  10  10  10  DA  DA  C . n 
B 2 11  DA  11  11  11  DA  DA  C . n 
B 2 12  DT  12  12  12  DT  DT  C . n 
B 2 13  DT  13  13  13  DT  DT  C . n 
B 2 14  DT  14  14  14  DT  DT  C . n 
C 3 1   GLU 1   242 ?   ?   ?   A . n 
C 3 2   LYS 2   243 ?   ?   ?   A . n 
C 3 3   VAL 3   244 ?   ?   ?   A . n 
C 3 4   PHE 4   245 ?   ?   ?   A . n 
C 3 5   GLU 5   246 ?   ?   ?   A . n 
C 3 6   GLU 6   247 ?   ?   ?   A . n 
C 3 7   PRO 7   248 ?   ?   ?   A . n 
C 3 8   GLU 8   249 ?   ?   ?   A . n 
C 3 9   GLU 9   250 ?   ?   ?   A . n 
C 3 10  PHE 10  251 ?   ?   ?   A . n 
C 3 11  LEU 11  252 ?   ?   ?   A . n 
C 3 12  LYS 12  253 ?   ?   ?   A . n 
C 3 13  HIS 13  254 ?   ?   ?   A . n 
C 3 14  SER 14  255 ?   ?   ?   A . n 
C 3 15  GLN 15  256 ?   ?   ?   A . n 
C 3 16  ALA 16  257 ?   ?   ?   A . n 
C 3 17  ASP 17  258 ?   ?   ?   A . n 
C 3 18  HIS 18  259 ?   ?   ?   A . n 
C 3 19  LEU 19  260 ?   ?   ?   A . n 
C 3 20  LEU 20  261 ?   ?   ?   A . n 
C 3 21  ASP 21  262 ?   ?   ?   A . n 
C 3 22  GLU 22  263 ?   ?   ?   A . n 
C 3 23  LYS 23  264 ?   ?   ?   A . n 
C 3 24  GLY 24  265 ?   ?   ?   A . n 
C 3 25  LYS 25  266 ?   ?   ?   A . n 
C 3 26  ALA 26  267 ?   ?   ?   A . n 
C 3 27  GLN 27  268 ?   ?   ?   A . n 
C 3 28  SER 28  269 ?   ?   ?   A . n 
C 3 29  LEU 29  270 ?   ?   ?   A . n 
C 3 30  LEU 30  271 ?   ?   ?   A . n 
C 3 31  GLN 31  272 ?   ?   ?   A . n 
C 3 32  ARG 32  273 ?   ?   ?   A . n 
C 3 33  GLU 33  274 ?   ?   ?   A . n 
C 3 34  VAL 34  275 ?   ?   ?   A . n 
C 3 35  VAL 35  276 ?   ?   ?   A . n 
C 3 36  GLN 36  277 ?   ?   ?   A . n 
C 3 37  SER 37  278 ?   ?   ?   A . n 
C 3 38  LEU 38  279 ?   ?   ?   A . n 
C 3 39  GLU 39  280 ?   ?   ?   A . n 
C 3 40  GLN 40  281 ?   ?   ?   A . n 
C 3 41  GLN 41  282 ?   ?   ?   A . n 
C 3 42  LEU 42  283 ?   ?   ?   A . n 
C 3 43  GLU 43  284 ?   ?   ?   A . n 
C 3 44  LEU 44  285 ?   ?   ?   A . n 
C 3 45  GLU 45  286 ?   ?   ?   A . n 
C 3 46  LYS 46  287 ?   ?   ?   A . n 
C 3 47  GLU 47  288 ?   ?   ?   A . n 
C 3 48  LYS 48  289 ?   ?   ?   A . n 
C 3 49  LEU 49  290 ?   ?   ?   A . n 
C 3 50  GLY 50  291 ?   ?   ?   A . n 
C 3 51  ALA 51  292 ?   ?   ?   A . n 
C 3 52  MET 52  293 ?   ?   ?   A . n 
C 3 53  GLN 53  294 ?   ?   ?   A . n 
C 3 54  ALA 54  295 ?   ?   ?   A . n 
C 3 55  HIS 55  296 ?   ?   ?   A . n 
C 3 56  LEU 56  297 ?   ?   ?   A . n 
C 3 57  ALA 57  298 ?   ?   ?   A . n 
C 3 58  GLY 58  299 ?   ?   ?   A . n 
C 3 59  LYS 59  300 ?   ?   ?   A . n 
C 3 60  MET 60  301 ?   ?   ?   A . n 
C 3 61  ALA 61  302 ?   ?   ?   A . n 
C 3 62  LEU 62  303 ?   ?   ?   A . n 
C 3 63  ALA 63  304 ?   ?   ?   A . n 
C 3 64  LYS 64  305 ?   ?   ?   A . n 
C 3 65  ALA 65  306 ?   ?   ?   A . n 
C 3 66  PRO 66  307 ?   ?   ?   A . n 
C 3 67  SER 67  308 ?   ?   ?   A . n 
C 3 68  VAL 68  309 ?   ?   ?   A . n 
C 3 69  ALA 69  310 ?   ?   ?   A . n 
C 3 70  SER 70  311 ?   ?   ?   A . n 
C 3 71  MET 71  312 ?   ?   ?   A . n 
C 3 72  ASP 72  313 ?   ?   ?   A . n 
C 3 73  LYS 73  314 ?   ?   ?   A . n 
C 3 74  SER 74  315 ?   ?   ?   A . n 
C 3 75  HIS 75  316 ?   ?   ?   A . n 
C 3 76  GLY 76  317 ?   ?   ?   A . n 
C 3 77  ASN 77  318 ?   ?   ?   A . n 
C 3 78  SER 78  319 ?   ?   ?   A . n 
C 3 79  SER 79  320 ?   ?   ?   A . n 
C 3 80  PHE 80  321 ?   ?   ?   A . n 
C 3 81  PRO 81  322 322 PRO PRO A . n 
C 3 82  GLU 82  323 323 GLU GLU A . n 
C 3 83  PHE 83  324 324 PHE PHE A . n 
C 3 84  PHE 84  325 325 PHE PHE A . n 
C 3 85  HIS 85  326 326 HIS HIS A . n 
C 3 86  ASN 86  327 327 ASN ASN A . n 
C 3 87  MET 87  328 328 MET MET A . n 
C 3 88  ASP 88  329 329 ASP ASP A . n 
C 3 89  TYR 89  330 330 TYR TYR A . n 
C 3 90  PHE 90  331 331 PHE PHE A . n 
C 3 91  LYS 91  332 332 LYS LYS A . n 
C 3 92  TYR 92  333 333 TYR TYR A . n 
C 3 93  HIS 93  334 334 HIS HIS A . n 
C 3 94  ASN 94  335 335 ASN ASN A . n 
C 3 95  MET 95  336 336 MET MET A . n 
C 3 96  ARG 96  337 337 ARG ARG A . n 
C 3 97  PRO 97  338 338 PRO PRO A . n 
C 3 98  PRO 98  339 339 PRO PRO A . n 
C 3 99  PHE 99  340 340 PHE PHE A . n 
C 3 100 THR 100 341 341 THR THR A . n 
C 3 101 TYR 101 342 342 TYR TYR A . n 
C 3 102 ALA 102 343 343 ALA ALA A . n 
C 3 103 THR 103 344 344 THR THR A . n 
C 3 104 LEU 104 345 345 LEU LEU A . n 
C 3 105 ILE 105 346 346 ILE ILE A . n 
C 3 106 ARG 106 347 347 ARG ARG A . n 
C 3 107 TRP 107 348 348 TRP TRP A . n 
C 3 108 ALA 108 349 349 ALA ALA A . n 
C 3 109 ILE 109 350 350 ILE ILE A . n 
C 3 110 LEU 110 351 351 LEU LEU A . n 
C 3 111 GLU 111 352 352 GLU GLU A . n 
C 3 112 ALA 112 353 353 ALA ALA A . n 
C 3 113 PRO 113 354 354 PRO PRO A . n 
C 3 114 GLU 114 355 355 GLU GLU A . n 
C 3 115 ARG 115 356 356 ARG ARG A . n 
C 3 116 GLN 116 357 357 GLN GLN A . n 
C 3 117 ARG 117 358 358 ARG ARG A . n 
C 3 118 THR 118 359 359 THR THR A . n 
C 3 119 LEU 119 360 360 LEU LEU A . n 
C 3 120 ASN 120 361 361 ASN ASN A . n 
C 3 121 GLU 121 362 362 GLU GLU A . n 
C 3 122 ILE 122 363 363 ILE ILE A . n 
C 3 123 TYR 123 364 364 TYR TYR A . n 
C 3 124 HIS 124 365 365 HIS HIS A . n 
C 3 125 TRP 125 366 366 TRP TRP A . n 
C 3 126 PHE 126 367 367 PHE PHE A . n 
C 3 127 THR 127 368 368 THR THR A . n 
C 3 128 ARG 128 369 369 ARG ARG A . n 
C 3 129 MET 129 370 370 MET MET A . n 
C 3 130 PHE 130 371 371 PHE PHE A . n 
C 3 131 ALA 131 372 372 ALA ALA A . n 
C 3 132 TYR 132 373 373 TYR TYR A . n 
C 3 133 PHE 133 374 374 PHE PHE A . n 
C 3 134 ARG 134 375 375 ARG ARG A . n 
C 3 135 ASN 135 376 376 ASN ASN A . n 
C 3 136 HIS 136 377 377 HIS HIS A . n 
C 3 137 PRO 137 378 378 PRO PRO A . n 
C 3 138 ALA 138 379 379 ALA ALA A . n 
C 3 139 THR 139 380 380 THR THR A . n 
C 3 140 TRP 140 381 381 TRP TRP A . n 
C 3 141 LYS 141 382 382 LYS LYS A . n 
C 3 142 ASN 142 383 383 ASN ASN A . n 
C 3 143 ALA 143 384 384 ALA ALA A . n 
C 3 144 ILE 144 385 385 ILE ILE A . n 
C 3 145 ARG 145 386 386 ARG ARG A . n 
C 3 146 HIS 146 387 387 HIS HIS A . n 
C 3 147 ASN 147 388 388 ASN ASN A . n 
C 3 148 LEU 148 389 389 LEU LEU A . n 
C 3 149 SER 149 390 390 SER SER A . n 
C 3 150 LEU 150 391 391 LEU LEU A . n 
C 3 151 HIS 151 392 392 HIS HIS A . n 
C 3 152 LYS 152 393 393 LYS LYS A . n 
C 3 153 CYS 153 394 394 CYS CYS A . n 
C 3 154 PHE 154 395 395 PHE PHE A . n 
C 3 155 VAL 155 396 396 VAL VAL A . n 
C 3 156 ARG 156 397 397 ARG ARG A . n 
C 3 157 VAL 157 398 398 VAL VAL A . n 
C 3 158 GLU 158 399 399 GLU GLU A . n 
C 3 159 SER 159 400 400 SER SER A . n 
C 3 160 GLU 160 401 401 GLU GLU A . n 
C 3 161 LYS 161 402 402 LYS LYS A . n 
C 3 162 GLY 162 403 403 GLY GLY A . n 
C 3 163 ALA 163 404 404 ALA ALA A . n 
C 3 164 VAL 164 405 405 VAL VAL A . n 
C 3 165 TRP 165 406 406 TRP TRP A . n 
C 3 166 THR 166 407 407 THR THR A . n 
C 3 167 VAL 167 408 408 VAL VAL A . n 
C 3 168 ASP 168 409 409 ASP ASP A . n 
C 3 169 GLU 169 410 410 GLU GLU A . n 
C 3 170 PHE 170 411 411 PHE PHE A . n 
C 3 171 GLU 171 412 ?   ?   ?   A . n 
C 3 172 PHE 172 413 ?   ?   ?   A . n 
C 3 173 ARG 173 414 ?   ?   ?   A . n 
C 3 174 LYS 174 415 ?   ?   ?   A . n 
C 3 175 LYS 175 416 ?   ?   ?   A . n 
C 3 176 ARG 176 417 ?   ?   ?   A . n 
# 
_pdbx_contact_author.id                 2 
_pdbx_contact_author.email              sun.hur@childrens.harvard.edu 
_pdbx_contact_author.name_first         Sun 
_pdbx_contact_author.name_last          Hur 
_pdbx_contact_author.name_mi            ? 
_pdbx_contact_author.role               'principal investigator/group leader' 
_pdbx_contact_author.identifier_ORCID   0000-0001-5005-5550 
# 
_pdbx_struct_assembly.id                   1 
_pdbx_struct_assembly.details              author_and_software_defined_assembly 
_pdbx_struct_assembly.method_details       PISA 
_pdbx_struct_assembly.oligomeric_details   trimeric 
_pdbx_struct_assembly.oligomeric_count     3 
# 
_pdbx_struct_assembly_gen.assembly_id       1 
_pdbx_struct_assembly_gen.oper_expression   1 
_pdbx_struct_assembly_gen.asym_id_list      A,B,C 
# 
loop_
_pdbx_struct_assembly_prop.biol_id 
_pdbx_struct_assembly_prop.type 
_pdbx_struct_assembly_prop.value 
_pdbx_struct_assembly_prop.details 
1 'ABSA (A^2)' 2840  ? 
1 MORE         -26   ? 
1 'SSA (A^2)'  10140 ? 
# 
_pdbx_struct_oper_list.id                   1 
_pdbx_struct_oper_list.type                 'identity operation' 
_pdbx_struct_oper_list.name                 1_555 
_pdbx_struct_oper_list.symmetry_operation   x,y,z 
_pdbx_struct_oper_list.matrix[1][1]         1.0000000000 
_pdbx_struct_oper_list.matrix[1][2]         0.0000000000 
_pdbx_struct_oper_list.matrix[1][3]         0.0000000000 
_pdbx_struct_oper_list.vector[1]            0.0000000000 
_pdbx_struct_oper_list.matrix[2][1]         0.0000000000 
_pdbx_struct_oper_list.matrix[2][2]         1.0000000000 
_pdbx_struct_oper_list.matrix[2][3]         0.0000000000 
_pdbx_struct_oper_list.vector[2]            0.0000000000 
_pdbx_struct_oper_list.matrix[3][1]         0.0000000000 
_pdbx_struct_oper_list.matrix[3][2]         0.0000000000 
_pdbx_struct_oper_list.matrix[3][3]         1.0000000000 
_pdbx_struct_oper_list.vector[3]            0.0000000000 
# 
loop_
_pdbx_audit_revision_history.ordinal 
_pdbx_audit_revision_history.data_content_type 
_pdbx_audit_revision_history.major_revision 
_pdbx_audit_revision_history.minor_revision 
_pdbx_audit_revision_history.revision_date 
1 'Structure model' 1 0 2022-08-10 
2 'Structure model' 1 1 2022-08-17 
3 'Structure model' 1 2 2022-08-24 
4 'Structure model' 1 3 2023-10-18 
# 
_pdbx_audit_revision_details.ordinal             1 
_pdbx_audit_revision_details.revision_ordinal    1 
_pdbx_audit_revision_details.data_content_type   'Structure model' 
_pdbx_audit_revision_details.provider            repository 
_pdbx_audit_revision_details.type                'Initial release' 
_pdbx_audit_revision_details.description         ? 
_pdbx_audit_revision_details.details             ? 
# 
loop_
_pdbx_audit_revision_group.ordinal 
_pdbx_audit_revision_group.revision_ordinal 
_pdbx_audit_revision_group.data_content_type 
_pdbx_audit_revision_group.group 
1 2 'Structure model' 'Database references'    
2 3 'Structure model' 'Database references'    
3 4 'Structure model' 'Data collection'        
4 4 'Structure model' 'Refinement description' 
# 
loop_
_pdbx_audit_revision_category.ordinal 
_pdbx_audit_revision_category.revision_ordinal 
_pdbx_audit_revision_category.data_content_type 
_pdbx_audit_revision_category.category 
1 2 'Structure model' citation                      
2 3 'Structure model' citation                      
3 4 'Structure model' chem_comp_atom                
4 4 'Structure model' chem_comp_bond                
5 4 'Structure model' pdbx_initial_refinement_model 
# 
loop_
_pdbx_audit_revision_item.ordinal 
_pdbx_audit_revision_item.revision_ordinal 
_pdbx_audit_revision_item.data_content_type 
_pdbx_audit_revision_item.item 
1 2 'Structure model' '_citation.pdbx_database_id_PubMed' 
2 2 'Structure model' '_citation.title'                   
3 3 'Structure model' '_citation.journal_volume'          
4 3 'Structure model' '_citation.page_first'              
# 
loop_
_space_group_symop.id 
_space_group_symop.operation_xyz 
1  x,y,z         
2  x-y,x,z+1/2   
3  y,-x+y,z+1/2  
4  -y,x-y,z      
5  -x+y,-x,z     
6  x-y,-y,-z     
7  -x,-x+y,-z    
8  -x,-y,z+1/2   
9  y,x,-z        
10 -y,-x,-z+1/2  
11 -x+y,y,-z+1/2 
12 x,x-y,-z+1/2  
# 
loop_
_software.citation_id 
_software.classification 
_software.compiler_name 
_software.compiler_version 
_software.contact_author 
_software.contact_author_email 
_software.date 
_software.description 
_software.dependencies 
_software.hardware 
_software.language 
_software.location 
_software.mods 
_software.name 
_software.os 
_software.os_version 
_software.type 
_software.version 
_software.pdbx_ordinal 
? refinement       ? ? ? ? ? ? ? ? ? ? ? PHENIX ? ? ? 1.19.2_4158 1 
? refinement       ? ? ? ? ? ? ? ? ? ? ? PHENIX ? ? ? 1.19.2_4158 2 
? 'data reduction' ? ? ? ? ? ? ? ? ? ? ? XDS    ? ? ? .           3 
? 'data scaling'   ? ? ? ? ? ? ? ? ? ? ? XDS    ? ? ? .           4 
? phasing          ? ? ? ? ? ? ? ? ? ? ? PHENIX ? ? ? .           5 
# 
loop_
_pdbx_validate_rmsd_angle.id 
_pdbx_validate_rmsd_angle.PDB_model_num 
_pdbx_validate_rmsd_angle.auth_atom_id_1 
_pdbx_validate_rmsd_angle.auth_asym_id_1 
_pdbx_validate_rmsd_angle.auth_comp_id_1 
_pdbx_validate_rmsd_angle.auth_seq_id_1 
_pdbx_validate_rmsd_angle.PDB_ins_code_1 
_pdbx_validate_rmsd_angle.label_alt_id_1 
_pdbx_validate_rmsd_angle.auth_atom_id_2 
_pdbx_validate_rmsd_angle.auth_asym_id_2 
_pdbx_validate_rmsd_angle.auth_comp_id_2 
_pdbx_validate_rmsd_angle.auth_seq_id_2 
_pdbx_validate_rmsd_angle.PDB_ins_code_2 
_pdbx_validate_rmsd_angle.label_alt_id_2 
_pdbx_validate_rmsd_angle.auth_atom_id_3 
_pdbx_validate_rmsd_angle.auth_asym_id_3 
_pdbx_validate_rmsd_angle.auth_comp_id_3 
_pdbx_validate_rmsd_angle.auth_seq_id_3 
_pdbx_validate_rmsd_angle.PDB_ins_code_3 
_pdbx_validate_rmsd_angle.label_alt_id_3 
_pdbx_validate_rmsd_angle.angle_value 
_pdbx_validate_rmsd_angle.angle_target_value 
_pdbx_validate_rmsd_angle.angle_deviation 
_pdbx_validate_rmsd_angle.angle_standard_deviation 
_pdbx_validate_rmsd_angle.linker_flag 
1 1 "O4'" B DA 2  ? ? "C1'" B DA 2  ? ? N9  B DA 2  ? ? 110.82 108.30 2.52   0.30 N 
2 1 "O4'" C DC 8  ? ? "C1'" C DC 8  ? ? N1  C DC 8  ? ? 110.13 108.30 1.83   0.30 N 
3 1 "O3'" C DT 13 ? ? P     C DT 14 ? ? OP2 C DT 14 ? ? 86.01  105.20 -19.19 2.20 Y 
4 1 "O3'" C DT 13 ? ? P     C DT 14 ? ? OP1 C DT 14 ? ? 80.05  105.20 -25.15 2.20 Y 
5 1 OP1   C DT 14 ? ? P     C DT 14 ? ? OP2 C DT 14 ? ? 131.01 119.60 11.41  1.50 N 
# 
loop_
_pdbx_validate_torsion.id 
_pdbx_validate_torsion.PDB_model_num 
_pdbx_validate_torsion.auth_comp_id 
_pdbx_validate_torsion.auth_asym_id 
_pdbx_validate_torsion.auth_seq_id 
_pdbx_validate_torsion.PDB_ins_code 
_pdbx_validate_torsion.label_alt_id 
_pdbx_validate_torsion.phi 
_pdbx_validate_torsion.psi 
1 1 HIS A 326 ? ? -151.84 -135.02 
2 1 ASP A 329 ? ? -82.84  -152.23 
3 1 TYR A 330 ? ? -68.50  61.56   
4 1 ASN A 335 ? ? -68.00  83.08   
5 1 PRO A 339 ? ? -85.36  49.36   
# 
loop_
_pdbx_unobs_or_zero_occ_atoms.id 
_pdbx_unobs_or_zero_occ_atoms.PDB_model_num 
_pdbx_unobs_or_zero_occ_atoms.polymer_flag 
_pdbx_unobs_or_zero_occ_atoms.occupancy_flag 
_pdbx_unobs_or_zero_occ_atoms.auth_asym_id 
_pdbx_unobs_or_zero_occ_atoms.auth_comp_id 
_pdbx_unobs_or_zero_occ_atoms.auth_seq_id 
_pdbx_unobs_or_zero_occ_atoms.PDB_ins_code 
_pdbx_unobs_or_zero_occ_atoms.auth_atom_id 
_pdbx_unobs_or_zero_occ_atoms.label_alt_id 
_pdbx_unobs_or_zero_occ_atoms.label_asym_id 
_pdbx_unobs_or_zero_occ_atoms.label_comp_id 
_pdbx_unobs_or_zero_occ_atoms.label_seq_id 
_pdbx_unobs_or_zero_occ_atoms.label_atom_id 
1  1 Y 1 A PHE 324 ? CG  ? C PHE 83 CG  
2  1 Y 1 A PHE 324 ? CD1 ? C PHE 83 CD1 
3  1 Y 1 A PHE 324 ? CD2 ? C PHE 83 CD2 
4  1 Y 1 A PHE 324 ? CE1 ? C PHE 83 CE1 
5  1 Y 1 A PHE 324 ? CE2 ? C PHE 83 CE2 
6  1 Y 1 A PHE 324 ? CZ  ? C PHE 83 CZ  
7  1 Y 1 A MET 328 ? SD  ? C MET 87 SD  
8  1 Y 1 A MET 328 ? CE  ? C MET 87 CE  
9  1 Y 1 A LYS 332 ? CG  ? C LYS 91 CG  
10 1 Y 1 A LYS 332 ? CD  ? C LYS 91 CD  
11 1 Y 1 A LYS 332 ? CE  ? C LYS 91 CE  
12 1 Y 1 A LYS 332 ? NZ  ? C LYS 91 NZ  
13 1 Y 1 A ASN 335 ? CG  ? C ASN 94 CG  
14 1 Y 1 A ASN 335 ? OD1 ? C ASN 94 OD1 
15 1 Y 1 A ASN 335 ? ND2 ? C ASN 94 ND2 
# 
loop_
_pdbx_unobs_or_zero_occ_residues.id 
_pdbx_unobs_or_zero_occ_residues.PDB_model_num 
_pdbx_unobs_or_zero_occ_residues.polymer_flag 
_pdbx_unobs_or_zero_occ_residues.occupancy_flag 
_pdbx_unobs_or_zero_occ_residues.auth_asym_id 
_pdbx_unobs_or_zero_occ_residues.auth_comp_id 
_pdbx_unobs_or_zero_occ_residues.auth_seq_id 
_pdbx_unobs_or_zero_occ_residues.PDB_ins_code 
_pdbx_unobs_or_zero_occ_residues.label_asym_id 
_pdbx_unobs_or_zero_occ_residues.label_comp_id 
_pdbx_unobs_or_zero_occ_residues.label_seq_id 
1  1 Y 1 A GLU 242 ? C GLU 1   
2  1 Y 1 A LYS 243 ? C LYS 2   
3  1 Y 1 A VAL 244 ? C VAL 3   
4  1 Y 1 A PHE 245 ? C PHE 4   
5  1 Y 1 A GLU 246 ? C GLU 5   
6  1 Y 1 A GLU 247 ? C GLU 6   
7  1 Y 1 A PRO 248 ? C PRO 7   
8  1 Y 1 A GLU 249 ? C GLU 8   
9  1 Y 1 A GLU 250 ? C GLU 9   
10 1 Y 1 A PHE 251 ? C PHE 10  
11 1 Y 1 A LEU 252 ? C LEU 11  
12 1 Y 1 A LYS 253 ? C LYS 12  
13 1 Y 1 A HIS 254 ? C HIS 13  
14 1 Y 1 A SER 255 ? C SER 14  
15 1 Y 1 A GLN 256 ? C GLN 15  
16 1 Y 1 A ALA 257 ? C ALA 16  
17 1 Y 1 A ASP 258 ? C ASP 17  
18 1 Y 1 A HIS 259 ? C HIS 18  
19 1 Y 1 A LEU 260 ? C LEU 19  
20 1 Y 1 A LEU 261 ? C LEU 20  
21 1 Y 1 A ASP 262 ? C ASP 21  
22 1 Y 1 A GLU 263 ? C GLU 22  
23 1 Y 1 A LYS 264 ? C LYS 23  
24 1 Y 1 A GLY 265 ? C GLY 24  
25 1 Y 1 A LYS 266 ? C LYS 25  
26 1 Y 1 A ALA 267 ? C ALA 26  
27 1 Y 1 A GLN 268 ? C GLN 27  
28 1 Y 1 A SER 269 ? C SER 28  
29 1 Y 1 A LEU 270 ? C LEU 29  
30 1 Y 1 A LEU 271 ? C LEU 30  
31 1 Y 1 A GLN 272 ? C GLN 31  
32 1 Y 1 A ARG 273 ? C ARG 32  
33 1 Y 1 A GLU 274 ? C GLU 33  
34 1 Y 1 A VAL 275 ? C VAL 34  
35 1 Y 1 A VAL 276 ? C VAL 35  
36 1 Y 1 A GLN 277 ? C GLN 36  
37 1 Y 1 A SER 278 ? C SER 37  
38 1 Y 1 A LEU 279 ? C LEU 38  
39 1 Y 1 A GLU 280 ? C GLU 39  
40 1 Y 1 A GLN 281 ? C GLN 40  
41 1 Y 1 A GLN 282 ? C GLN 41  
42 1 Y 1 A LEU 283 ? C LEU 42  
43 1 Y 1 A GLU 284 ? C GLU 43  
44 1 Y 1 A LEU 285 ? C LEU 44  
45 1 Y 1 A GLU 286 ? C GLU 45  
46 1 Y 1 A LYS 287 ? C LYS 46  
47 1 Y 1 A GLU 288 ? C GLU 47  
48 1 Y 1 A LYS 289 ? C LYS 48  
49 1 Y 1 A LEU 290 ? C LEU 49  
50 1 Y 1 A GLY 291 ? C GLY 50  
51 1 Y 1 A ALA 292 ? C ALA 51  
52 1 Y 1 A MET 293 ? C MET 52  
53 1 Y 1 A GLN 294 ? C GLN 53  
54 1 Y 1 A ALA 295 ? C ALA 54  
55 1 Y 1 A HIS 296 ? C HIS 55  
56 1 Y 1 A LEU 297 ? C LEU 56  
57 1 Y 1 A ALA 298 ? C ALA 57  
58 1 Y 1 A GLY 299 ? C GLY 58  
59 1 Y 1 A LYS 300 ? C LYS 59  
60 1 Y 1 A MET 301 ? C MET 60  
61 1 Y 1 A ALA 302 ? C ALA 61  
62 1 Y 1 A LEU 303 ? C LEU 62  
63 1 Y 1 A ALA 304 ? C ALA 63  
64 1 Y 1 A LYS 305 ? C LYS 64  
65 1 Y 1 A ALA 306 ? C ALA 65  
66 1 Y 1 A PRO 307 ? C PRO 66  
67 1 Y 1 A SER 308 ? C SER 67  
68 1 Y 1 A VAL 309 ? C VAL 68  
69 1 Y 1 A ALA 310 ? C ALA 69  
70 1 Y 1 A SER 311 ? C SER 70  
71 1 Y 1 A MET 312 ? C MET 71  
72 1 Y 1 A ASP 313 ? C ASP 72  
73 1 Y 1 A LYS 314 ? C LYS 73  
74 1 Y 1 A SER 315 ? C SER 74  
75 1 Y 1 A HIS 316 ? C HIS 75  
76 1 Y 1 A GLY 317 ? C GLY 76  
77 1 Y 1 A ASN 318 ? C ASN 77  
78 1 Y 1 A SER 319 ? C SER 78  
79 1 Y 1 A SER 320 ? C SER 79  
80 1 Y 1 A PHE 321 ? C PHE 80  
81 1 Y 1 A GLU 412 ? C GLU 171 
82 1 Y 1 A PHE 413 ? C PHE 172 
83 1 Y 1 A ARG 414 ? C ARG 173 
84 1 Y 1 A LYS 415 ? C LYS 174 
85 1 Y 1 A LYS 416 ? C LYS 175 
86 1 Y 1 A ARG 417 ? C ARG 176 
# 
loop_
_chem_comp_atom.comp_id 
_chem_comp_atom.atom_id 
_chem_comp_atom.type_symbol 
_chem_comp_atom.pdbx_aromatic_flag 
_chem_comp_atom.pdbx_stereo_config 
_chem_comp_atom.pdbx_ordinal 
ALA N      N N N 1   
ALA CA     C N S 2   
ALA C      C N N 3   
ALA O      O N N 4   
ALA CB     C N N 5   
ALA OXT    O N N 6   
ALA H      H N N 7   
ALA H2     H N N 8   
ALA HA     H N N 9   
ALA HB1    H N N 10  
ALA HB2    H N N 11  
ALA HB3    H N N 12  
ALA HXT    H N N 13  
ARG N      N N N 14  
ARG CA     C N S 15  
ARG C      C N N 16  
ARG O      O N N 17  
ARG CB     C N N 18  
ARG CG     C N N 19  
ARG CD     C N N 20  
ARG NE     N N N 21  
ARG CZ     C N N 22  
ARG NH1    N N N 23  
ARG NH2    N N N 24  
ARG OXT    O N N 25  
ARG H      H N N 26  
ARG H2     H N N 27  
ARG HA     H N N 28  
ARG HB2    H N N 29  
ARG HB3    H N N 30  
ARG HG2    H N N 31  
ARG HG3    H N N 32  
ARG HD2    H N N 33  
ARG HD3    H N N 34  
ARG HE     H N N 35  
ARG HH11   H N N 36  
ARG HH12   H N N 37  
ARG HH21   H N N 38  
ARG HH22   H N N 39  
ARG HXT    H N N 40  
ASN N      N N N 41  
ASN CA     C N S 42  
ASN C      C N N 43  
ASN O      O N N 44  
ASN CB     C N N 45  
ASN CG     C N N 46  
ASN OD1    O N N 47  
ASN ND2    N N N 48  
ASN OXT    O N N 49  
ASN H      H N N 50  
ASN H2     H N N 51  
ASN HA     H N N 52  
ASN HB2    H N N 53  
ASN HB3    H N N 54  
ASN HD21   H N N 55  
ASN HD22   H N N 56  
ASN HXT    H N N 57  
ASP N      N N N 58  
ASP CA     C N S 59  
ASP C      C N N 60  
ASP O      O N N 61  
ASP CB     C N N 62  
ASP CG     C N N 63  
ASP OD1    O N N 64  
ASP OD2    O N N 65  
ASP OXT    O N N 66  
ASP H      H N N 67  
ASP H2     H N N 68  
ASP HA     H N N 69  
ASP HB2    H N N 70  
ASP HB3    H N N 71  
ASP HD2    H N N 72  
ASP HXT    H N N 73  
CYS N      N N N 74  
CYS CA     C N R 75  
CYS C      C N N 76  
CYS O      O N N 77  
CYS CB     C N N 78  
CYS SG     S N N 79  
CYS OXT    O N N 80  
CYS H      H N N 81  
CYS H2     H N N 82  
CYS HA     H N N 83  
CYS HB2    H N N 84  
CYS HB3    H N N 85  
CYS HG     H N N 86  
CYS HXT    H N N 87  
DA  OP3    O N N 88  
DA  P      P N N 89  
DA  OP1    O N N 90  
DA  OP2    O N N 91  
DA  "O5'"  O N N 92  
DA  "C5'"  C N N 93  
DA  "C4'"  C N R 94  
DA  "O4'"  O N N 95  
DA  "C3'"  C N S 96  
DA  "O3'"  O N N 97  
DA  "C2'"  C N N 98  
DA  "C1'"  C N R 99  
DA  N9     N Y N 100 
DA  C8     C Y N 101 
DA  N7     N Y N 102 
DA  C5     C Y N 103 
DA  C6     C Y N 104 
DA  N6     N N N 105 
DA  N1     N Y N 106 
DA  C2     C Y N 107 
DA  N3     N Y N 108 
DA  C4     C Y N 109 
DA  HOP3   H N N 110 
DA  HOP2   H N N 111 
DA  "H5'"  H N N 112 
DA  "H5''" H N N 113 
DA  "H4'"  H N N 114 
DA  "H3'"  H N N 115 
DA  "HO3'" H N N 116 
DA  "H2'"  H N N 117 
DA  "H2''" H N N 118 
DA  "H1'"  H N N 119 
DA  H8     H N N 120 
DA  H61    H N N 121 
DA  H62    H N N 122 
DA  H2     H N N 123 
DC  OP3    O N N 124 
DC  P      P N N 125 
DC  OP1    O N N 126 
DC  OP2    O N N 127 
DC  "O5'"  O N N 128 
DC  "C5'"  C N N 129 
DC  "C4'"  C N R 130 
DC  "O4'"  O N N 131 
DC  "C3'"  C N S 132 
DC  "O3'"  O N N 133 
DC  "C2'"  C N N 134 
DC  "C1'"  C N R 135 
DC  N1     N N N 136 
DC  C2     C N N 137 
DC  O2     O N N 138 
DC  N3     N N N 139 
DC  C4     C N N 140 
DC  N4     N N N 141 
DC  C5     C N N 142 
DC  C6     C N N 143 
DC  HOP3   H N N 144 
DC  HOP2   H N N 145 
DC  "H5'"  H N N 146 
DC  "H5''" H N N 147 
DC  "H4'"  H N N 148 
DC  "H3'"  H N N 149 
DC  "HO3'" H N N 150 
DC  "H2'"  H N N 151 
DC  "H2''" H N N 152 
DC  "H1'"  H N N 153 
DC  H41    H N N 154 
DC  H42    H N N 155 
DC  H5     H N N 156 
DC  H6     H N N 157 
DG  OP3    O N N 158 
DG  P      P N N 159 
DG  OP1    O N N 160 
DG  OP2    O N N 161 
DG  "O5'"  O N N 162 
DG  "C5'"  C N N 163 
DG  "C4'"  C N R 164 
DG  "O4'"  O N N 165 
DG  "C3'"  C N S 166 
DG  "O3'"  O N N 167 
DG  "C2'"  C N N 168 
DG  "C1'"  C N R 169 
DG  N9     N Y N 170 
DG  C8     C Y N 171 
DG  N7     N Y N 172 
DG  C5     C Y N 173 
DG  C6     C N N 174 
DG  O6     O N N 175 
DG  N1     N N N 176 
DG  C2     C N N 177 
DG  N2     N N N 178 
DG  N3     N N N 179 
DG  C4     C Y N 180 
DG  HOP3   H N N 181 
DG  HOP2   H N N 182 
DG  "H5'"  H N N 183 
DG  "H5''" H N N 184 
DG  "H4'"  H N N 185 
DG  "H3'"  H N N 186 
DG  "HO3'" H N N 187 
DG  "H2'"  H N N 188 
DG  "H2''" H N N 189 
DG  "H1'"  H N N 190 
DG  H8     H N N 191 
DG  H1     H N N 192 
DG  H21    H N N 193 
DG  H22    H N N 194 
DT  OP3    O N N 195 
DT  P      P N N 196 
DT  OP1    O N N 197 
DT  OP2    O N N 198 
DT  "O5'"  O N N 199 
DT  "C5'"  C N N 200 
DT  "C4'"  C N R 201 
DT  "O4'"  O N N 202 
DT  "C3'"  C N S 203 
DT  "O3'"  O N N 204 
DT  "C2'"  C N N 205 
DT  "C1'"  C N R 206 
DT  N1     N N N 207 
DT  C2     C N N 208 
DT  O2     O N N 209 
DT  N3     N N N 210 
DT  C4     C N N 211 
DT  O4     O N N 212 
DT  C5     C N N 213 
DT  C7     C N N 214 
DT  C6     C N N 215 
DT  HOP3   H N N 216 
DT  HOP2   H N N 217 
DT  "H5'"  H N N 218 
DT  "H5''" H N N 219 
DT  "H4'"  H N N 220 
DT  "H3'"  H N N 221 
DT  "HO3'" H N N 222 
DT  "H2'"  H N N 223 
DT  "H2''" H N N 224 
DT  "H1'"  H N N 225 
DT  H3     H N N 226 
DT  H71    H N N 227 
DT  H72    H N N 228 
DT  H73    H N N 229 
DT  H6     H N N 230 
GLN N      N N N 231 
GLN CA     C N S 232 
GLN C      C N N 233 
GLN O      O N N 234 
GLN CB     C N N 235 
GLN CG     C N N 236 
GLN CD     C N N 237 
GLN OE1    O N N 238 
GLN NE2    N N N 239 
GLN OXT    O N N 240 
GLN H      H N N 241 
GLN H2     H N N 242 
GLN HA     H N N 243 
GLN HB2    H N N 244 
GLN HB3    H N N 245 
GLN HG2    H N N 246 
GLN HG3    H N N 247 
GLN HE21   H N N 248 
GLN HE22   H N N 249 
GLN HXT    H N N 250 
GLU N      N N N 251 
GLU CA     C N S 252 
GLU C      C N N 253 
GLU O      O N N 254 
GLU CB     C N N 255 
GLU CG     C N N 256 
GLU CD     C N N 257 
GLU OE1    O N N 258 
GLU OE2    O N N 259 
GLU OXT    O N N 260 
GLU H      H N N 261 
GLU H2     H N N 262 
GLU HA     H N N 263 
GLU HB2    H N N 264 
GLU HB3    H N N 265 
GLU HG2    H N N 266 
GLU HG3    H N N 267 
GLU HE2    H N N 268 
GLU HXT    H N N 269 
GLY N      N N N 270 
GLY CA     C N N 271 
GLY C      C N N 272 
GLY O      O N N 273 
GLY OXT    O N N 274 
GLY H      H N N 275 
GLY H2     H N N 276 
GLY HA2    H N N 277 
GLY HA3    H N N 278 
GLY HXT    H N N 279 
HIS N      N N N 280 
HIS CA     C N S 281 
HIS C      C N N 282 
HIS O      O N N 283 
HIS CB     C N N 284 
HIS CG     C Y N 285 
HIS ND1    N Y N 286 
HIS CD2    C Y N 287 
HIS CE1    C Y N 288 
HIS NE2    N Y N 289 
HIS OXT    O N N 290 
HIS H      H N N 291 
HIS H2     H N N 292 
HIS HA     H N N 293 
HIS HB2    H N N 294 
HIS HB3    H N N 295 
HIS HD1    H N N 296 
HIS HD2    H N N 297 
HIS HE1    H N N 298 
HIS HE2    H N N 299 
HIS HXT    H N N 300 
ILE N      N N N 301 
ILE CA     C N S 302 
ILE C      C N N 303 
ILE O      O N N 304 
ILE CB     C N S 305 
ILE CG1    C N N 306 
ILE CG2    C N N 307 
ILE CD1    C N N 308 
ILE OXT    O N N 309 
ILE H      H N N 310 
ILE H2     H N N 311 
ILE HA     H N N 312 
ILE HB     H N N 313 
ILE HG12   H N N 314 
ILE HG13   H N N 315 
ILE HG21   H N N 316 
ILE HG22   H N N 317 
ILE HG23   H N N 318 
ILE HD11   H N N 319 
ILE HD12   H N N 320 
ILE HD13   H N N 321 
ILE HXT    H N N 322 
LEU N      N N N 323 
LEU CA     C N S 324 
LEU C      C N N 325 
LEU O      O N N 326 
LEU CB     C N N 327 
LEU CG     C N N 328 
LEU CD1    C N N 329 
LEU CD2    C N N 330 
LEU OXT    O N N 331 
LEU H      H N N 332 
LEU H2     H N N 333 
LEU HA     H N N 334 
LEU HB2    H N N 335 
LEU HB3    H N N 336 
LEU HG     H N N 337 
LEU HD11   H N N 338 
LEU HD12   H N N 339 
LEU HD13   H N N 340 
LEU HD21   H N N 341 
LEU HD22   H N N 342 
LEU HD23   H N N 343 
LEU HXT    H N N 344 
LYS N      N N N 345 
LYS CA     C N S 346 
LYS C      C N N 347 
LYS O      O N N 348 
LYS CB     C N N 349 
LYS CG     C N N 350 
LYS CD     C N N 351 
LYS CE     C N N 352 
LYS NZ     N N N 353 
LYS OXT    O N N 354 
LYS H      H N N 355 
LYS H2     H N N 356 
LYS HA     H N N 357 
LYS HB2    H N N 358 
LYS HB3    H N N 359 
LYS HG2    H N N 360 
LYS HG3    H N N 361 
LYS HD2    H N N 362 
LYS HD3    H N N 363 
LYS HE2    H N N 364 
LYS HE3    H N N 365 
LYS HZ1    H N N 366 
LYS HZ2    H N N 367 
LYS HZ3    H N N 368 
LYS HXT    H N N 369 
MET N      N N N 370 
MET CA     C N S 371 
MET C      C N N 372 
MET O      O N N 373 
MET CB     C N N 374 
MET CG     C N N 375 
MET SD     S N N 376 
MET CE     C N N 377 
MET OXT    O N N 378 
MET H      H N N 379 
MET H2     H N N 380 
MET HA     H N N 381 
MET HB2    H N N 382 
MET HB3    H N N 383 
MET HG2    H N N 384 
MET HG3    H N N 385 
MET HE1    H N N 386 
MET HE2    H N N 387 
MET HE3    H N N 388 
MET HXT    H N N 389 
PHE N      N N N 390 
PHE CA     C N S 391 
PHE C      C N N 392 
PHE O      O N N 393 
PHE CB     C N N 394 
PHE CG     C Y N 395 
PHE CD1    C Y N 396 
PHE CD2    C Y N 397 
PHE CE1    C Y N 398 
PHE CE2    C Y N 399 
PHE CZ     C Y N 400 
PHE OXT    O N N 401 
PHE H      H N N 402 
PHE H2     H N N 403 
PHE HA     H N N 404 
PHE HB2    H N N 405 
PHE HB3    H N N 406 
PHE HD1    H N N 407 
PHE HD2    H N N 408 
PHE HE1    H N N 409 
PHE HE2    H N N 410 
PHE HZ     H N N 411 
PHE HXT    H N N 412 
PRO N      N N N 413 
PRO CA     C N S 414 
PRO C      C N N 415 
PRO O      O N N 416 
PRO CB     C N N 417 
PRO CG     C N N 418 
PRO CD     C N N 419 
PRO OXT    O N N 420 
PRO H      H N N 421 
PRO HA     H N N 422 
PRO HB2    H N N 423 
PRO HB3    H N N 424 
PRO HG2    H N N 425 
PRO HG3    H N N 426 
PRO HD2    H N N 427 
PRO HD3    H N N 428 
PRO HXT    H N N 429 
SER N      N N N 430 
SER CA     C N S 431 
SER C      C N N 432 
SER O      O N N 433 
SER CB     C N N 434 
SER OG     O N N 435 
SER OXT    O N N 436 
SER H      H N N 437 
SER H2     H N N 438 
SER HA     H N N 439 
SER HB2    H N N 440 
SER HB3    H N N 441 
SER HG     H N N 442 
SER HXT    H N N 443 
THR N      N N N 444 
THR CA     C N S 445 
THR C      C N N 446 
THR O      O N N 447 
THR CB     C N R 448 
THR OG1    O N N 449 
THR CG2    C N N 450 
THR OXT    O N N 451 
THR H      H N N 452 
THR H2     H N N 453 
THR HA     H N N 454 
THR HB     H N N 455 
THR HG1    H N N 456 
THR HG21   H N N 457 
THR HG22   H N N 458 
THR HG23   H N N 459 
THR HXT    H N N 460 
TRP N      N N N 461 
TRP CA     C N S 462 
TRP C      C N N 463 
TRP O      O N N 464 
TRP CB     C N N 465 
TRP CG     C Y N 466 
TRP CD1    C Y N 467 
TRP CD2    C Y N 468 
TRP NE1    N Y N 469 
TRP CE2    C Y N 470 
TRP CE3    C Y N 471 
TRP CZ2    C Y N 472 
TRP CZ3    C Y N 473 
TRP CH2    C Y N 474 
TRP OXT    O N N 475 
TRP H      H N N 476 
TRP H2     H N N 477 
TRP HA     H N N 478 
TRP HB2    H N N 479 
TRP HB3    H N N 480 
TRP HD1    H N N 481 
TRP HE1    H N N 482 
TRP HE3    H N N 483 
TRP HZ2    H N N 484 
TRP HZ3    H N N 485 
TRP HH2    H N N 486 
TRP HXT    H N N 487 
TYR N      N N N 488 
TYR CA     C N S 489 
TYR C      C N N 490 
TYR O      O N N 491 
TYR CB     C N N 492 
TYR CG     C Y N 493 
TYR CD1    C Y N 494 
TYR CD2    C Y N 495 
TYR CE1    C Y N 496 
TYR CE2    C Y N 497 
TYR CZ     C Y N 498 
TYR OH     O N N 499 
TYR OXT    O N N 500 
TYR H      H N N 501 
TYR H2     H N N 502 
TYR HA     H N N 503 
TYR HB2    H N N 504 
TYR HB3    H N N 505 
TYR HD1    H N N 506 
TYR HD2    H N N 507 
TYR HE1    H N N 508 
TYR HE2    H N N 509 
TYR HH     H N N 510 
TYR HXT    H N N 511 
VAL N      N N N 512 
VAL CA     C N S 513 
VAL C      C N N 514 
VAL O      O N N 515 
VAL CB     C N N 516 
VAL CG1    C N N 517 
VAL CG2    C N N 518 
VAL OXT    O N N 519 
VAL H      H N N 520 
VAL H2     H N N 521 
VAL HA     H N N 522 
VAL HB     H N N 523 
VAL HG11   H N N 524 
VAL HG12   H N N 525 
VAL HG13   H N N 526 
VAL HG21   H N N 527 
VAL HG22   H N N 528 
VAL HG23   H N N 529 
VAL HXT    H N N 530 
# 
loop_
_chem_comp_bond.comp_id 
_chem_comp_bond.atom_id_1 
_chem_comp_bond.atom_id_2 
_chem_comp_bond.value_order 
_chem_comp_bond.pdbx_aromatic_flag 
_chem_comp_bond.pdbx_stereo_config 
_chem_comp_bond.pdbx_ordinal 
ALA N     CA     sing N N 1   
ALA N     H      sing N N 2   
ALA N     H2     sing N N 3   
ALA CA    C      sing N N 4   
ALA CA    CB     sing N N 5   
ALA CA    HA     sing N N 6   
ALA C     O      doub N N 7   
ALA C     OXT    sing N N 8   
ALA CB    HB1    sing N N 9   
ALA CB    HB2    sing N N 10  
ALA CB    HB3    sing N N 11  
ALA OXT   HXT    sing N N 12  
ARG N     CA     sing N N 13  
ARG N     H      sing N N 14  
ARG N     H2     sing N N 15  
ARG CA    C      sing N N 16  
ARG CA    CB     sing N N 17  
ARG CA    HA     sing N N 18  
ARG C     O      doub N N 19  
ARG C     OXT    sing N N 20  
ARG CB    CG     sing N N 21  
ARG CB    HB2    sing N N 22  
ARG CB    HB3    sing N N 23  
ARG CG    CD     sing N N 24  
ARG CG    HG2    sing N N 25  
ARG CG    HG3    sing N N 26  
ARG CD    NE     sing N N 27  
ARG CD    HD2    sing N N 28  
ARG CD    HD3    sing N N 29  
ARG NE    CZ     sing N N 30  
ARG NE    HE     sing N N 31  
ARG CZ    NH1    sing N N 32  
ARG CZ    NH2    doub N N 33  
ARG NH1   HH11   sing N N 34  
ARG NH1   HH12   sing N N 35  
ARG NH2   HH21   sing N N 36  
ARG NH2   HH22   sing N N 37  
ARG OXT   HXT    sing N N 38  
ASN N     CA     sing N N 39  
ASN N     H      sing N N 40  
ASN N     H2     sing N N 41  
ASN CA    C      sing N N 42  
ASN CA    CB     sing N N 43  
ASN CA    HA     sing N N 44  
ASN C     O      doub N N 45  
ASN C     OXT    sing N N 46  
ASN CB    CG     sing N N 47  
ASN CB    HB2    sing N N 48  
ASN CB    HB3    sing N N 49  
ASN CG    OD1    doub N N 50  
ASN CG    ND2    sing N N 51  
ASN ND2   HD21   sing N N 52  
ASN ND2   HD22   sing N N 53  
ASN OXT   HXT    sing N N 54  
ASP N     CA     sing N N 55  
ASP N     H      sing N N 56  
ASP N     H2     sing N N 57  
ASP CA    C      sing N N 58  
ASP CA    CB     sing N N 59  
ASP CA    HA     sing N N 60  
ASP C     O      doub N N 61  
ASP C     OXT    sing N N 62  
ASP CB    CG     sing N N 63  
ASP CB    HB2    sing N N 64  
ASP CB    HB3    sing N N 65  
ASP CG    OD1    doub N N 66  
ASP CG    OD2    sing N N 67  
ASP OD2   HD2    sing N N 68  
ASP OXT   HXT    sing N N 69  
CYS N     CA     sing N N 70  
CYS N     H      sing N N 71  
CYS N     H2     sing N N 72  
CYS CA    C      sing N N 73  
CYS CA    CB     sing N N 74  
CYS CA    HA     sing N N 75  
CYS C     O      doub N N 76  
CYS C     OXT    sing N N 77  
CYS CB    SG     sing N N 78  
CYS CB    HB2    sing N N 79  
CYS CB    HB3    sing N N 80  
CYS SG    HG     sing N N 81  
CYS OXT   HXT    sing N N 82  
DA  OP3   P      sing N N 83  
DA  OP3   HOP3   sing N N 84  
DA  P     OP1    doub N N 85  
DA  P     OP2    sing N N 86  
DA  P     "O5'"  sing N N 87  
DA  OP2   HOP2   sing N N 88  
DA  "O5'" "C5'"  sing N N 89  
DA  "C5'" "C4'"  sing N N 90  
DA  "C5'" "H5'"  sing N N 91  
DA  "C5'" "H5''" sing N N 92  
DA  "C4'" "O4'"  sing N N 93  
DA  "C4'" "C3'"  sing N N 94  
DA  "C4'" "H4'"  sing N N 95  
DA  "O4'" "C1'"  sing N N 96  
DA  "C3'" "O3'"  sing N N 97  
DA  "C3'" "C2'"  sing N N 98  
DA  "C3'" "H3'"  sing N N 99  
DA  "O3'" "HO3'" sing N N 100 
DA  "C2'" "C1'"  sing N N 101 
DA  "C2'" "H2'"  sing N N 102 
DA  "C2'" "H2''" sing N N 103 
DA  "C1'" N9     sing N N 104 
DA  "C1'" "H1'"  sing N N 105 
DA  N9    C8     sing Y N 106 
DA  N9    C4     sing Y N 107 
DA  C8    N7     doub Y N 108 
DA  C8    H8     sing N N 109 
DA  N7    C5     sing Y N 110 
DA  C5    C6     sing Y N 111 
DA  C5    C4     doub Y N 112 
DA  C6    N6     sing N N 113 
DA  C6    N1     doub Y N 114 
DA  N6    H61    sing N N 115 
DA  N6    H62    sing N N 116 
DA  N1    C2     sing Y N 117 
DA  C2    N3     doub Y N 118 
DA  C2    H2     sing N N 119 
DA  N3    C4     sing Y N 120 
DC  OP3   P      sing N N 121 
DC  OP3   HOP3   sing N N 122 
DC  P     OP1    doub N N 123 
DC  P     OP2    sing N N 124 
DC  P     "O5'"  sing N N 125 
DC  OP2   HOP2   sing N N 126 
DC  "O5'" "C5'"  sing N N 127 
DC  "C5'" "C4'"  sing N N 128 
DC  "C5'" "H5'"  sing N N 129 
DC  "C5'" "H5''" sing N N 130 
DC  "C4'" "O4'"  sing N N 131 
DC  "C4'" "C3'"  sing N N 132 
DC  "C4'" "H4'"  sing N N 133 
DC  "O4'" "C1'"  sing N N 134 
DC  "C3'" "O3'"  sing N N 135 
DC  "C3'" "C2'"  sing N N 136 
DC  "C3'" "H3'"  sing N N 137 
DC  "O3'" "HO3'" sing N N 138 
DC  "C2'" "C1'"  sing N N 139 
DC  "C2'" "H2'"  sing N N 140 
DC  "C2'" "H2''" sing N N 141 
DC  "C1'" N1     sing N N 142 
DC  "C1'" "H1'"  sing N N 143 
DC  N1    C2     sing N N 144 
DC  N1    C6     sing N N 145 
DC  C2    O2     doub N N 146 
DC  C2    N3     sing N N 147 
DC  N3    C4     doub N N 148 
DC  C4    N4     sing N N 149 
DC  C4    C5     sing N N 150 
DC  N4    H41    sing N N 151 
DC  N4    H42    sing N N 152 
DC  C5    C6     doub N N 153 
DC  C5    H5     sing N N 154 
DC  C6    H6     sing N N 155 
DG  OP3   P      sing N N 156 
DG  OP3   HOP3   sing N N 157 
DG  P     OP1    doub N N 158 
DG  P     OP2    sing N N 159 
DG  P     "O5'"  sing N N 160 
DG  OP2   HOP2   sing N N 161 
DG  "O5'" "C5'"  sing N N 162 
DG  "C5'" "C4'"  sing N N 163 
DG  "C5'" "H5'"  sing N N 164 
DG  "C5'" "H5''" sing N N 165 
DG  "C4'" "O4'"  sing N N 166 
DG  "C4'" "C3'"  sing N N 167 
DG  "C4'" "H4'"  sing N N 168 
DG  "O4'" "C1'"  sing N N 169 
DG  "C3'" "O3'"  sing N N 170 
DG  "C3'" "C2'"  sing N N 171 
DG  "C3'" "H3'"  sing N N 172 
DG  "O3'" "HO3'" sing N N 173 
DG  "C2'" "C1'"  sing N N 174 
DG  "C2'" "H2'"  sing N N 175 
DG  "C2'" "H2''" sing N N 176 
DG  "C1'" N9     sing N N 177 
DG  "C1'" "H1'"  sing N N 178 
DG  N9    C8     sing Y N 179 
DG  N9    C4     sing Y N 180 
DG  C8    N7     doub Y N 181 
DG  C8    H8     sing N N 182 
DG  N7    C5     sing Y N 183 
DG  C5    C6     sing N N 184 
DG  C5    C4     doub Y N 185 
DG  C6    O6     doub N N 186 
DG  C6    N1     sing N N 187 
DG  N1    C2     sing N N 188 
DG  N1    H1     sing N N 189 
DG  C2    N2     sing N N 190 
DG  C2    N3     doub N N 191 
DG  N2    H21    sing N N 192 
DG  N2    H22    sing N N 193 
DG  N3    C4     sing N N 194 
DT  OP3   P      sing N N 195 
DT  OP3   HOP3   sing N N 196 
DT  P     OP1    doub N N 197 
DT  P     OP2    sing N N 198 
DT  P     "O5'"  sing N N 199 
DT  OP2   HOP2   sing N N 200 
DT  "O5'" "C5'"  sing N N 201 
DT  "C5'" "C4'"  sing N N 202 
DT  "C5'" "H5'"  sing N N 203 
DT  "C5'" "H5''" sing N N 204 
DT  "C4'" "O4'"  sing N N 205 
DT  "C4'" "C3'"  sing N N 206 
DT  "C4'" "H4'"  sing N N 207 
DT  "O4'" "C1'"  sing N N 208 
DT  "C3'" "O3'"  sing N N 209 
DT  "C3'" "C2'"  sing N N 210 
DT  "C3'" "H3'"  sing N N 211 
DT  "O3'" "HO3'" sing N N 212 
DT  "C2'" "C1'"  sing N N 213 
DT  "C2'" "H2'"  sing N N 214 
DT  "C2'" "H2''" sing N N 215 
DT  "C1'" N1     sing N N 216 
DT  "C1'" "H1'"  sing N N 217 
DT  N1    C2     sing N N 218 
DT  N1    C6     sing N N 219 
DT  C2    O2     doub N N 220 
DT  C2    N3     sing N N 221 
DT  N3    C4     sing N N 222 
DT  N3    H3     sing N N 223 
DT  C4    O4     doub N N 224 
DT  C4    C5     sing N N 225 
DT  C5    C7     sing N N 226 
DT  C5    C6     doub N N 227 
DT  C7    H71    sing N N 228 
DT  C7    H72    sing N N 229 
DT  C7    H73    sing N N 230 
DT  C6    H6     sing N N 231 
GLN N     CA     sing N N 232 
GLN N     H      sing N N 233 
GLN N     H2     sing N N 234 
GLN CA    C      sing N N 235 
GLN CA    CB     sing N N 236 
GLN CA    HA     sing N N 237 
GLN C     O      doub N N 238 
GLN C     OXT    sing N N 239 
GLN CB    CG     sing N N 240 
GLN CB    HB2    sing N N 241 
GLN CB    HB3    sing N N 242 
GLN CG    CD     sing N N 243 
GLN CG    HG2    sing N N 244 
GLN CG    HG3    sing N N 245 
GLN CD    OE1    doub N N 246 
GLN CD    NE2    sing N N 247 
GLN NE2   HE21   sing N N 248 
GLN NE2   HE22   sing N N 249 
GLN OXT   HXT    sing N N 250 
GLU N     CA     sing N N 251 
GLU N     H      sing N N 252 
GLU N     H2     sing N N 253 
GLU CA    C      sing N N 254 
GLU CA    CB     sing N N 255 
GLU CA    HA     sing N N 256 
GLU C     O      doub N N 257 
GLU C     OXT    sing N N 258 
GLU CB    CG     sing N N 259 
GLU CB    HB2    sing N N 260 
GLU CB    HB3    sing N N 261 
GLU CG    CD     sing N N 262 
GLU CG    HG2    sing N N 263 
GLU CG    HG3    sing N N 264 
GLU CD    OE1    doub N N 265 
GLU CD    OE2    sing N N 266 
GLU OE2   HE2    sing N N 267 
GLU OXT   HXT    sing N N 268 
GLY N     CA     sing N N 269 
GLY N     H      sing N N 270 
GLY N     H2     sing N N 271 
GLY CA    C      sing N N 272 
GLY CA    HA2    sing N N 273 
GLY CA    HA3    sing N N 274 
GLY C     O      doub N N 275 
GLY C     OXT    sing N N 276 
GLY OXT   HXT    sing N N 277 
HIS N     CA     sing N N 278 
HIS N     H      sing N N 279 
HIS N     H2     sing N N 280 
HIS CA    C      sing N N 281 
HIS CA    CB     sing N N 282 
HIS CA    HA     sing N N 283 
HIS C     O      doub N N 284 
HIS C     OXT    sing N N 285 
HIS CB    CG     sing N N 286 
HIS CB    HB2    sing N N 287 
HIS CB    HB3    sing N N 288 
HIS CG    ND1    sing Y N 289 
HIS CG    CD2    doub Y N 290 
HIS ND1   CE1    doub Y N 291 
HIS ND1   HD1    sing N N 292 
HIS CD2   NE2    sing Y N 293 
HIS CD2   HD2    sing N N 294 
HIS CE1   NE2    sing Y N 295 
HIS CE1   HE1    sing N N 296 
HIS NE2   HE2    sing N N 297 
HIS OXT   HXT    sing N N 298 
ILE N     CA     sing N N 299 
ILE N     H      sing N N 300 
ILE N     H2     sing N N 301 
ILE CA    C      sing N N 302 
ILE CA    CB     sing N N 303 
ILE CA    HA     sing N N 304 
ILE C     O      doub N N 305 
ILE C     OXT    sing N N 306 
ILE CB    CG1    sing N N 307 
ILE CB    CG2    sing N N 308 
ILE CB    HB     sing N N 309 
ILE CG1   CD1    sing N N 310 
ILE CG1   HG12   sing N N 311 
ILE CG1   HG13   sing N N 312 
ILE CG2   HG21   sing N N 313 
ILE CG2   HG22   sing N N 314 
ILE CG2   HG23   sing N N 315 
ILE CD1   HD11   sing N N 316 
ILE CD1   HD12   sing N N 317 
ILE CD1   HD13   sing N N 318 
ILE OXT   HXT    sing N N 319 
LEU N     CA     sing N N 320 
LEU N     H      sing N N 321 
LEU N     H2     sing N N 322 
LEU CA    C      sing N N 323 
LEU CA    CB     sing N N 324 
LEU CA    HA     sing N N 325 
LEU C     O      doub N N 326 
LEU C     OXT    sing N N 327 
LEU CB    CG     sing N N 328 
LEU CB    HB2    sing N N 329 
LEU CB    HB3    sing N N 330 
LEU CG    CD1    sing N N 331 
LEU CG    CD2    sing N N 332 
LEU CG    HG     sing N N 333 
LEU CD1   HD11   sing N N 334 
LEU CD1   HD12   sing N N 335 
LEU CD1   HD13   sing N N 336 
LEU CD2   HD21   sing N N 337 
LEU CD2   HD22   sing N N 338 
LEU CD2   HD23   sing N N 339 
LEU OXT   HXT    sing N N 340 
LYS N     CA     sing N N 341 
LYS N     H      sing N N 342 
LYS N     H2     sing N N 343 
LYS CA    C      sing N N 344 
LYS CA    CB     sing N N 345 
LYS CA    HA     sing N N 346 
LYS C     O      doub N N 347 
LYS C     OXT    sing N N 348 
LYS CB    CG     sing N N 349 
LYS CB    HB2    sing N N 350 
LYS CB    HB3    sing N N 351 
LYS CG    CD     sing N N 352 
LYS CG    HG2    sing N N 353 
LYS CG    HG3    sing N N 354 
LYS CD    CE     sing N N 355 
LYS CD    HD2    sing N N 356 
LYS CD    HD3    sing N N 357 
LYS CE    NZ     sing N N 358 
LYS CE    HE2    sing N N 359 
LYS CE    HE3    sing N N 360 
LYS NZ    HZ1    sing N N 361 
LYS NZ    HZ2    sing N N 362 
LYS NZ    HZ3    sing N N 363 
LYS OXT   HXT    sing N N 364 
MET N     CA     sing N N 365 
MET N     H      sing N N 366 
MET N     H2     sing N N 367 
MET CA    C      sing N N 368 
MET CA    CB     sing N N 369 
MET CA    HA     sing N N 370 
MET C     O      doub N N 371 
MET C     OXT    sing N N 372 
MET CB    CG     sing N N 373 
MET CB    HB2    sing N N 374 
MET CB    HB3    sing N N 375 
MET CG    SD     sing N N 376 
MET CG    HG2    sing N N 377 
MET CG    HG3    sing N N 378 
MET SD    CE     sing N N 379 
MET CE    HE1    sing N N 380 
MET CE    HE2    sing N N 381 
MET CE    HE3    sing N N 382 
MET OXT   HXT    sing N N 383 
PHE N     CA     sing N N 384 
PHE N     H      sing N N 385 
PHE N     H2     sing N N 386 
PHE CA    C      sing N N 387 
PHE CA    CB     sing N N 388 
PHE CA    HA     sing N N 389 
PHE C     O      doub N N 390 
PHE C     OXT    sing N N 391 
PHE CB    CG     sing N N 392 
PHE CB    HB2    sing N N 393 
PHE CB    HB3    sing N N 394 
PHE CG    CD1    doub Y N 395 
PHE CG    CD2    sing Y N 396 
PHE CD1   CE1    sing Y N 397 
PHE CD1   HD1    sing N N 398 
PHE CD2   CE2    doub Y N 399 
PHE CD2   HD2    sing N N 400 
PHE CE1   CZ     doub Y N 401 
PHE CE1   HE1    sing N N 402 
PHE CE2   CZ     sing Y N 403 
PHE CE2   HE2    sing N N 404 
PHE CZ    HZ     sing N N 405 
PHE OXT   HXT    sing N N 406 
PRO N     CA     sing N N 407 
PRO N     CD     sing N N 408 
PRO N     H      sing N N 409 
PRO CA    C      sing N N 410 
PRO CA    CB     sing N N 411 
PRO CA    HA     sing N N 412 
PRO C     O      doub N N 413 
PRO C     OXT    sing N N 414 
PRO CB    CG     sing N N 415 
PRO CB    HB2    sing N N 416 
PRO CB    HB3    sing N N 417 
PRO CG    CD     sing N N 418 
PRO CG    HG2    sing N N 419 
PRO CG    HG3    sing N N 420 
PRO CD    HD2    sing N N 421 
PRO CD    HD3    sing N N 422 
PRO OXT   HXT    sing N N 423 
SER N     CA     sing N N 424 
SER N     H      sing N N 425 
SER N     H2     sing N N 426 
SER CA    C      sing N N 427 
SER CA    CB     sing N N 428 
SER CA    HA     sing N N 429 
SER C     O      doub N N 430 
SER C     OXT    sing N N 431 
SER CB    OG     sing N N 432 
SER CB    HB2    sing N N 433 
SER CB    HB3    sing N N 434 
SER OG    HG     sing N N 435 
SER OXT   HXT    sing N N 436 
THR N     CA     sing N N 437 
THR N     H      sing N N 438 
THR N     H2     sing N N 439 
THR CA    C      sing N N 440 
THR CA    CB     sing N N 441 
THR CA    HA     sing N N 442 
THR C     O      doub N N 443 
THR C     OXT    sing N N 444 
THR CB    OG1    sing N N 445 
THR CB    CG2    sing N N 446 
THR CB    HB     sing N N 447 
THR OG1   HG1    sing N N 448 
THR CG2   HG21   sing N N 449 
THR CG2   HG22   sing N N 450 
THR CG2   HG23   sing N N 451 
THR OXT   HXT    sing N N 452 
TRP N     CA     sing N N 453 
TRP N     H      sing N N 454 
TRP N     H2     sing N N 455 
TRP CA    C      sing N N 456 
TRP CA    CB     sing N N 457 
TRP CA    HA     sing N N 458 
TRP C     O      doub N N 459 
TRP C     OXT    sing N N 460 
TRP CB    CG     sing N N 461 
TRP CB    HB2    sing N N 462 
TRP CB    HB3    sing N N 463 
TRP CG    CD1    doub Y N 464 
TRP CG    CD2    sing Y N 465 
TRP CD1   NE1    sing Y N 466 
TRP CD1   HD1    sing N N 467 
TRP CD2   CE2    doub Y N 468 
TRP CD2   CE3    sing Y N 469 
TRP NE1   CE2    sing Y N 470 
TRP NE1   HE1    sing N N 471 
TRP CE2   CZ2    sing Y N 472 
TRP CE3   CZ3    doub Y N 473 
TRP CE3   HE3    sing N N 474 
TRP CZ2   CH2    doub Y N 475 
TRP CZ2   HZ2    sing N N 476 
TRP CZ3   CH2    sing Y N 477 
TRP CZ3   HZ3    sing N N 478 
TRP CH2   HH2    sing N N 479 
TRP OXT   HXT    sing N N 480 
TYR N     CA     sing N N 481 
TYR N     H      sing N N 482 
TYR N     H2     sing N N 483 
TYR CA    C      sing N N 484 
TYR CA    CB     sing N N 485 
TYR CA    HA     sing N N 486 
TYR C     O      doub N N 487 
TYR C     OXT    sing N N 488 
TYR CB    CG     sing N N 489 
TYR CB    HB2    sing N N 490 
TYR CB    HB3    sing N N 491 
TYR CG    CD1    doub Y N 492 
TYR CG    CD2    sing Y N 493 
TYR CD1   CE1    sing Y N 494 
TYR CD1   HD1    sing N N 495 
TYR CD2   CE2    doub Y N 496 
TYR CD2   HD2    sing N N 497 
TYR CE1   CZ     doub Y N 498 
TYR CE1   HE1    sing N N 499 
TYR CE2   CZ     sing Y N 500 
TYR CE2   HE2    sing N N 501 
TYR CZ    OH     sing N N 502 
TYR OH    HH     sing N N 503 
TYR OXT   HXT    sing N N 504 
VAL N     CA     sing N N 505 
VAL N     H      sing N N 506 
VAL N     H2     sing N N 507 
VAL CA    C      sing N N 508 
VAL CA    CB     sing N N 509 
VAL CA    HA     sing N N 510 
VAL C     O      doub N N 511 
VAL C     OXT    sing N N 512 
VAL CB    CG1    sing N N 513 
VAL CB    CG2    sing N N 514 
VAL CB    HB     sing N N 515 
VAL CG1   HG11   sing N N 516 
VAL CG1   HG12   sing N N 517 
VAL CG1   HG13   sing N N 518 
VAL CG2   HG21   sing N N 519 
VAL CG2   HG22   sing N N 520 
VAL CG2   HG23   sing N N 521 
VAL OXT   HXT    sing N N 522 
# 
_ndb_struct_conf_na.entry_id   7TDX 
_ndb_struct_conf_na.feature    'b-form double helix' 
# 
loop_
_ndb_struct_na_base_pair.model_number 
_ndb_struct_na_base_pair.i_label_asym_id 
_ndb_struct_na_base_pair.i_label_comp_id 
_ndb_struct_na_base_pair.i_label_seq_id 
_ndb_struct_na_base_pair.i_symmetry 
_ndb_struct_na_base_pair.j_label_asym_id 
_ndb_struct_na_base_pair.j_label_comp_id 
_ndb_struct_na_base_pair.j_label_seq_id 
_ndb_struct_na_base_pair.j_symmetry 
_ndb_struct_na_base_pair.shear 
_ndb_struct_na_base_pair.stretch 
_ndb_struct_na_base_pair.stagger 
_ndb_struct_na_base_pair.buckle 
_ndb_struct_na_base_pair.propeller 
_ndb_struct_na_base_pair.opening 
_ndb_struct_na_base_pair.pair_number 
_ndb_struct_na_base_pair.pair_name 
_ndb_struct_na_base_pair.i_auth_asym_id 
_ndb_struct_na_base_pair.i_auth_seq_id 
_ndb_struct_na_base_pair.i_PDB_ins_code 
_ndb_struct_na_base_pair.j_auth_asym_id 
_ndb_struct_na_base_pair.j_auth_seq_id 
_ndb_struct_na_base_pair.j_PDB_ins_code 
_ndb_struct_na_base_pair.hbond_type_28 
_ndb_struct_na_base_pair.hbond_type_12 
1 A DA 1  1_555 B DT 14 1_555 2.489  0.005  0.307  3.044  -16.846 7.782  1  B_DA1:DT14_C B 1  ? C 14 ? ?  1 
1 A DA 2  1_555 B DT 13 1_555 -0.305 -0.272 -0.195 2.618  -13.299 1.162  2  B_DA2:DT13_C B 2  ? C 13 ? 20 1 
1 A DA 3  1_555 B DT 12 1_555 -0.004 -0.299 0.149  8.632  -32.336 0.869  3  B_DA3:DT12_C B 3  ? C 12 ? 20 1 
1 A DT 4  1_555 B DA 11 1_555 0.241  -0.085 -0.293 8.346  -17.245 2.384  4  B_DT4:DA11_C B 4  ? C 11 ? 20 1 
1 A DT 5  1_555 B DA 10 1_555 -0.862 0.092  0.333  -3.557 -19.122 5.180  5  B_DT5:DA10_C B 5  ? C 10 ? 20 1 
1 A DT 6  1_555 B DA 9  1_555 -0.129 0.506  0.566  2.754  -17.455 6.330  6  B_DT6:DA9_C  B 6  ? C 9  ? ?  ? 
1 A DG 7  1_555 B DC 8  1_555 -0.268 0.639  -0.214 -7.909 -2.488  6.068  7  B_DG7:DC8_C  B 7  ? C 8  ? ?  1 
1 A DT 8  1_555 B DA 7  1_555 0.285  0.405  0.486  -1.990 -3.208  -4.917 8  B_DT8:DA7_C  B 8  ? C 7  ? 20 1 
1 A DT 9  1_555 B DA 6  1_555 -0.253 -0.219 -0.347 8.382  -8.983  -1.702 9  B_DT9:DA6_C  B 9  ? C 6  ? 20 1 
1 A DT 10 1_555 B DA 5  1_555 -0.615 0.108  0.216  5.974  -20.192 -0.295 10 B_DT10:DA5_C B 10 ? C 5  ? 20 1 
1 A DA 11 1_555 B DT 4  1_555 0.420  0.196  -0.170 -7.475 -4.578  2.619  11 B_DA11:DT4_C B 11 ? C 4  ? 20 1 
1 A DC 12 1_555 B DG 3  1_555 -0.057 0.192  -0.180 5.967  -10.363 -3.143 12 B_DC12:DG3_C B 12 ? C 3  ? 19 1 
1 A DT 13 1_555 B DA 2  1_555 -0.179 -0.049 -0.055 3.871  -10.808 5.502  13 B_DT13:DA2_C B 13 ? C 2  ? 20 1 
1 A DC 14 1_555 B DG 1  1_555 0.450  -0.164 -0.051 10.432 -5.682  -9.912 14 B_DC14:DG1_C B 14 ? C 1  ? 19 1 
# 
loop_
_ndb_struct_na_base_pair_step.model_number 
_ndb_struct_na_base_pair_step.i_label_asym_id_1 
_ndb_struct_na_base_pair_step.i_label_comp_id_1 
_ndb_struct_na_base_pair_step.i_label_seq_id_1 
_ndb_struct_na_base_pair_step.i_symmetry_1 
_ndb_struct_na_base_pair_step.j_label_asym_id_1 
_ndb_struct_na_base_pair_step.j_label_comp_id_1 
_ndb_struct_na_base_pair_step.j_label_seq_id_1 
_ndb_struct_na_base_pair_step.j_symmetry_1 
_ndb_struct_na_base_pair_step.i_label_asym_id_2 
_ndb_struct_na_base_pair_step.i_label_comp_id_2 
_ndb_struct_na_base_pair_step.i_label_seq_id_2 
_ndb_struct_na_base_pair_step.i_symmetry_2 
_ndb_struct_na_base_pair_step.j_label_asym_id_2 
_ndb_struct_na_base_pair_step.j_label_comp_id_2 
_ndb_struct_na_base_pair_step.j_label_seq_id_2 
_ndb_struct_na_base_pair_step.j_symmetry_2 
_ndb_struct_na_base_pair_step.shift 
_ndb_struct_na_base_pair_step.slide 
_ndb_struct_na_base_pair_step.rise 
_ndb_struct_na_base_pair_step.tilt 
_ndb_struct_na_base_pair_step.roll 
_ndb_struct_na_base_pair_step.twist 
_ndb_struct_na_base_pair_step.x_displacement 
_ndb_struct_na_base_pair_step.y_displacement 
_ndb_struct_na_base_pair_step.helical_rise 
_ndb_struct_na_base_pair_step.inclination 
_ndb_struct_na_base_pair_step.tip 
_ndb_struct_na_base_pair_step.helical_twist 
_ndb_struct_na_base_pair_step.step_number 
_ndb_struct_na_base_pair_step.step_name 
_ndb_struct_na_base_pair_step.i_auth_asym_id_1 
_ndb_struct_na_base_pair_step.i_auth_seq_id_1 
_ndb_struct_na_base_pair_step.i_PDB_ins_code_1 
_ndb_struct_na_base_pair_step.j_auth_asym_id_1 
_ndb_struct_na_base_pair_step.j_auth_seq_id_1 
_ndb_struct_na_base_pair_step.j_PDB_ins_code_1 
_ndb_struct_na_base_pair_step.i_auth_asym_id_2 
_ndb_struct_na_base_pair_step.i_auth_seq_id_2 
_ndb_struct_na_base_pair_step.i_PDB_ins_code_2 
_ndb_struct_na_base_pair_step.j_auth_asym_id_2 
_ndb_struct_na_base_pair_step.j_auth_seq_id_2 
_ndb_struct_na_base_pair_step.j_PDB_ins_code_2 
1 A DA 1  1_555 B DT 14 1_555 A DA 2  1_555 B DT 13 1_555 -0.413 -0.389 3.061 -0.849 -1.387 25.336 -0.508 0.710  3.089 -3.159 
1.933   25.388 1  BB_DA1DA2:DT13DT14_CC B 1  ? C 14 ? B 2  ? C 13 ? 
1 A DA 2  1_555 B DT 13 1_555 A DA 3  1_555 B DT 12 1_555 0.298  -0.191 3.353 -1.027 -5.590 37.842 0.430  -0.588 3.337 -8.559 
1.572   38.251 2  BB_DA2DA3:DT12DT13_CC B 2  ? C 13 ? B 3  ? C 12 ? 
1 A DA 3  1_555 B DT 12 1_555 A DT 4  1_555 B DA 11 1_555 0.490  -0.474 3.170 2.302  -0.711 33.267 -0.711 -0.480 3.205 -1.240 
-4.015  33.351 3  BB_DA3DT4:DA11DT12_CC B 3  ? C 12 ? B 4  ? C 11 ? 
1 A DT 4  1_555 B DA 11 1_555 A DT 5  1_555 B DA 10 1_555 0.343  -0.059 3.458 -0.286 -2.573 31.479 0.396  -0.687 3.449 -4.732 
0.527   31.582 4  BB_DT4DT5:DA10DA11_CC B 4  ? C 11 ? B 5  ? C 10 ? 
1 A DT 5  1_555 B DA 10 1_555 A DT 6  1_555 B DA 9  1_555 0.743  -0.248 2.998 -0.021 -5.381 44.779 0.121  -0.971 3.007 -7.033 
0.027   45.085 5  BB_DT5DT6:DA9DA10_CC  B 5  ? C 10 ? B 6  ? C 9  ? 
1 A DT 6  1_555 B DA 9  1_555 A DG 7  1_555 B DC 8  1_555 -0.114 -0.692 3.026 3.036  8.825  34.392 -2.286 0.583  2.751 14.594 
-5.021  35.599 6  BB_DT6DG7:DC8DA9_CC   B 6  ? C 9  ? B 7  ? C 8  ? 
1 A DG 7  1_555 B DC 8  1_555 A DT 8  1_555 B DA 7  1_555 -1.193 -1.224 3.268 -4.055 0.131  31.320 -2.275 1.425  3.386 0.242  
7.471   31.575 7  BB_DG7DT8:DA7DC8_CC   B 7  ? C 8  ? B 8  ? C 7  ? 
1 A DT 8  1_555 B DA 7  1_555 A DT 9  1_555 B DA 6  1_555 0.597  -0.563 2.993 7.043  -1.874 30.393 -0.711 0.149  3.079 -3.512 
-13.196 31.235 8  BB_DT8DT9:DA6DA7_CC   B 8  ? C 7  ? B 9  ? C 6  ? 
1 A DT 9  1_555 B DA 6  1_555 A DT 10 1_555 B DA 5  1_555 -0.201 -0.635 3.540 -2.561 3.935  28.633 -2.197 -0.203 3.429 7.889  
5.134   29.007 9  BB_DT9DT10:DA5DA6_CC  B 9  ? C 6  ? B 10 ? C 5  ? 
1 A DT 10 1_555 B DA 5  1_555 A DA 11 1_555 B DT 4  1_555 0.220  -0.143 3.637 0.204  7.383  34.548 -1.448 -0.330 3.534 12.259 
-0.339  35.305 10 BB_DT10DA11:DT4DA5_CC B 10 ? C 5  ? B 11 ? C 4  ? 
1 A DA 11 1_555 B DT 4  1_555 A DC 12 1_555 B DG 3  1_555 -0.472 -0.793 2.847 0.034  3.711  29.743 -2.189 0.918  2.729 7.194  
-0.066  29.968 11 BB_DA11DC12:DG3DT4_CC B 11 ? C 4  ? B 12 ? C 3  ? 
1 A DC 12 1_555 B DG 3  1_555 A DT 13 1_555 B DA 2  1_555 0.607  -0.175 3.519 4.452  3.269  31.029 -0.984 -0.217 3.533 6.050  
-8.241  31.505 12 BB_DC12DT13:DA2DG3_CC B 12 ? C 3  ? B 13 ? C 2  ? 
1 A DT 13 1_555 B DA 2  1_555 A DC 14 1_555 B DG 1  1_555 0.513  -0.042 3.114 2.575  3.174  38.084 -0.445 -0.473 3.127 4.848  
-3.932  38.295 13 BB_DT13DC14:DG1DA2_CC B 13 ? C 2  ? B 14 ? C 1  ? 
# 
_pdbx_audit_support.funding_organization   'Howard Hughes Medical Institute (HHMI)' 
_pdbx_audit_support.country                'United States' 
_pdbx_audit_support.grant_number           ? 
_pdbx_audit_support.ordinal                1 
# 
_pdbx_initial_refinement_model.id               1 
_pdbx_initial_refinement_model.entity_id_list   ? 
_pdbx_initial_refinement_model.type             'experimental model' 
_pdbx_initial_refinement_model.source_name      PDB 
_pdbx_initial_refinement_model.accession_code   6EL8 
_pdbx_initial_refinement_model.details          'PDB entry 6EL8' 
# 
_pdbx_struct_assembly_auth_evidence.id                     1 
_pdbx_struct_assembly_auth_evidence.assembly_id            1 
_pdbx_struct_assembly_auth_evidence.experimental_support   'gel filtration' 
_pdbx_struct_assembly_auth_evidence.details                . 
# 
_space_group.name_H-M_alt     'P 63 2 2' 
_space_group.name_Hall        'P 6c 2c' 
_space_group.IT_number        182 
_space_group.crystal_system   hexagonal 
_space_group.id               1 
# 
